data_6M60
#
_entry.id   6M60
#
_cell.length_a   105.590
_cell.length_b   105.590
_cell.length_c   305.040
_cell.angle_alpha   90.000
_cell.angle_beta   90.000
_cell.angle_gamma   90.000
#
_symmetry.space_group_name_H-M   'P 43 21 2'
#
loop_
_entity.id
_entity.type
_entity.pdbx_description
1 polymer 'GTP-binding nuclear protein Ran'
2 polymer 'Ran-specific GTPase-activating protein 1'
3 polymer Exportin-1
4 non-polymer 'MAGNESIUM ION'
5 non-polymer GLYCEROL
6 non-polymer 'NITRATE ION'
7 non-polymer "GUANOSINE-5'-TRIPHOSPHATE"
8 non-polymer 'CHLORIDE ION'
9 non-polymer 'DIMETHYL SULFOXIDE'
10 non-polymer (2~{R})-2-methyl-5-oxidanyl-2,3-dihydronaphthalene-1,4-dione
11 water water
#
loop_
_entity_poly.entity_id
_entity_poly.type
_entity_poly.pdbx_seq_one_letter_code
_entity_poly.pdbx_strand_id
1 'polypeptide(L)'
;MAAQGEPQVQFKLVLVGDGGTGKTTFVKRHLTGEFEKKYVATLGVEVHPLVFHTNRGPIKFNVWDTAGLEKFGGLRDGYY
IQAQCAIIMFDVTSRVTYKNVPNWHRDLVRVCENIPIVLCGNKVDIKDRKVKAKSIVFHRKKNLQYYDISAKSNYNFEKP
FLWLARKLIGDPNLEFVAMPAAAPPEVVMDPALAAQYEHDLEVAQTTALPDEDDDL
;
A
2 'polypeptide(L)'
;DIHFEPVVHLEKVDVKTMEEDEEVLYKVRAKLFRFDADAKEWKERGTGDCKFLKNKKTNKVRILMRRDKTLKICANHIIA
PEYTLKPNVGSDRSWVYACTADIAEGEAEAFTFAIRFGSKENADKFKEEFEKAQEINKKA
;
B
3 'polypeptide(L)'
;GGSMEGILDFSNDLDIALLDQVVSTFYQGEGVQQKQAQEILTKFQDNPDAWEKADQILQFSTNPQSKFIALSILDKLITR
KWKLLPNDHRIGIRNFVVGMIISMCQDDEVFKTQKNLINKSDLTLVQILKQEWPQNWPEFIPELIGSSSSSVNVCENNMI
VLKLLSEEVFDFSAEQMTQAKALHLKNSMSKEFEQIFKLCFQVLEQGSSSSLIVATLESLLRYLHWIPYRYIYETNILEL
LSTKFMTSPDTRAITLKCLTEVSNLKIPQDNDLIKRQTVLFFQNTLQQIATSVMPVTADLKATYANANGNDQSFLQDLAM
FLTTYLARNRALLESDESLRELLLNAHQYLIQLSKIEERELFKTTLDYWHNLVADLFYEPLKKHIYEEICSQLRLVIIEN
MVRPEEIQLYKSEREVLVYLTHLNVIDTEEIMISKLARQIDGSEWSWHNINTLSWAIGSISGTMSEKTEKRFVVTVIKDL
LGLCEQKRGKDNKAVVARDIMYVVGEYPRFLKAHWNFLRTVILKLFEFMHETHEGVQDMACDTFIKIVQKCKYHFVIQQP
RESEPFIQTIIRDIQKTTADLQPQQVHTFYKACGIIISEERSVAERNRLLSDLMQLPNMAWDTIVEQSTANPTLLLDSET
VKIIANIIKTNVAVCTSMGADFYPQLGHIYYNMLQLYRAVSSMISTQVAAEGLIATKTPKVRGLRTIKKEILKLVETYIS
KARNLDDVVKVLVEPLLNAVLEDYMNNVPDARDAEVLNCMTTVVEKVGHMIPQGVILILQSVFECTLDMINKDFTEYPEH
RVEFYKLLKVINEKSFAAFLELPPAAFKLFVDAICWAFKHNNRDVEVNGLQIALDLVKNIERMGNVPFANEFHKNYFFIF
VSETFFVLTDSDHKSGFSKQALLLMKLISLVYDNKISVPLYQEAEVPQGTSNQVYLSQYLANMLSNAFPHLTSEQIASFL
SALTKQCKDLVVFKGTLRDFLVQIKEVGGDPTDYLFAEDKENA
;
C
#
loop_
_chem_comp.id
_chem_comp.type
_chem_comp.name
_chem_comp.formula
CL non-polymer 'CHLORIDE ION' 'Cl -1'
DMS non-polymer 'DIMETHYL SULFOXIDE' 'C2 H6 O S'
F2X non-polymer (2~{R})-2-methyl-5-oxidanyl-2,3-dihydronaphthalene-1,4-dione 'C11 H10 O3'
GOL non-polymer GLYCEROL 'C3 H8 O3'
GTP non-polymer GUANOSINE-5'-TRIPHOSPHATE 'C10 H16 N5 O14 P3'
MG non-polymer 'MAGNESIUM ION' 'Mg 2'
NO3 non-polymer 'NITRATE ION' 'N O3 -1'
#
# COMPACT_ATOMS: atom_id res chain seq x y z
N VAL A 9 0.13 -20.76 -25.55
CA VAL A 9 -0.60 -20.76 -24.25
C VAL A 9 -0.73 -19.32 -23.72
N GLN A 10 -1.83 -18.63 -24.05
CA GLN A 10 -2.03 -17.20 -23.67
C GLN A 10 -3.33 -17.00 -22.90
N PHE A 11 -3.33 -16.14 -21.90
CA PHE A 11 -4.49 -15.86 -21.04
C PHE A 11 -4.73 -14.36 -20.95
N LYS A 12 -5.98 -13.95 -21.04
CA LYS A 12 -6.40 -12.55 -20.84
C LYS A 12 -6.41 -12.26 -19.34
N LEU A 13 -5.58 -11.29 -18.93
CA LEU A 13 -5.47 -10.82 -17.52
C LEU A 13 -6.00 -9.38 -17.49
N VAL A 14 -6.96 -9.11 -16.63
CA VAL A 14 -7.52 -7.76 -16.45
C VAL A 14 -6.92 -7.20 -15.16
N LEU A 15 -6.41 -5.99 -15.23
CA LEU A 15 -5.79 -5.28 -14.10
C LEU A 15 -6.71 -4.10 -13.80
N VAL A 16 -7.31 -4.09 -12.62
CA VAL A 16 -8.27 -3.04 -12.19
C VAL A 16 -7.89 -2.50 -10.82
N GLY A 17 -8.40 -1.30 -10.50
CA GLY A 17 -8.11 -0.58 -9.25
C GLY A 17 -8.13 0.94 -9.47
N ASP A 18 -8.14 1.68 -8.37
CA ASP A 18 -8.28 3.16 -8.37
C ASP A 18 -7.11 3.77 -9.16
N GLY A 19 -7.34 4.97 -9.70
CA GLY A 19 -6.27 5.76 -10.35
C GLY A 19 -5.10 5.95 -9.39
N GLY A 20 -3.90 5.87 -9.91
CA GLY A 20 -2.66 6.17 -9.18
C GLY A 20 -2.22 5.06 -8.26
N THR A 21 -2.83 3.87 -8.32
CA THR A 21 -2.44 2.72 -7.44
C THR A 21 -1.17 2.02 -7.95
N GLY A 22 -0.79 2.22 -9.22
CA GLY A 22 0.43 1.59 -9.74
C GLY A 22 0.21 0.49 -10.76
N LYS A 23 -0.96 0.40 -11.38
CA LYS A 23 -1.26 -0.66 -12.37
C LYS A 23 -0.31 -0.55 -13.57
N THR A 24 -0.26 0.61 -14.20
CA THR A 24 0.55 0.79 -15.42
C THR A 24 2.03 0.63 -15.05
N THR A 25 2.44 1.21 -13.92
CA THR A 25 3.84 1.15 -13.43
C THR A 25 4.23 -0.32 -13.22
N PHE A 26 3.36 -1.13 -12.63
CA PHE A 26 3.66 -2.57 -12.33
C PHE A 26 3.87 -3.31 -13.67
N VAL A 27 2.95 -3.13 -14.61
CA VAL A 27 3.01 -3.82 -15.93
C VAL A 27 4.30 -3.40 -16.67
N LYS A 28 4.60 -2.10 -16.73
CA LYS A 28 5.81 -1.57 -17.41
C LYS A 28 7.05 -2.17 -16.78
N ARG A 29 7.14 -2.21 -15.46
CA ARG A 29 8.29 -2.86 -14.79
C ARG A 29 8.43 -4.29 -15.33
N HIS A 30 7.33 -5.01 -15.47
CA HIS A 30 7.33 -6.40 -16.00
C HIS A 30 7.67 -6.44 -17.49
N LEU A 31 7.22 -5.47 -18.30
CA LEU A 31 7.42 -5.46 -19.77
C LEU A 31 8.87 -5.13 -20.13
N THR A 32 9.44 -4.06 -19.57
CA THR A 32 10.72 -3.42 -20.02
C THR A 32 11.77 -3.44 -18.89
N GLY A 33 11.35 -3.51 -17.63
CA GLY A 33 12.21 -3.47 -16.44
C GLY A 33 12.32 -2.08 -15.83
N GLU A 34 11.69 -1.08 -16.45
CA GLU A 34 11.79 0.34 -16.07
C GLU A 34 10.83 0.67 -14.91
N PHE A 35 11.17 1.69 -14.13
CA PHE A 35 10.27 2.29 -13.12
C PHE A 35 9.85 3.66 -13.62
N GLU A 36 8.63 3.78 -14.12
CA GLU A 36 8.05 5.08 -14.55
C GLU A 36 7.66 5.85 -13.28
N LYS A 37 8.32 6.98 -13.00
CA LYS A 37 8.07 7.85 -11.82
C LYS A 37 6.85 8.75 -12.05
N LYS A 38 6.52 9.10 -13.29
CA LYS A 38 5.46 10.10 -13.57
C LYS A 38 4.11 9.38 -13.62
N TYR A 39 3.07 10.10 -13.22
CA TYR A 39 1.68 9.61 -13.26
C TYR A 39 1.03 10.13 -14.53
N VAL A 40 0.94 9.30 -15.57
CA VAL A 40 0.13 9.59 -16.79
C VAL A 40 -1.05 8.62 -16.72
N ALA A 41 -2.23 9.14 -16.39
CA ALA A 41 -3.47 8.33 -16.19
C ALA A 41 -3.80 7.56 -17.49
N THR A 42 -4.08 6.27 -17.37
CA THR A 42 -4.42 5.38 -18.51
C THR A 42 -5.78 5.87 -19.04
N LEU A 43 -5.93 5.91 -20.36
CA LEU A 43 -7.17 6.28 -21.08
C LEU A 43 -7.88 5.00 -21.54
N GLY A 44 -8.91 4.58 -20.81
CA GLY A 44 -9.66 3.33 -21.11
C GLY A 44 -8.84 2.12 -20.73
N VAL A 45 -8.02 1.63 -21.66
CA VAL A 45 -7.24 0.38 -21.44
C VAL A 45 -5.99 0.42 -22.33
N GLU A 46 -4.88 -0.11 -21.82
CA GLU A 46 -3.67 -0.43 -22.60
C GLU A 46 -3.53 -1.95 -22.57
N VAL A 47 -3.34 -2.57 -23.72
CA VAL A 47 -3.19 -4.05 -23.83
C VAL A 47 -1.73 -4.34 -24.13
N HIS A 48 -1.09 -5.23 -23.37
CA HIS A 48 0.32 -5.60 -23.61
C HIS A 48 0.51 -7.09 -23.42
N PRO A 49 1.14 -7.78 -24.38
CA PRO A 49 1.50 -9.17 -24.20
C PRO A 49 2.69 -9.22 -23.22
N LEU A 50 2.59 -10.11 -22.24
CA LEU A 50 3.65 -10.38 -21.23
C LEU A 50 3.91 -11.89 -21.20
N VAL A 51 5.14 -12.32 -21.46
CA VAL A 51 5.51 -13.76 -21.53
C VAL A 51 6.42 -14.09 -20.35
N PHE A 52 6.17 -15.20 -19.66
CA PHE A 52 7.09 -15.79 -18.67
C PHE A 52 7.51 -17.17 -19.17
N HIS A 53 8.74 -17.56 -18.84
CA HIS A 53 9.31 -18.90 -19.09
C HIS A 53 9.20 -19.73 -17.80
N THR A 54 8.54 -20.87 -17.88
CA THR A 54 8.27 -21.78 -16.74
C THR A 54 8.89 -23.15 -17.04
N ASN A 55 9.05 -23.99 -16.01
CA ASN A 55 9.45 -25.41 -16.16
C ASN A 55 8.44 -26.15 -17.04
N ARG A 56 7.23 -25.60 -17.18
CA ARG A 56 6.11 -26.18 -18.00
C ARG A 56 5.99 -25.44 -19.34
N GLY A 57 6.99 -24.63 -19.72
CA GLY A 57 7.01 -23.91 -21.01
C GLY A 57 6.58 -22.45 -20.87
N PRO A 58 6.58 -21.67 -21.97
CA PRO A 58 6.28 -20.25 -21.89
C PRO A 58 4.79 -20.05 -21.64
N ILE A 59 4.45 -19.07 -20.80
CA ILE A 59 3.04 -18.65 -20.57
C ILE A 59 2.95 -17.18 -20.95
N LYS A 60 1.91 -16.84 -21.71
CA LYS A 60 1.67 -15.47 -22.21
C LYS A 60 0.41 -14.92 -21.54
N PHE A 61 0.53 -13.75 -20.91
CA PHE A 61 -0.60 -12.95 -20.39
C PHE A 61 -0.89 -11.83 -21.38
N ASN A 62 -2.10 -11.74 -21.90
CA ASN A 62 -2.56 -10.54 -22.65
C ASN A 62 -3.10 -9.61 -21.59
N VAL A 63 -2.28 -8.67 -21.14
CA VAL A 63 -2.60 -7.84 -19.95
C VAL A 63 -3.42 -6.65 -20.42
N TRP A 64 -4.66 -6.57 -19.93
CA TRP A 64 -5.60 -5.45 -20.12
C TRP A 64 -5.48 -4.54 -18.90
N ASP A 65 -4.58 -3.56 -18.99
CA ASP A 65 -4.32 -2.54 -17.94
C ASP A 65 -5.40 -1.46 -18.07
N THR A 66 -6.39 -1.46 -17.17
CA THR A 66 -7.57 -0.56 -17.30
C THR A 66 -7.36 0.75 -16.54
N ALA A 67 -8.10 1.77 -16.94
CA ALA A 67 -8.17 3.11 -16.31
C ALA A 67 -8.93 3.00 -14.98
N GLY A 68 -8.34 3.59 -13.92
CA GLY A 68 -8.91 3.68 -12.58
C GLY A 68 -9.77 4.92 -12.39
N LEU A 69 -9.48 6.02 -13.09
CA LEU A 69 -10.21 7.30 -12.92
C LEU A 69 -11.55 7.22 -13.67
N GLU A 70 -12.66 7.52 -13.00
CA GLU A 70 -14.02 7.50 -13.59
C GLU A 70 -14.01 8.26 -14.91
N LYS A 71 -13.35 9.42 -14.99
CA LYS A 71 -13.42 10.28 -16.19
C LYS A 71 -12.67 9.62 -17.36
N PHE A 72 -11.75 8.68 -17.11
CA PHE A 72 -11.00 8.01 -18.20
C PHE A 72 -11.39 6.53 -18.32
N GLY A 73 -12.55 6.16 -17.76
CA GLY A 73 -12.98 4.76 -17.55
C GLY A 73 -13.24 3.99 -18.85
N GLY A 74 -13.55 4.68 -19.95
CA GLY A 74 -13.88 4.09 -21.26
C GLY A 74 -15.00 3.06 -21.15
N LEU A 75 -14.74 1.81 -21.56
CA LEU A 75 -15.78 0.75 -21.68
C LEU A 75 -16.02 0.10 -20.33
N ARG A 76 -15.20 0.40 -19.31
CA ARG A 76 -15.38 -0.06 -17.90
C ARG A 76 -15.43 -1.60 -17.90
N ASP A 77 -16.55 -2.21 -17.49
CA ASP A 77 -16.69 -3.68 -17.34
C ASP A 77 -16.68 -4.35 -18.73
N GLY A 78 -16.88 -3.57 -19.80
CA GLY A 78 -16.64 -3.96 -21.21
C GLY A 78 -15.26 -4.57 -21.40
N TYR A 79 -14.25 -4.14 -20.63
CA TYR A 79 -12.87 -4.69 -20.72
C TYR A 79 -12.77 -6.07 -20.07
N TYR A 80 -13.75 -6.50 -19.29
CA TYR A 80 -13.58 -7.69 -18.45
C TYR A 80 -14.01 -8.95 -19.22
N ILE A 81 -14.80 -8.78 -20.28
CA ILE A 81 -15.36 -9.91 -21.10
C ILE A 81 -14.22 -10.87 -21.47
N GLN A 82 -14.39 -12.16 -21.13
CA GLN A 82 -13.48 -13.28 -21.50
C GLN A 82 -12.13 -13.13 -20.80
N ALA A 83 -12.05 -12.35 -19.72
CA ALA A 83 -10.88 -12.41 -18.80
C ALA A 83 -10.79 -13.82 -18.21
N GLN A 84 -9.59 -14.38 -18.17
CA GLN A 84 -9.30 -15.69 -17.54
C GLN A 84 -8.67 -15.46 -16.16
N CYS A 85 -8.30 -14.22 -15.83
CA CYS A 85 -7.68 -13.92 -14.51
C CYS A 85 -7.62 -12.41 -14.32
N ALA A 86 -7.40 -11.96 -13.09
CA ALA A 86 -7.46 -10.53 -12.78
C ALA A 86 -6.54 -10.20 -11.62
N ILE A 87 -6.07 -8.96 -11.62
CA ILE A 87 -5.39 -8.35 -10.45
C ILE A 87 -6.22 -7.14 -10.05
N ILE A 88 -6.63 -7.08 -8.78
CA ILE A 88 -7.20 -5.84 -8.21
C ILE A 88 -6.06 -5.18 -7.41
N MET A 89 -5.80 -3.93 -7.70
CA MET A 89 -4.67 -3.17 -7.16
C MET A 89 -5.23 -2.09 -6.24
N PHE A 90 -4.64 -1.95 -5.06
CA PHE A 90 -4.82 -0.71 -4.28
C PHE A 90 -3.44 -0.24 -3.84
N ASP A 91 -3.43 0.89 -3.18
CA ASP A 91 -2.23 1.62 -2.70
C ASP A 91 -2.30 1.60 -1.17
N VAL A 92 -1.34 0.97 -0.50
CA VAL A 92 -1.38 0.82 0.99
C VAL A 92 -1.13 2.19 1.62
N THR A 93 -0.79 3.21 0.83
CA THR A 93 -0.66 4.60 1.36
C THR A 93 -1.96 5.38 1.16
N SER A 94 -3.05 4.79 0.67
CA SER A 94 -4.31 5.54 0.42
C SER A 94 -5.53 4.67 0.78
N ARG A 95 -6.15 4.98 1.90
CA ARG A 95 -7.27 4.22 2.50
C ARG A 95 -8.43 4.12 1.52
N VAL A 96 -8.73 5.19 0.81
CA VAL A 96 -9.85 5.23 -0.16
C VAL A 96 -9.65 4.13 -1.22
N THR A 97 -8.44 3.83 -1.61
CA THR A 97 -8.16 2.84 -2.67
C THR A 97 -8.51 1.44 -2.13
N TYR A 98 -8.30 1.19 -0.85
CA TYR A 98 -8.72 -0.11 -0.26
C TYR A 98 -10.23 -0.11 -0.08
N LYS A 99 -10.81 0.98 0.37
CA LYS A 99 -12.27 1.10 0.51
C LYS A 99 -12.95 0.74 -0.82
N ASN A 100 -12.32 1.03 -1.96
CA ASN A 100 -12.91 0.84 -3.32
C ASN A 100 -12.72 -0.60 -3.83
N VAL A 101 -11.85 -1.38 -3.22
CA VAL A 101 -11.55 -2.80 -3.66
C VAL A 101 -12.88 -3.56 -3.81
N PRO A 102 -13.83 -3.51 -2.87
CA PRO A 102 -15.10 -4.22 -3.05
C PRO A 102 -15.89 -3.79 -4.28
N ASN A 103 -15.76 -2.53 -4.69
CA ASN A 103 -16.46 -1.97 -5.88
C ASN A 103 -15.86 -2.56 -7.15
N TRP A 104 -14.53 -2.54 -7.26
CA TRP A 104 -13.84 -3.17 -8.40
C TRP A 104 -14.14 -4.67 -8.40
N HIS A 105 -14.09 -5.34 -7.25
CA HIS A 105 -14.32 -6.80 -7.18
C HIS A 105 -15.71 -7.10 -7.73
N ARG A 106 -16.72 -6.38 -7.24
CA ARG A 106 -18.13 -6.48 -7.66
C ARG A 106 -18.24 -6.43 -9.18
N ASP A 107 -17.73 -5.36 -9.78
CA ASP A 107 -17.85 -5.09 -11.24
C ASP A 107 -17.18 -6.23 -12.02
N LEU A 108 -16.05 -6.70 -11.52
CA LEU A 108 -15.25 -7.77 -12.14
C LEU A 108 -16.03 -9.09 -12.11
N VAL A 109 -16.55 -9.53 -10.95
CA VAL A 109 -17.10 -10.90 -10.81
C VAL A 109 -18.46 -10.98 -11.47
N ARG A 110 -19.16 -9.85 -11.60
CA ARG A 110 -20.46 -9.83 -12.28
C ARG A 110 -20.29 -10.25 -13.75
N VAL A 111 -19.09 -10.06 -14.31
CA VAL A 111 -18.73 -10.40 -15.72
C VAL A 111 -17.94 -11.73 -15.77
N CYS A 112 -17.09 -12.00 -14.77
CA CYS A 112 -16.14 -13.13 -14.69
C CYS A 112 -16.32 -13.87 -13.38
N GLU A 113 -17.22 -14.84 -13.32
CA GLU A 113 -17.71 -15.40 -12.03
C GLU A 113 -16.66 -16.34 -11.41
N ASN A 114 -15.88 -17.07 -12.20
CA ASN A 114 -15.07 -18.19 -11.68
C ASN A 114 -13.63 -18.09 -12.20
N ILE A 115 -12.95 -17.00 -11.89
CA ILE A 115 -11.58 -16.75 -12.40
C ILE A 115 -10.68 -16.50 -11.19
N PRO A 116 -9.41 -16.93 -11.26
CA PRO A 116 -8.46 -16.62 -10.20
C PRO A 116 -8.15 -15.12 -10.23
N ILE A 117 -8.16 -14.53 -9.04
CA ILE A 117 -7.99 -13.07 -8.83
C ILE A 117 -7.02 -12.89 -7.69
N VAL A 118 -6.04 -12.00 -7.91
CA VAL A 118 -5.03 -11.63 -6.91
C VAL A 118 -5.37 -10.22 -6.50
N LEU A 119 -5.40 -9.96 -5.20
CA LEU A 119 -5.51 -8.61 -4.65
C LEU A 119 -4.10 -8.19 -4.26
N CYS A 120 -3.71 -7.01 -4.71
CA CYS A 120 -2.32 -6.49 -4.53
C CYS A 120 -2.37 -5.13 -3.84
N GLY A 121 -1.73 -5.04 -2.68
CA GLY A 121 -1.48 -3.76 -2.00
C GLY A 121 -0.13 -3.25 -2.41
N ASN A 122 -0.11 -2.28 -3.31
CA ASN A 122 1.13 -1.69 -3.89
C ASN A 122 1.67 -0.60 -2.95
N LYS A 123 2.95 -0.27 -3.11
CA LYS A 123 3.67 0.89 -2.53
C LYS A 123 4.01 0.59 -1.06
N VAL A 124 4.32 -0.67 -0.74
CA VAL A 124 4.78 -1.06 0.61
C VAL A 124 6.21 -0.56 0.85
N ASP A 125 6.93 -0.07 -0.16
CA ASP A 125 8.24 0.65 0.03
C ASP A 125 8.07 1.96 0.81
N ILE A 126 6.89 2.60 0.79
CA ILE A 126 6.67 3.91 1.47
C ILE A 126 6.53 3.65 2.99
N LYS A 127 7.27 4.40 3.80
CA LYS A 127 7.43 4.18 5.26
C LYS A 127 6.11 4.45 6.00
N ASP A 128 5.40 5.51 5.59
CA ASP A 128 4.10 5.91 6.18
C ASP A 128 2.96 5.12 5.49
N ARG A 129 2.80 3.85 5.87
CA ARG A 129 1.75 2.95 5.34
C ARG A 129 0.41 3.35 5.96
N LYS A 130 -0.67 3.48 5.19
CA LYS A 130 -1.97 3.95 5.76
C LYS A 130 -2.95 2.79 5.91
N VAL A 131 -2.90 1.80 5.02
CA VAL A 131 -3.76 0.59 5.12
C VAL A 131 -2.92 -0.51 5.75
N LYS A 132 -3.08 -0.70 7.05
CA LYS A 132 -2.29 -1.67 7.87
C LYS A 132 -2.70 -3.11 7.53
N ALA A 133 -1.76 -4.03 7.69
CA ALA A 133 -1.93 -5.49 7.52
C ALA A 133 -3.23 -5.93 8.18
N LYS A 134 -3.43 -5.58 9.43
CA LYS A 134 -4.62 -5.94 10.22
C LYS A 134 -5.91 -5.64 9.44
N SER A 135 -5.97 -4.55 8.67
CA SER A 135 -7.18 -4.06 7.97
C SER A 135 -7.49 -4.88 6.72
N ILE A 136 -6.51 -5.54 6.11
CA ILE A 136 -6.67 -6.15 4.77
C ILE A 136 -7.23 -7.57 4.95
N VAL A 137 -8.57 -7.67 4.92
CA VAL A 137 -9.30 -8.96 5.16
C VAL A 137 -10.27 -9.25 3.99
N PHE A 138 -10.42 -8.35 3.03
CA PHE A 138 -11.46 -8.45 1.98
C PHE A 138 -11.29 -9.76 1.19
N HIS A 139 -10.04 -10.14 0.92
CA HIS A 139 -9.72 -11.35 0.13
C HIS A 139 -10.25 -12.63 0.79
N ARG A 140 -10.45 -12.67 2.10
CA ARG A 140 -10.66 -13.98 2.79
C ARG A 140 -11.97 -14.61 2.28
N LYS A 141 -13.08 -13.91 2.45
CA LYS A 141 -14.39 -14.49 2.06
C LYS A 141 -14.54 -14.50 0.55
N LYS A 142 -13.71 -13.77 -0.21
CA LYS A 142 -13.83 -13.78 -1.69
C LYS A 142 -12.84 -14.73 -2.34
N ASN A 143 -12.04 -15.48 -1.56
CA ASN A 143 -11.07 -16.47 -2.12
C ASN A 143 -10.13 -15.76 -3.09
N LEU A 144 -9.75 -14.54 -2.79
CA LEU A 144 -8.66 -13.86 -3.54
C LEU A 144 -7.33 -14.22 -2.90
N GLN A 145 -6.30 -14.43 -3.71
CA GLN A 145 -4.90 -14.36 -3.21
C GLN A 145 -4.62 -12.89 -2.87
N TYR A 146 -3.75 -12.66 -1.91
CA TYR A 146 -3.30 -11.31 -1.50
C TYR A 146 -1.77 -11.28 -1.46
N TYR A 147 -1.19 -10.21 -2.00
CA TYR A 147 0.25 -9.89 -1.79
C TYR A 147 0.44 -8.40 -1.55
N ASP A 148 1.22 -8.07 -0.53
CA ASP A 148 1.95 -6.78 -0.42
C ASP A 148 2.89 -6.74 -1.64
N ILE A 149 2.83 -5.68 -2.44
CA ILE A 149 3.88 -5.52 -3.49
C ILE A 149 4.43 -4.09 -3.47
N SER A 150 5.60 -3.94 -4.07
CA SER A 150 6.15 -2.63 -4.52
C SER A 150 6.72 -2.77 -5.93
N ALA A 151 6.07 -2.12 -6.89
CA ALA A 151 6.59 -1.91 -8.25
C ALA A 151 7.93 -1.16 -8.17
N LYS A 152 8.17 -0.38 -7.13
CA LYS A 152 9.38 0.45 -7.03
C LYS A 152 10.55 -0.34 -6.47
N SER A 153 10.40 -1.06 -5.34
CA SER A 153 11.47 -1.89 -4.74
C SER A 153 11.46 -3.31 -5.34
N ASN A 154 10.42 -3.67 -6.10
CA ASN A 154 10.25 -5.03 -6.68
C ASN A 154 9.88 -6.05 -5.61
N TYR A 155 9.55 -5.63 -4.40
CA TYR A 155 9.01 -6.53 -3.34
C TYR A 155 7.85 -7.32 -3.93
N ASN A 156 7.93 -8.67 -3.93
CA ASN A 156 6.84 -9.61 -4.35
C ASN A 156 6.36 -9.30 -5.76
N PHE A 157 7.11 -8.60 -6.60
CA PHE A 157 6.56 -8.15 -7.91
C PHE A 157 6.30 -9.33 -8.87
N GLU A 158 6.90 -10.51 -8.68
CA GLU A 158 6.68 -11.69 -9.55
C GLU A 158 5.50 -12.54 -9.03
N LYS A 159 5.17 -12.40 -7.74
CA LYS A 159 4.20 -13.26 -7.03
C LYS A 159 2.84 -13.26 -7.71
N PRO A 160 2.23 -12.11 -8.09
CA PRO A 160 0.90 -12.15 -8.68
C PRO A 160 0.85 -13.02 -9.95
N PHE A 161 1.89 -12.95 -10.79
CA PHE A 161 1.93 -13.72 -12.05
C PHE A 161 2.23 -15.19 -11.76
N LEU A 162 3.12 -15.48 -10.83
CA LEU A 162 3.50 -16.88 -10.54
C LEU A 162 2.25 -17.58 -9.99
N TRP A 163 1.50 -16.89 -9.14
CA TRP A 163 0.28 -17.48 -8.55
C TRP A 163 -0.74 -17.72 -9.66
N LEU A 164 -0.99 -16.73 -10.51
CA LEU A 164 -2.04 -16.86 -11.55
C LEU A 164 -1.64 -17.99 -12.51
N ALA A 165 -0.35 -18.09 -12.82
CA ALA A 165 0.17 -19.10 -13.75
C ALA A 165 -0.09 -20.52 -13.19
N ARG A 166 0.15 -20.69 -11.88
CA ARG A 166 -0.09 -21.96 -11.16
C ARG A 166 -1.58 -22.33 -11.26
N LYS A 167 -2.46 -21.36 -11.05
CA LYS A 167 -3.93 -21.56 -11.15
C LYS A 167 -4.35 -21.86 -12.61
N LEU A 168 -3.81 -21.16 -13.60
CA LEU A 168 -4.28 -21.26 -15.01
C LEU A 168 -3.76 -22.51 -15.67
N ILE A 169 -2.52 -22.91 -15.40
CA ILE A 169 -1.88 -24.14 -15.90
C ILE A 169 -2.36 -25.34 -15.08
N GLY A 170 -2.82 -25.12 -13.85
CA GLY A 170 -3.28 -26.20 -12.95
C GLY A 170 -2.12 -27.05 -12.48
N ASP A 171 -0.96 -26.42 -12.24
CA ASP A 171 0.25 -27.07 -11.67
C ASP A 171 0.76 -26.23 -10.49
N PRO A 172 0.57 -26.69 -9.24
CA PRO A 172 1.00 -25.93 -8.07
C PRO A 172 2.52 -25.79 -7.94
N ASN A 173 3.32 -26.67 -8.57
CA ASN A 173 4.81 -26.65 -8.54
C ASN A 173 5.43 -25.88 -9.73
N LEU A 174 4.63 -25.11 -10.46
CA LEU A 174 5.13 -24.35 -11.64
C LEU A 174 6.11 -23.31 -11.10
N GLU A 175 7.28 -23.18 -11.73
CA GLU A 175 8.34 -22.21 -11.33
C GLU A 175 8.68 -21.36 -12.55
N PHE A 176 9.06 -20.10 -12.33
CA PHE A 176 9.75 -19.28 -13.36
C PHE A 176 11.16 -19.86 -13.52
N VAL A 177 11.63 -19.99 -14.75
CA VAL A 177 12.98 -20.53 -15.02
C VAL A 177 13.74 -19.54 -15.92
N ALA A 178 15.05 -19.65 -15.91
CA ALA A 178 15.94 -18.85 -16.78
C ALA A 178 15.73 -19.29 -18.23
N MET A 179 15.21 -18.39 -19.07
CA MET A 179 15.21 -18.46 -20.57
C MET A 179 16.62 -18.80 -21.07
N PRO A 180 16.86 -19.84 -21.89
CA PRO A 180 18.22 -20.18 -22.33
C PRO A 180 18.78 -19.03 -23.19
N ALA A 181 20.06 -18.68 -23.02
CA ALA A 181 20.63 -17.38 -23.48
C ALA A 181 21.51 -17.62 -24.71
N ALA A 182 21.02 -17.25 -25.89
CA ALA A 182 21.69 -17.44 -27.20
C ALA A 182 23.03 -16.71 -27.21
N ALA A 183 24.05 -17.26 -27.88
CA ALA A 183 25.38 -16.64 -28.04
C ALA A 183 25.22 -15.32 -28.79
N PRO A 184 25.73 -14.19 -28.24
CA PRO A 184 25.49 -12.88 -28.84
C PRO A 184 26.40 -12.67 -30.05
N PRO A 185 25.96 -11.98 -31.12
CA PRO A 185 26.77 -11.81 -32.32
C PRO A 185 28.00 -10.95 -32.08
N GLU A 186 29.10 -11.27 -32.75
CA GLU A 186 30.29 -10.38 -32.89
C GLU A 186 29.98 -9.40 -34.02
N VAL A 187 30.06 -8.10 -33.77
CA VAL A 187 29.92 -7.05 -34.83
C VAL A 187 31.08 -6.07 -34.70
N VAL A 188 31.39 -5.35 -35.78
CA VAL A 188 32.39 -4.25 -35.80
C VAL A 188 31.63 -2.93 -35.99
N MET A 189 31.91 -1.95 -35.13
CA MET A 189 31.29 -0.59 -35.14
C MET A 189 31.59 0.05 -36.51
N ASP A 190 30.54 0.58 -37.16
CA ASP A 190 30.59 1.13 -38.54
C ASP A 190 31.35 2.46 -38.53
N PRO A 191 32.36 2.67 -39.42
CA PRO A 191 33.10 3.93 -39.45
C PRO A 191 32.20 5.12 -39.79
N ALA A 192 31.19 4.92 -40.64
CA ALA A 192 30.16 5.92 -41.02
C ALA A 192 29.39 6.40 -39.78
N LEU A 193 28.94 5.51 -38.88
CA LEU A 193 28.11 5.89 -37.70
C LEU A 193 28.99 6.10 -36.44
N ALA A 194 30.33 6.04 -36.58
CA ALA A 194 31.28 6.22 -35.45
C ALA A 194 31.10 7.61 -34.83
N ALA A 195 31.03 8.65 -35.67
CA ALA A 195 30.79 10.06 -35.27
C ALA A 195 29.44 10.15 -34.57
N GLN A 196 28.40 9.49 -35.10
CA GLN A 196 27.02 9.49 -34.52
C GLN A 196 27.07 8.97 -33.08
N TYR A 197 27.75 7.84 -32.85
CA TYR A 197 27.75 7.16 -31.53
C TYR A 197 28.39 8.09 -30.48
N GLU A 198 29.48 8.77 -30.84
CA GLU A 198 30.19 9.71 -29.93
C GLU A 198 29.19 10.75 -29.38
N HIS A 199 28.31 11.30 -30.22
CA HIS A 199 27.29 12.31 -29.85
C HIS A 199 26.35 11.75 -28.78
N ASP A 200 25.79 10.60 -29.10
CA ASP A 200 24.74 9.90 -28.30
C ASP A 200 25.34 9.55 -26.93
N LEU A 201 26.60 9.12 -26.92
CA LEU A 201 27.38 8.82 -25.70
C LEU A 201 27.58 10.09 -24.88
N GLU A 202 27.91 11.23 -25.51
CA GLU A 202 28.17 12.52 -24.81
C GLU A 202 26.91 12.92 -24.04
N VAL A 203 25.74 12.84 -24.67
CA VAL A 203 24.43 13.19 -24.05
C VAL A 203 24.19 12.27 -22.84
N ALA A 204 24.47 10.97 -22.96
CA ALA A 204 24.14 9.96 -21.95
C ALA A 204 25.06 10.11 -20.73
N GLN A 205 26.33 10.45 -20.92
CA GLN A 205 27.30 10.65 -19.81
C GLN A 205 26.96 11.89 -18.98
N THR A 206 26.30 12.90 -19.58
CA THR A 206 26.04 14.23 -18.96
C THR A 206 24.58 14.33 -18.50
N THR A 207 23.83 13.23 -18.59
CA THR A 207 22.51 13.04 -17.93
C THR A 207 22.70 12.09 -16.74
N ALA A 208 22.28 12.52 -15.56
CA ALA A 208 22.54 11.81 -14.28
C ALA A 208 21.69 10.56 -14.25
N LEU A 209 22.24 9.45 -13.78
CA LEU A 209 21.43 8.24 -13.48
C LEU A 209 20.44 8.59 -12.38
N PRO A 210 19.16 8.16 -12.44
CA PRO A 210 18.22 8.40 -11.34
C PRO A 210 18.57 7.62 -10.05
N ASP A 211 18.11 8.13 -8.90
CA ASP A 211 18.06 7.41 -7.60
C ASP A 211 19.48 7.04 -7.14
N GLU A 212 20.39 8.02 -7.16
CA GLU A 212 21.82 7.78 -6.84
C GLU A 212 21.98 7.40 -5.35
N ASP A 213 20.94 7.55 -4.52
CA ASP A 213 21.01 7.15 -3.08
C ASP A 213 20.70 5.65 -2.90
N ASP A 214 20.05 5.00 -3.87
CA ASP A 214 19.61 3.58 -3.79
C ASP A 214 20.80 2.62 -3.72
N ASP A 215 20.59 1.44 -3.15
CA ASP A 215 21.59 0.36 -2.94
C ASP A 215 22.19 -0.06 -4.29
N LEU A 216 21.38 -0.03 -5.34
CA LEU A 216 21.84 -0.18 -6.75
C LEU A 216 21.09 0.83 -7.62
N GLU B 19 23.72 -21.95 -20.27
CA GLU B 19 24.99 -21.35 -19.73
C GLU B 19 25.94 -22.45 -19.21
N GLU B 20 25.72 -23.70 -19.62
CA GLU B 20 26.42 -24.92 -19.12
C GLU B 20 27.78 -25.08 -19.82
N ASP B 21 27.98 -24.43 -20.97
CA ASP B 21 29.21 -24.51 -21.80
C ASP B 21 30.13 -23.32 -21.53
N GLU B 22 29.88 -22.57 -20.46
CA GLU B 22 30.59 -21.30 -20.16
C GLU B 22 31.13 -21.34 -18.74
N GLU B 23 32.30 -20.73 -18.54
CA GLU B 23 32.96 -20.52 -17.24
C GLU B 23 32.56 -19.10 -16.79
N VAL B 24 32.22 -18.94 -15.51
CA VAL B 24 31.96 -17.62 -14.87
C VAL B 24 33.31 -17.03 -14.44
N LEU B 25 33.74 -15.92 -15.07
CA LEU B 25 35.01 -15.21 -14.76
C LEU B 25 34.79 -14.18 -13.66
N TYR B 26 33.58 -13.62 -13.57
CA TYR B 26 33.22 -12.54 -12.62
C TYR B 26 31.69 -12.51 -12.52
N LYS B 27 31.21 -12.32 -11.30
CA LYS B 27 29.79 -12.16 -10.94
C LYS B 27 29.72 -10.95 -10.02
N VAL B 28 28.82 -10.01 -10.27
CA VAL B 28 28.59 -8.87 -9.34
C VAL B 28 27.13 -8.41 -9.47
N ARG B 29 26.54 -7.99 -8.36
CA ARG B 29 25.18 -7.37 -8.35
C ARG B 29 25.29 -5.98 -8.98
N ALA B 30 24.31 -5.63 -9.79
CA ALA B 30 24.30 -4.39 -10.59
C ALA B 30 22.87 -4.06 -10.97
N LYS B 31 22.63 -2.78 -11.22
CA LYS B 31 21.45 -2.25 -11.92
C LYS B 31 21.92 -1.77 -13.28
N LEU B 32 21.20 -2.14 -14.33
CA LEU B 32 21.50 -1.78 -15.73
C LEU B 32 20.43 -0.81 -16.23
N PHE B 33 20.89 0.25 -16.88
CA PHE B 33 20.04 1.28 -17.52
C PHE B 33 20.37 1.32 -19.01
N ARG B 34 19.41 1.77 -19.78
CA ARG B 34 19.58 2.07 -21.22
C ARG B 34 19.12 3.52 -21.41
N PHE B 35 19.84 4.26 -22.23
CA PHE B 35 19.51 5.68 -22.51
C PHE B 35 18.42 5.69 -23.58
N ASP B 36 17.33 6.37 -23.29
CA ASP B 36 16.26 6.72 -24.24
C ASP B 36 16.50 8.16 -24.71
N ALA B 37 17.02 8.31 -25.93
CA ALA B 37 17.42 9.61 -26.54
C ALA B 37 16.17 10.49 -26.71
N ASP B 38 15.03 9.89 -27.07
CA ASP B 38 13.72 10.58 -27.26
C ASP B 38 13.37 11.36 -25.98
N ALA B 39 13.19 10.66 -24.87
CA ALA B 39 12.76 11.23 -23.56
C ALA B 39 13.96 11.84 -22.84
N LYS B 40 15.18 11.66 -23.39
CA LYS B 40 16.43 12.23 -22.84
C LYS B 40 16.53 11.81 -21.36
N GLU B 41 16.31 10.53 -21.09
CA GLU B 41 16.40 9.98 -19.71
C GLU B 41 16.90 8.54 -19.77
N TRP B 42 17.56 8.15 -18.69
CA TRP B 42 17.95 6.78 -18.32
C TRP B 42 16.70 6.02 -17.87
N LYS B 43 16.55 4.78 -18.37
CA LYS B 43 15.45 3.86 -18.06
C LYS B 43 16.07 2.57 -17.55
N GLU B 44 15.71 2.20 -16.35
CA GLU B 44 16.15 0.93 -15.74
C GLU B 44 15.79 -0.22 -16.69
N ARG B 45 16.70 -1.17 -16.88
CA ARG B 45 16.41 -2.38 -17.69
C ARG B 45 16.36 -3.63 -16.82
N GLY B 46 17.14 -3.68 -15.77
CA GLY B 46 16.99 -4.74 -14.76
C GLY B 46 18.02 -4.61 -13.66
N THR B 47 17.82 -5.40 -12.62
CA THR B 47 18.67 -5.53 -11.41
C THR B 47 18.85 -7.02 -11.18
N GLY B 48 20.09 -7.42 -10.94
CA GLY B 48 20.45 -8.83 -10.67
C GLY B 48 21.93 -9.07 -10.85
N ASP B 49 22.31 -10.33 -11.04
CA ASP B 49 23.72 -10.75 -11.17
C ASP B 49 24.17 -10.45 -12.60
N CYS B 50 25.17 -9.61 -12.72
CA CYS B 50 25.91 -9.40 -13.97
C CYS B 50 27.05 -10.42 -14.01
N LYS B 51 27.16 -11.16 -15.11
CA LYS B 51 28.13 -12.29 -15.23
C LYS B 51 28.94 -12.11 -16.50
N PHE B 52 30.25 -12.30 -16.36
CA PHE B 52 31.21 -12.46 -17.48
C PHE B 52 31.31 -13.97 -17.71
N LEU B 53 30.80 -14.42 -18.86
CA LEU B 53 30.78 -15.87 -19.21
C LEU B 53 31.74 -16.15 -20.37
N LYS B 54 32.71 -17.05 -20.14
CA LYS B 54 33.70 -17.47 -21.16
C LYS B 54 33.22 -18.75 -21.82
N ASN B 55 32.81 -18.65 -23.08
CA ASN B 55 32.44 -19.78 -23.96
C ASN B 55 33.65 -20.72 -24.08
N LYS B 56 33.48 -21.99 -23.71
CA LYS B 56 34.60 -22.96 -23.57
C LYS B 56 35.03 -23.51 -24.94
N LYS B 57 34.31 -23.19 -26.01
CA LYS B 57 34.62 -23.63 -27.40
C LYS B 57 35.40 -22.54 -28.14
N THR B 58 34.94 -21.29 -28.01
CA THR B 58 35.47 -20.10 -28.73
C THR B 58 36.34 -19.23 -27.81
N ASN B 59 36.30 -19.43 -26.50
CA ASN B 59 37.02 -18.61 -25.49
C ASN B 59 36.55 -17.15 -25.52
N LYS B 60 35.39 -16.87 -26.13
CA LYS B 60 34.74 -15.53 -26.20
C LYS B 60 34.01 -15.23 -24.89
N VAL B 61 34.23 -14.04 -24.32
CA VAL B 61 33.62 -13.59 -23.03
C VAL B 61 32.48 -12.60 -23.32
N ARG B 62 31.30 -12.92 -22.80
CA ARG B 62 30.09 -12.08 -22.94
C ARG B 62 29.67 -11.58 -21.55
N ILE B 63 28.98 -10.46 -21.53
CA ILE B 63 28.13 -10.06 -20.37
C ILE B 63 26.78 -10.76 -20.53
N LEU B 64 26.39 -11.53 -19.54
CA LEU B 64 24.99 -12.01 -19.41
C LEU B 64 24.46 -11.53 -18.06
N MET B 65 23.38 -10.77 -18.12
CA MET B 65 22.71 -10.24 -16.90
C MET B 65 21.25 -10.72 -16.90
N ARG B 66 20.81 -11.32 -15.78
CA ARG B 66 19.41 -11.76 -15.56
C ARG B 66 18.78 -10.92 -14.44
N ARG B 67 17.47 -10.67 -14.53
CA ARG B 67 16.68 -9.99 -13.47
C ARG B 67 16.40 -10.93 -12.31
N ASP B 68 16.49 -10.41 -11.08
CA ASP B 68 15.94 -11.07 -9.85
C ASP B 68 14.51 -11.55 -10.10
N LYS B 69 14.18 -12.74 -9.56
CA LYS B 69 12.80 -13.31 -9.44
C LYS B 69 12.30 -13.84 -10.78
N THR B 70 12.30 -13.03 -11.85
CA THR B 70 11.80 -13.46 -13.18
C THR B 70 12.91 -14.21 -13.93
N LEU B 71 14.17 -13.90 -13.60
CA LEU B 71 15.39 -14.45 -14.26
C LEU B 71 15.42 -14.08 -15.75
N LYS B 72 14.63 -13.08 -16.20
CA LYS B 72 14.63 -12.64 -17.61
C LYS B 72 15.97 -11.94 -17.93
N ILE B 73 16.38 -12.01 -19.18
CA ILE B 73 17.69 -11.48 -19.65
C ILE B 73 17.50 -9.97 -19.84
N CYS B 74 18.35 -9.15 -19.22
CA CYS B 74 18.38 -7.69 -19.48
C CYS B 74 19.67 -7.29 -20.21
N ALA B 75 20.71 -8.12 -20.22
CA ALA B 75 21.89 -7.89 -21.09
C ALA B 75 22.47 -9.23 -21.56
N ASN B 76 22.78 -9.28 -22.85
CA ASN B 76 23.46 -10.41 -23.52
C ASN B 76 24.22 -9.83 -24.72
N HIS B 77 25.52 -9.58 -24.59
CA HIS B 77 26.38 -9.02 -25.66
C HIS B 77 27.83 -9.41 -25.40
N ILE B 78 28.63 -9.48 -26.47
CA ILE B 78 30.10 -9.69 -26.39
C ILE B 78 30.71 -8.42 -25.78
N ILE B 79 31.69 -8.59 -24.89
CA ILE B 79 32.54 -7.48 -24.40
C ILE B 79 33.55 -7.13 -25.52
N ALA B 80 33.08 -6.44 -26.55
CA ALA B 80 33.86 -6.04 -27.73
C ALA B 80 35.10 -5.27 -27.28
N PRO B 81 36.28 -5.55 -27.86
CA PRO B 81 37.52 -4.80 -27.55
C PRO B 81 37.41 -3.29 -27.82
N GLU B 82 36.56 -2.87 -28.77
CA GLU B 82 36.31 -1.44 -29.14
C GLU B 82 35.58 -0.70 -28.01
N TYR B 83 34.82 -1.38 -27.16
CA TYR B 83 33.99 -0.71 -26.12
C TYR B 83 34.88 0.01 -25.12
N THR B 84 34.41 1.14 -24.62
CA THR B 84 35.07 1.99 -23.59
C THR B 84 34.05 2.38 -22.51
N LEU B 85 34.34 1.98 -21.27
CA LEU B 85 33.63 2.36 -20.02
C LEU B 85 33.94 3.83 -19.70
N LYS B 86 32.92 4.69 -19.67
CA LYS B 86 33.05 6.14 -19.32
C LYS B 86 32.33 6.38 -18.00
N PRO B 87 32.73 7.37 -17.19
CA PRO B 87 31.95 7.73 -16.02
C PRO B 87 30.63 8.43 -16.42
N ASN B 88 29.61 8.29 -15.59
CA ASN B 88 28.40 9.16 -15.59
C ASN B 88 28.67 10.36 -14.65
N VAL B 89 28.21 11.55 -15.01
CA VAL B 89 28.41 12.82 -14.25
C VAL B 89 27.80 12.70 -12.84
N GLY B 90 26.82 11.82 -12.64
CA GLY B 90 26.04 11.73 -11.40
C GLY B 90 26.59 10.73 -10.40
N SER B 91 27.52 9.88 -10.81
CA SER B 91 27.84 8.62 -10.10
C SER B 91 29.35 8.42 -10.04
N ASP B 92 29.85 7.88 -8.94
CA ASP B 92 31.25 7.38 -8.81
C ASP B 92 31.25 5.84 -8.75
N ARG B 93 30.12 5.19 -9.06
CA ARG B 93 29.96 3.71 -8.95
C ARG B 93 29.20 3.18 -10.17
N SER B 94 29.38 3.81 -11.32
CA SER B 94 28.70 3.48 -12.59
C SER B 94 29.69 3.61 -13.76
N TRP B 95 29.37 2.94 -14.87
CA TRP B 95 30.04 3.10 -16.18
C TRP B 95 28.95 3.28 -17.24
N VAL B 96 29.18 4.14 -18.23
CA VAL B 96 28.34 4.13 -19.46
C VAL B 96 29.22 3.66 -20.61
N TYR B 97 28.65 2.85 -21.49
CA TYR B 97 29.31 2.43 -22.75
C TYR B 97 28.23 2.15 -23.78
N ALA B 98 28.56 2.40 -25.05
CA ALA B 98 27.78 2.06 -26.25
C ALA B 98 27.97 0.57 -26.50
N CYS B 99 26.87 -0.10 -26.78
CA CYS B 99 26.84 -1.52 -27.18
C CYS B 99 26.28 -1.57 -28.59
N THR B 100 27.01 -2.14 -29.55
CA THR B 100 26.56 -2.21 -30.97
C THR B 100 25.49 -3.29 -31.10
N ALA B 101 25.62 -4.45 -30.43
CA ALA B 101 24.74 -5.63 -30.65
C ALA B 101 24.37 -6.34 -29.34
N ASP B 102 23.22 -6.01 -28.77
CA ASP B 102 22.67 -6.71 -27.58
C ASP B 102 21.43 -7.52 -28.00
N ILE B 103 21.33 -8.78 -27.55
CA ILE B 103 20.27 -9.73 -28.02
C ILE B 103 19.33 -10.11 -26.87
N ALA B 104 19.28 -9.31 -25.79
CA ALA B 104 18.44 -9.56 -24.60
C ALA B 104 16.96 -9.56 -25.03
N GLU B 105 16.53 -8.60 -25.84
CA GLU B 105 15.11 -8.42 -26.26
C GLU B 105 14.85 -9.13 -27.58
N GLY B 106 15.86 -9.82 -28.14
CA GLY B 106 15.72 -10.65 -29.36
C GLY B 106 16.68 -10.20 -30.44
N GLU B 107 16.16 -9.58 -31.50
CA GLU B 107 16.95 -8.99 -32.63
C GLU B 107 18.05 -8.06 -32.06
N ALA B 108 19.30 -8.23 -32.50
CA ALA B 108 20.46 -7.43 -32.04
C ALA B 108 20.14 -5.94 -32.23
N GLU B 109 20.34 -5.14 -31.18
CA GLU B 109 20.08 -3.68 -31.22
C GLU B 109 21.31 -2.98 -30.65
N ALA B 110 21.52 -1.74 -31.09
CA ALA B 110 22.49 -0.80 -30.48
C ALA B 110 21.82 -0.15 -29.27
N PHE B 111 22.56 -0.03 -28.17
CA PHE B 111 22.11 0.66 -26.95
C PHE B 111 23.26 1.49 -26.42
N THR B 112 22.92 2.62 -25.78
CA THR B 112 23.80 3.27 -24.78
C THR B 112 23.39 2.73 -23.40
N PHE B 113 24.29 1.98 -22.79
CA PHE B 113 24.08 1.29 -21.49
C PHE B 113 24.74 2.08 -20.36
N ALA B 114 24.18 1.94 -19.16
CA ALA B 114 24.82 2.38 -17.90
C ALA B 114 24.62 1.26 -16.89
N ILE B 115 25.66 0.96 -16.15
CA ILE B 115 25.60 -0.13 -15.14
C ILE B 115 26.13 0.46 -13.86
N ARG B 116 25.37 0.30 -12.78
CA ARG B 116 25.66 0.87 -11.46
C ARG B 116 25.79 -0.29 -10.47
N PHE B 117 26.72 -0.18 -9.54
CA PHE B 117 27.10 -1.23 -8.57
C PHE B 117 26.83 -0.71 -7.17
N GLY B 118 27.07 -1.54 -6.17
CA GLY B 118 26.84 -1.18 -4.77
C GLY B 118 27.85 -0.17 -4.23
N SER B 119 28.99 0.00 -4.89
CA SER B 119 30.10 0.82 -4.36
C SER B 119 31.11 1.14 -5.46
N LYS B 120 31.93 2.15 -5.22
CA LYS B 120 33.05 2.55 -6.11
C LYS B 120 33.96 1.33 -6.33
N GLU B 121 34.26 0.60 -5.24
CA GLU B 121 35.10 -0.62 -5.24
C GLU B 121 34.56 -1.64 -6.24
N ASN B 122 33.26 -1.97 -6.20
CA ASN B 122 32.64 -2.93 -7.14
C ASN B 122 32.78 -2.41 -8.56
N ALA B 123 32.60 -1.11 -8.77
CA ALA B 123 32.63 -0.49 -10.13
C ALA B 123 34.05 -0.54 -10.69
N ASP B 124 35.06 -0.27 -9.87
CA ASP B 124 36.50 -0.30 -10.29
C ASP B 124 36.87 -1.76 -10.61
N LYS B 125 36.52 -2.69 -9.73
CA LYS B 125 36.69 -4.16 -9.91
C LYS B 125 36.04 -4.61 -11.23
N PHE B 126 34.82 -4.17 -11.52
CA PHE B 126 34.12 -4.47 -12.80
C PHE B 126 34.96 -3.99 -13.98
N LYS B 127 35.42 -2.73 -13.94
CA LYS B 127 36.25 -2.09 -15.01
C LYS B 127 37.50 -2.97 -15.24
N GLU B 128 38.16 -3.38 -14.16
CA GLU B 128 39.35 -4.29 -14.18
C GLU B 128 38.99 -5.58 -14.94
N GLU B 129 37.89 -6.25 -14.57
CA GLU B 129 37.46 -7.54 -15.18
C GLU B 129 37.06 -7.36 -16.64
N PHE B 130 36.38 -6.25 -16.97
CA PHE B 130 35.88 -5.88 -18.32
C PHE B 130 37.06 -5.67 -19.26
N GLU B 131 38.16 -5.13 -18.75
CA GLU B 131 39.42 -4.98 -19.53
C GLU B 131 40.06 -6.35 -19.73
N LYS B 132 40.21 -7.15 -18.66
CA LYS B 132 40.77 -8.53 -18.70
C LYS B 132 39.98 -9.38 -19.70
N ALA B 133 38.68 -9.11 -19.85
CA ALA B 133 37.76 -9.83 -20.75
C ALA B 133 37.98 -9.34 -22.19
N GLN B 134 38.18 -8.03 -22.35
CA GLN B 134 38.45 -7.38 -23.66
C GLN B 134 39.73 -7.99 -24.23
N GLU B 135 40.70 -8.29 -23.38
CA GLU B 135 42.04 -8.81 -23.78
C GLU B 135 41.93 -10.29 -24.11
N ILE B 136 41.10 -11.04 -23.36
CA ILE B 136 40.75 -12.43 -23.76
C ILE B 136 40.08 -12.39 -25.14
N ASN B 137 39.20 -11.43 -25.40
CA ASN B 137 38.43 -11.36 -26.67
C ASN B 137 39.29 -10.88 -27.82
N LYS B 138 40.47 -10.28 -27.56
CA LYS B 138 41.40 -9.86 -28.63
C LYS B 138 42.05 -11.09 -29.30
N LYS B 139 42.55 -12.06 -28.51
CA LYS B 139 43.18 -13.32 -29.01
C LYS B 139 42.54 -13.79 -30.32
N SER C 3 -12.50 3.17 -42.40
CA SER C 3 -13.90 2.62 -42.52
C SER C 3 -14.47 2.31 -41.12
N MET C 4 -13.64 1.83 -40.19
CA MET C 4 -14.04 1.54 -38.79
C MET C 4 -14.68 2.78 -38.14
N GLU C 5 -14.21 3.99 -38.50
CA GLU C 5 -14.66 5.28 -37.91
C GLU C 5 -16.07 5.65 -38.38
N GLY C 6 -16.63 4.93 -39.35
CA GLY C 6 -17.99 5.16 -39.89
C GLY C 6 -19.07 5.14 -38.81
N ILE C 7 -18.93 4.28 -37.80
CA ILE C 7 -19.92 4.15 -36.68
C ILE C 7 -19.97 5.48 -35.90
N LEU C 8 -18.89 6.26 -35.88
CA LEU C 8 -18.86 7.55 -35.14
C LEU C 8 -19.72 8.61 -35.83
N ASP C 9 -19.91 8.50 -37.15
CA ASP C 9 -20.78 9.45 -37.87
C ASP C 9 -22.24 9.06 -37.65
N PHE C 10 -22.97 9.87 -36.86
CA PHE C 10 -24.38 9.61 -36.45
C PHE C 10 -25.34 10.24 -37.45
N SER C 11 -24.84 11.04 -38.41
CA SER C 11 -25.67 11.66 -39.48
C SER C 11 -26.41 10.55 -40.23
N ASN C 12 -25.71 9.46 -40.53
CA ASN C 12 -26.26 8.27 -41.23
C ASN C 12 -26.71 7.24 -40.19
N ASP C 13 -27.57 6.30 -40.59
CA ASP C 13 -28.02 5.21 -39.69
C ASP C 13 -26.84 4.24 -39.47
N LEU C 14 -26.81 3.63 -38.30
CA LEU C 14 -25.67 2.79 -37.84
C LEU C 14 -25.66 1.50 -38.66
N ASP C 15 -24.49 1.12 -39.18
CA ASP C 15 -24.25 -0.20 -39.81
C ASP C 15 -23.84 -1.19 -38.71
N ILE C 16 -24.74 -2.11 -38.38
CA ILE C 16 -24.56 -3.11 -37.29
C ILE C 16 -23.35 -3.98 -37.63
N ALA C 17 -23.21 -4.37 -38.90
CA ALA C 17 -22.11 -5.24 -39.39
C ALA C 17 -20.77 -4.55 -39.17
N LEU C 18 -20.70 -3.23 -39.36
CA LEU C 18 -19.46 -2.45 -39.14
C LEU C 18 -19.17 -2.41 -37.63
N LEU C 19 -20.17 -2.12 -36.80
CA LEU C 19 -20.05 -2.12 -35.33
C LEU C 19 -19.51 -3.49 -34.89
N ASP C 20 -20.03 -4.58 -35.44
CA ASP C 20 -19.64 -5.96 -35.04
C ASP C 20 -18.17 -6.23 -35.41
N GLN C 21 -17.68 -5.64 -36.51
CA GLN C 21 -16.27 -5.76 -36.94
C GLN C 21 -15.37 -5.00 -35.97
N VAL C 22 -15.71 -3.75 -35.65
CA VAL C 22 -14.93 -2.89 -34.71
C VAL C 22 -14.79 -3.64 -33.37
N VAL C 23 -15.91 -4.09 -32.83
CA VAL C 23 -15.96 -4.84 -31.54
C VAL C 23 -15.07 -6.08 -31.64
N SER C 24 -15.27 -6.92 -32.66
CA SER C 24 -14.40 -8.11 -32.94
C SER C 24 -12.93 -7.69 -32.96
N THR C 25 -12.60 -6.65 -33.73
CA THR C 25 -11.22 -6.14 -33.86
C THR C 25 -10.71 -5.75 -32.47
N PHE C 26 -11.55 -5.13 -31.65
CA PHE C 26 -11.18 -4.72 -30.28
C PHE C 26 -10.85 -5.94 -29.42
N TYR C 27 -11.76 -6.91 -29.35
CA TYR C 27 -11.69 -8.05 -28.40
C TYR C 27 -10.70 -9.10 -28.92
N GLN C 28 -10.69 -9.38 -30.23
CA GLN C 28 -9.91 -10.51 -30.83
C GLN C 28 -8.71 -10.02 -31.65
N GLY C 29 -8.69 -8.74 -32.05
CA GLY C 29 -7.57 -8.16 -32.82
C GLY C 29 -6.35 -7.95 -31.94
N GLU C 30 -5.29 -7.33 -32.48
CA GLU C 30 -3.97 -7.20 -31.80
C GLU C 30 -3.30 -5.89 -32.24
N GLY C 31 -2.35 -5.41 -31.44
CA GLY C 31 -1.49 -4.24 -31.72
C GLY C 31 -2.26 -3.02 -32.19
N VAL C 32 -1.94 -2.52 -33.39
CA VAL C 32 -2.41 -1.20 -33.92
C VAL C 32 -3.93 -1.24 -34.12
N GLN C 33 -4.44 -2.32 -34.69
CA GLN C 33 -5.88 -2.50 -35.03
C GLN C 33 -6.72 -2.47 -33.74
N GLN C 34 -6.40 -3.33 -32.78
CA GLN C 34 -7.11 -3.40 -31.47
C GLN C 34 -7.20 -1.98 -30.88
N LYS C 35 -6.08 -1.26 -30.87
CA LYS C 35 -5.95 0.10 -30.28
C LYS C 35 -6.94 1.08 -30.93
N GLN C 36 -7.02 1.10 -32.26
CA GLN C 36 -7.89 2.03 -33.04
C GLN C 36 -9.36 1.67 -32.82
N ALA C 37 -9.71 0.39 -32.85
CA ALA C 37 -11.06 -0.11 -32.55
C ALA C 37 -11.46 0.38 -31.13
N GLN C 38 -10.52 0.38 -30.18
CA GLN C 38 -10.72 0.76 -28.74
C GLN C 38 -11.15 2.23 -28.63
N GLU C 39 -10.38 3.12 -29.25
CA GLU C 39 -10.64 4.58 -29.30
C GLU C 39 -12.01 4.82 -29.95
N ILE C 40 -12.34 4.06 -30.98
CA ILE C 40 -13.59 4.26 -31.76
C ILE C 40 -14.79 3.82 -30.90
N LEU C 41 -14.72 2.62 -30.32
CA LEU C 41 -15.79 2.08 -29.44
C LEU C 41 -16.03 3.03 -28.25
N THR C 42 -14.95 3.58 -27.68
CA THR C 42 -15.01 4.54 -26.55
C THR C 42 -15.81 5.77 -26.95
N LYS C 43 -15.49 6.35 -28.11
CA LYS C 43 -16.15 7.58 -28.64
C LYS C 43 -17.62 7.28 -28.95
N PHE C 44 -17.89 6.12 -29.56
CA PHE C 44 -19.26 5.65 -29.84
C PHE C 44 -20.04 5.64 -28.52
N GLN C 45 -19.52 4.92 -27.52
CA GLN C 45 -20.20 4.72 -26.22
C GLN C 45 -20.43 6.08 -25.53
N ASP C 46 -19.49 7.01 -25.64
CA ASP C 46 -19.52 8.30 -24.90
C ASP C 46 -20.38 9.32 -25.65
N ASN C 47 -20.80 9.02 -26.87
CA ASN C 47 -21.72 9.92 -27.59
C ASN C 47 -23.02 9.98 -26.80
N PRO C 48 -23.49 11.20 -26.43
CA PRO C 48 -24.71 11.35 -25.62
C PRO C 48 -26.02 10.86 -26.27
N ASP C 49 -26.02 10.56 -27.57
CA ASP C 49 -27.21 10.04 -28.30
C ASP C 49 -27.08 8.55 -28.61
N ALA C 50 -25.95 7.92 -28.28
CA ALA C 50 -25.67 6.48 -28.57
C ALA C 50 -26.77 5.58 -28.01
N TRP C 51 -27.40 5.94 -26.88
CA TRP C 51 -28.50 5.14 -26.26
C TRP C 51 -29.64 4.93 -27.26
N GLU C 52 -29.92 5.91 -28.12
CA GLU C 52 -31.00 5.80 -29.14
C GLU C 52 -30.70 4.62 -30.08
N LYS C 53 -29.43 4.21 -30.22
CA LYS C 53 -29.02 3.07 -31.09
C LYS C 53 -29.14 1.72 -30.35
N ALA C 54 -29.43 1.69 -29.05
CA ALA C 54 -29.31 0.45 -28.24
C ALA C 54 -30.31 -0.59 -28.77
N ASP C 55 -31.58 -0.23 -28.96
CA ASP C 55 -32.64 -1.21 -29.32
C ASP C 55 -32.33 -1.80 -30.72
N GLN C 56 -31.75 -0.99 -31.61
CA GLN C 56 -31.30 -1.37 -32.98
C GLN C 56 -30.17 -2.41 -32.87
N ILE C 57 -29.20 -2.18 -31.99
CA ILE C 57 -28.03 -3.08 -31.79
C ILE C 57 -28.53 -4.39 -31.18
N LEU C 58 -29.39 -4.32 -30.17
CA LEU C 58 -29.87 -5.52 -29.42
C LEU C 58 -30.65 -6.44 -30.36
N GLN C 59 -31.46 -5.89 -31.29
CA GLN C 59 -32.33 -6.69 -32.20
C GLN C 59 -31.51 -7.31 -33.35
N PHE C 60 -30.56 -6.58 -33.93
CA PHE C 60 -29.98 -6.87 -35.28
C PHE C 60 -28.49 -7.24 -35.22
N SER C 61 -27.84 -7.18 -34.06
CA SER C 61 -26.41 -7.56 -33.90
C SER C 61 -26.28 -9.09 -33.78
N THR C 62 -25.28 -9.66 -34.43
CA THR C 62 -24.90 -11.09 -34.31
C THR C 62 -23.88 -11.27 -33.16
N ASN C 63 -23.09 -10.24 -32.86
CA ASN C 63 -21.97 -10.27 -31.89
C ASN C 63 -22.48 -9.96 -30.49
N PRO C 64 -22.38 -10.92 -29.54
CA PRO C 64 -22.86 -10.71 -28.18
C PRO C 64 -22.04 -9.67 -27.39
N GLN C 65 -20.81 -9.39 -27.83
CA GLN C 65 -19.95 -8.33 -27.27
C GLN C 65 -20.54 -6.97 -27.59
N SER C 66 -21.07 -6.79 -28.81
CA SER C 66 -21.75 -5.54 -29.24
C SER C 66 -22.93 -5.26 -28.33
N LYS C 67 -23.68 -6.31 -27.98
CA LYS C 67 -24.91 -6.19 -27.18
C LYS C 67 -24.50 -5.81 -25.76
N PHE C 68 -23.37 -6.33 -25.30
CA PHE C 68 -22.84 -6.03 -23.96
C PHE C 68 -22.58 -4.53 -23.90
N ILE C 69 -21.82 -4.00 -24.85
CA ILE C 69 -21.45 -2.56 -24.95
C ILE C 69 -22.72 -1.71 -25.08
N ALA C 70 -23.74 -2.19 -25.82
CA ALA C 70 -25.04 -1.50 -25.97
C ALA C 70 -25.73 -1.37 -24.61
N LEU C 71 -25.73 -2.43 -23.79
CA LEU C 71 -26.35 -2.40 -22.45
C LEU C 71 -25.61 -1.42 -21.52
N SER C 72 -24.28 -1.32 -21.59
CA SER C 72 -23.46 -0.30 -20.86
C SER C 72 -23.92 1.10 -21.25
N ILE C 73 -24.17 1.31 -22.53
CA ILE C 73 -24.67 2.61 -23.05
C ILE C 73 -26.06 2.88 -22.44
N LEU C 74 -26.91 1.86 -22.41
CA LEU C 74 -28.26 1.96 -21.79
C LEU C 74 -28.11 2.26 -20.29
N ASP C 75 -27.22 1.55 -19.58
CA ASP C 75 -26.97 1.72 -18.11
C ASP C 75 -26.59 3.18 -17.81
N LYS C 76 -25.73 3.81 -18.61
CA LYS C 76 -25.35 5.25 -18.46
C LYS C 76 -26.61 6.12 -18.51
N LEU C 77 -27.50 5.91 -19.46
CA LEU C 77 -28.80 6.64 -19.58
C LEU C 77 -29.69 6.37 -18.35
N ILE C 78 -29.86 5.09 -17.96
CA ILE C 78 -30.80 4.71 -16.87
C ILE C 78 -30.33 5.34 -15.55
N THR C 79 -29.04 5.32 -15.27
CA THR C 79 -28.50 5.75 -13.95
C THR C 79 -28.43 7.30 -13.89
N ARG C 80 -28.25 8.00 -15.03
CA ARG C 80 -27.93 9.45 -15.10
C ARG C 80 -29.13 10.28 -15.56
N LYS C 81 -29.83 9.88 -16.63
CA LYS C 81 -30.76 10.81 -17.34
C LYS C 81 -32.14 10.19 -17.51
N TRP C 82 -32.40 9.06 -16.83
CA TRP C 82 -33.68 8.31 -16.91
C TRP C 82 -34.91 9.23 -16.75
N LYS C 83 -34.87 10.13 -15.78
CA LYS C 83 -36.07 10.88 -15.34
C LYS C 83 -36.46 11.93 -16.39
N LEU C 84 -35.56 12.32 -17.29
CA LEU C 84 -35.87 13.19 -18.46
C LEU C 84 -36.76 12.47 -19.48
N LEU C 85 -36.81 11.13 -19.50
CA LEU C 85 -37.54 10.40 -20.57
C LEU C 85 -39.03 10.44 -20.28
N PRO C 86 -39.89 10.61 -21.32
CA PRO C 86 -41.33 10.47 -21.13
C PRO C 86 -41.69 9.06 -20.62
N ASN C 87 -42.77 8.97 -19.85
CA ASN C 87 -43.22 7.72 -19.19
C ASN C 87 -43.30 6.61 -20.24
N ASP C 88 -43.90 6.89 -21.41
CA ASP C 88 -44.15 5.87 -22.46
C ASP C 88 -42.81 5.33 -22.96
N HIS C 89 -41.77 6.16 -23.03
CA HIS C 89 -40.43 5.74 -23.51
C HIS C 89 -39.75 4.87 -22.43
N ARG C 90 -39.88 5.23 -21.15
CA ARG C 90 -39.35 4.43 -20.02
C ARG C 90 -40.02 3.04 -20.02
N ILE C 91 -41.34 2.99 -20.21
CA ILE C 91 -42.10 1.70 -20.29
C ILE C 91 -41.57 0.92 -21.51
N GLY C 92 -41.35 1.60 -22.63
CA GLY C 92 -40.77 1.00 -23.85
C GLY C 92 -39.46 0.27 -23.55
N ILE C 93 -38.53 0.96 -22.88
CA ILE C 93 -37.18 0.44 -22.55
C ILE C 93 -37.34 -0.73 -21.58
N ARG C 94 -38.14 -0.54 -20.53
CA ARG C 94 -38.50 -1.58 -19.53
C ARG C 94 -38.94 -2.86 -20.26
N ASN C 95 -39.97 -2.77 -21.10
CA ASN C 95 -40.57 -3.94 -21.81
C ASN C 95 -39.52 -4.56 -22.73
N PHE C 96 -38.73 -3.73 -23.39
CA PHE C 96 -37.68 -4.20 -24.33
C PHE C 96 -36.66 -5.09 -23.60
N VAL C 97 -36.20 -4.63 -22.42
CA VAL C 97 -35.15 -5.30 -21.60
C VAL C 97 -35.71 -6.60 -21.03
N VAL C 98 -36.91 -6.58 -20.43
CA VAL C 98 -37.59 -7.77 -19.86
C VAL C 98 -37.76 -8.82 -20.97
N GLY C 99 -38.22 -8.40 -22.15
CA GLY C 99 -38.41 -9.21 -23.37
C GLY C 99 -37.11 -9.86 -23.86
N MET C 100 -36.01 -9.12 -23.85
CA MET C 100 -34.69 -9.66 -24.26
C MET C 100 -34.23 -10.72 -23.23
N ILE C 101 -34.42 -10.48 -21.93
CA ILE C 101 -34.08 -11.44 -20.84
C ILE C 101 -34.89 -12.73 -21.06
N ILE C 102 -36.22 -12.63 -21.03
CA ILE C 102 -37.12 -13.81 -21.13
C ILE C 102 -36.77 -14.60 -22.39
N SER C 103 -36.57 -13.92 -23.50
CA SER C 103 -36.23 -14.52 -24.82
C SER C 103 -34.93 -15.33 -24.73
N MET C 104 -33.85 -14.75 -24.21
CA MET C 104 -32.53 -15.43 -24.08
C MET C 104 -32.64 -16.65 -23.17
N CYS C 105 -33.50 -16.62 -22.16
CA CYS C 105 -33.72 -17.74 -21.20
C CYS C 105 -34.47 -18.91 -21.88
N GLN C 106 -35.43 -18.60 -22.75
CA GLN C 106 -36.32 -19.58 -23.41
C GLN C 106 -35.53 -20.40 -24.45
N ASP C 107 -34.42 -19.88 -24.94
CA ASP C 107 -33.51 -20.55 -25.92
C ASP C 107 -32.35 -21.24 -25.17
N ASP C 108 -32.48 -22.54 -24.87
CA ASP C 108 -31.51 -23.37 -24.08
C ASP C 108 -30.07 -23.09 -24.52
N GLU C 109 -29.81 -22.92 -25.82
CA GLU C 109 -28.43 -22.74 -26.35
C GLU C 109 -27.84 -21.41 -25.86
N VAL C 110 -28.64 -20.33 -25.93
CA VAL C 110 -28.25 -18.95 -25.53
C VAL C 110 -28.06 -18.91 -24.00
N PHE C 111 -29.05 -19.37 -23.24
CA PHE C 111 -28.96 -19.48 -21.76
C PHE C 111 -27.59 -20.06 -21.37
N LYS C 112 -27.24 -21.22 -21.94
CA LYS C 112 -26.05 -22.03 -21.58
C LYS C 112 -24.78 -21.22 -21.86
N THR C 113 -24.68 -20.63 -23.05
CA THR C 113 -23.43 -20.15 -23.68
C THR C 113 -23.24 -18.64 -23.55
N GLN C 114 -24.29 -17.85 -23.25
CA GLN C 114 -24.24 -16.35 -23.26
C GLN C 114 -24.45 -15.79 -21.85
N LYS C 115 -23.92 -16.42 -20.82
CA LYS C 115 -24.15 -16.01 -19.40
C LYS C 115 -23.76 -14.54 -19.21
N ASN C 116 -22.70 -14.10 -19.89
CA ASN C 116 -22.19 -12.70 -19.82
C ASN C 116 -23.32 -11.72 -20.09
N LEU C 117 -23.96 -11.89 -21.25
CA LEU C 117 -24.97 -10.97 -21.79
C LEU C 117 -26.24 -11.05 -20.93
N ILE C 118 -26.65 -12.24 -20.49
CA ILE C 118 -27.86 -12.40 -19.64
C ILE C 118 -27.64 -11.69 -18.30
N ASN C 119 -26.46 -11.85 -17.70
CA ASN C 119 -26.12 -11.24 -16.39
C ASN C 119 -26.07 -9.71 -16.53
N LYS C 120 -25.52 -9.21 -17.64
CA LYS C 120 -25.49 -7.76 -17.96
C LYS C 120 -26.91 -7.25 -18.16
N SER C 121 -27.77 -8.01 -18.83
CA SER C 121 -29.21 -7.66 -19.01
C SER C 121 -29.91 -7.59 -17.66
N ASP C 122 -29.67 -8.58 -16.80
CA ASP C 122 -30.30 -8.66 -15.45
C ASP C 122 -29.90 -7.41 -14.65
N LEU C 123 -28.64 -7.02 -14.74
CA LEU C 123 -28.09 -5.87 -14.01
C LEU C 123 -28.73 -4.61 -14.58
N THR C 124 -28.89 -4.54 -15.91
CA THR C 124 -29.60 -3.43 -16.59
C THR C 124 -31.02 -3.30 -16.04
N LEU C 125 -31.73 -4.41 -15.95
CA LEU C 125 -33.10 -4.48 -15.36
C LEU C 125 -33.06 -3.98 -13.91
N VAL C 126 -32.08 -4.38 -13.11
CA VAL C 126 -32.01 -3.93 -11.70
C VAL C 126 -31.80 -2.42 -11.70
N GLN C 127 -31.06 -1.88 -12.66
CA GLN C 127 -30.86 -0.40 -12.75
C GLN C 127 -32.21 0.27 -13.04
N ILE C 128 -33.10 -0.36 -13.82
CA ILE C 128 -34.46 0.17 -14.08
C ILE C 128 -35.30 0.07 -12.79
N LEU C 129 -35.19 -1.03 -12.05
CA LEU C 129 -35.94 -1.26 -10.79
C LEU C 129 -35.56 -0.19 -9.76
N LYS C 130 -34.29 0.20 -9.70
CA LYS C 130 -33.82 1.22 -8.73
C LYS C 130 -34.56 2.53 -9.05
N GLN C 131 -34.89 2.77 -10.33
CA GLN C 131 -35.52 4.02 -10.81
C GLN C 131 -37.04 3.97 -10.67
N GLU C 132 -37.65 2.81 -10.88
CA GLU C 132 -39.08 2.66 -11.21
C GLU C 132 -39.84 1.90 -10.12
N TRP C 133 -39.17 1.14 -9.26
CA TRP C 133 -39.80 0.12 -8.39
C TRP C 133 -39.70 0.51 -6.91
N PRO C 134 -40.74 0.26 -6.08
CA PRO C 134 -42.03 -0.28 -6.53
C PRO C 134 -43.04 0.76 -7.04
N GLN C 135 -42.80 2.04 -6.77
CA GLN C 135 -43.81 3.13 -6.94
C GLN C 135 -44.37 3.14 -8.37
N ASN C 136 -43.55 2.93 -9.40
CA ASN C 136 -43.99 3.00 -10.82
C ASN C 136 -43.97 1.58 -11.43
N TRP C 137 -44.04 0.53 -10.62
CA TRP C 137 -43.98 -0.88 -11.10
C TRP C 137 -44.41 -1.85 -10.01
N PRO C 138 -45.60 -1.68 -9.41
CA PRO C 138 -45.95 -2.44 -8.21
C PRO C 138 -46.02 -3.96 -8.41
N GLU C 139 -46.16 -4.40 -9.67
CA GLU C 139 -46.46 -5.82 -10.01
C GLU C 139 -45.14 -6.56 -10.29
N PHE C 140 -43.99 -5.91 -10.17
CA PHE C 140 -42.70 -6.52 -10.55
C PHE C 140 -42.53 -7.87 -9.86
N ILE C 141 -42.66 -7.90 -8.54
CA ILE C 141 -42.39 -9.12 -7.73
C ILE C 141 -43.44 -10.18 -8.03
N PRO C 142 -44.75 -9.90 -7.93
CA PRO C 142 -45.77 -10.89 -8.30
C PRO C 142 -45.53 -11.49 -9.69
N GLU C 143 -45.22 -10.67 -10.70
CA GLU C 143 -44.94 -11.14 -12.10
C GLU C 143 -43.67 -12.01 -12.15
N LEU C 144 -42.59 -11.61 -11.47
CA LEU C 144 -41.33 -12.39 -11.37
C LEU C 144 -41.63 -13.77 -10.77
N ILE C 145 -42.30 -13.79 -9.62
CA ILE C 145 -42.76 -15.03 -8.92
C ILE C 145 -43.62 -15.84 -9.90
N GLY C 146 -44.59 -15.20 -10.57
CA GLY C 146 -45.43 -15.83 -11.59
C GLY C 146 -44.61 -16.48 -12.69
N SER C 147 -43.80 -15.69 -13.41
CA SER C 147 -42.95 -16.07 -14.57
C SER C 147 -41.93 -17.15 -14.20
N SER C 148 -41.72 -17.48 -12.92
CA SER C 148 -40.67 -18.43 -12.45
C SER C 148 -41.13 -19.88 -12.69
N SER C 149 -42.42 -20.17 -12.53
CA SER C 149 -43.02 -21.53 -12.68
C SER C 149 -43.12 -21.94 -14.16
N SER C 150 -43.01 -20.98 -15.09
CA SER C 150 -43.14 -21.19 -16.57
C SER C 150 -41.90 -21.88 -17.17
N SER C 151 -40.74 -21.83 -16.52
CA SER C 151 -39.48 -22.39 -17.08
C SER C 151 -38.40 -22.42 -15.99
N VAL C 152 -37.54 -23.45 -16.04
CA VAL C 152 -36.41 -23.63 -15.07
C VAL C 152 -35.33 -22.58 -15.35
N ASN C 153 -35.14 -22.21 -16.62
CA ASN C 153 -34.16 -21.20 -17.07
C ASN C 153 -34.56 -19.82 -16.55
N VAL C 154 -35.85 -19.48 -16.63
CA VAL C 154 -36.41 -18.17 -16.18
C VAL C 154 -36.37 -18.15 -14.65
N CYS C 155 -36.76 -19.25 -14.00
CA CYS C 155 -36.73 -19.40 -12.52
C CYS C 155 -35.31 -19.13 -12.02
N GLU C 156 -34.31 -19.74 -12.67
CA GLU C 156 -32.87 -19.62 -12.31
C GLU C 156 -32.44 -18.17 -12.54
N ASN C 157 -32.75 -17.64 -13.71
CA ASN C 157 -32.41 -16.25 -14.06
C ASN C 157 -33.10 -15.28 -13.09
N ASN C 158 -34.33 -15.56 -12.62
CA ASN C 158 -35.03 -14.66 -11.65
C ASN C 158 -34.30 -14.61 -10.31
N MET C 159 -33.65 -15.70 -9.93
CA MET C 159 -32.82 -15.75 -8.70
C MET C 159 -31.59 -14.84 -8.89
N ILE C 160 -31.05 -14.73 -10.11
CA ILE C 160 -29.92 -13.82 -10.42
C ILE C 160 -30.38 -12.36 -10.29
N VAL C 161 -31.57 -12.04 -10.81
CA VAL C 161 -32.18 -10.69 -10.69
C VAL C 161 -32.33 -10.36 -9.20
N LEU C 162 -32.85 -11.28 -8.40
CA LEU C 162 -33.16 -10.97 -6.98
C LEU C 162 -31.88 -10.79 -6.19
N LYS C 163 -30.85 -11.59 -6.48
CA LYS C 163 -29.51 -11.48 -5.88
C LYS C 163 -28.94 -10.10 -6.19
N LEU C 164 -28.93 -9.72 -7.47
CA LEU C 164 -28.41 -8.40 -7.90
C LEU C 164 -29.22 -7.29 -7.24
N LEU C 165 -30.54 -7.41 -7.17
CA LEU C 165 -31.43 -6.42 -6.53
C LEU C 165 -31.02 -6.26 -5.07
N SER C 166 -30.87 -7.37 -4.35
CA SER C 166 -30.44 -7.39 -2.93
C SER C 166 -29.06 -6.71 -2.75
N GLU C 167 -28.05 -7.06 -3.54
CA GLU C 167 -26.70 -6.40 -3.51
C GLU C 167 -26.85 -4.89 -3.71
N GLU C 168 -27.60 -4.48 -4.73
CA GLU C 168 -27.73 -3.05 -5.13
C GLU C 168 -28.43 -2.27 -4.01
N VAL C 169 -29.41 -2.86 -3.34
CA VAL C 169 -30.24 -2.14 -2.32
C VAL C 169 -29.56 -2.16 -0.94
N PHE C 170 -28.98 -3.29 -0.54
CA PHE C 170 -28.45 -3.52 0.83
C PHE C 170 -26.93 -3.46 0.91
N ASP C 171 -26.18 -3.94 -0.09
CA ASP C 171 -24.70 -4.09 0.03
C ASP C 171 -23.95 -2.88 -0.56
N PHE C 172 -24.47 -2.23 -1.60
CA PHE C 172 -23.72 -1.21 -2.39
C PHE C 172 -24.51 0.10 -2.48
N SER C 173 -25.54 0.28 -1.66
CA SER C 173 -26.42 1.49 -1.71
C SER C 173 -25.75 2.65 -0.98
N ALA C 174 -24.95 2.38 0.04
CA ALA C 174 -24.46 3.41 0.99
C ALA C 174 -23.86 4.56 0.20
N GLU C 175 -23.03 4.27 -0.82
CA GLU C 175 -22.28 5.35 -1.51
C GLU C 175 -23.06 5.84 -2.75
N GLN C 176 -24.03 5.08 -3.24
CA GLN C 176 -24.53 5.21 -4.65
C GLN C 176 -25.93 5.78 -4.71
N MET C 177 -26.64 5.85 -3.57
CA MET C 177 -28.01 6.42 -3.49
C MET C 177 -28.08 7.41 -2.34
N THR C 178 -29.09 8.26 -2.32
CA THR C 178 -29.37 9.11 -1.16
C THR C 178 -29.86 8.20 -0.04
N GLN C 179 -29.67 8.65 1.19
CA GLN C 179 -30.20 7.95 2.38
C GLN C 179 -31.71 7.69 2.20
N ALA C 180 -32.48 8.67 1.71
CA ALA C 180 -33.96 8.53 1.54
C ALA C 180 -34.26 7.44 0.51
N LYS C 181 -33.52 7.38 -0.60
CA LYS C 181 -33.81 6.41 -1.67
C LYS C 181 -33.41 5.01 -1.19
N ALA C 182 -32.28 4.87 -0.51
CA ALA C 182 -31.81 3.57 0.01
C ALA C 182 -32.85 3.05 1.01
N LEU C 183 -33.32 3.89 1.93
CA LEU C 183 -34.34 3.48 2.93
C LEU C 183 -35.61 3.03 2.21
N HIS C 184 -36.06 3.78 1.21
CA HIS C 184 -37.27 3.46 0.42
C HIS C 184 -37.12 2.07 -0.23
N LEU C 185 -36.01 1.78 -0.90
CA LEU C 185 -35.81 0.48 -1.59
C LEU C 185 -35.63 -0.65 -0.57
N LYS C 186 -34.95 -0.41 0.57
CA LYS C 186 -34.82 -1.39 1.68
C LYS C 186 -36.20 -1.75 2.27
N ASN C 187 -37.04 -0.76 2.61
CA ASN C 187 -38.40 -1.01 3.13
C ASN C 187 -39.22 -1.76 2.08
N SER C 188 -39.06 -1.39 0.82
CA SER C 188 -39.81 -1.96 -0.31
C SER C 188 -39.45 -3.44 -0.48
N MET C 189 -38.18 -3.81 -0.35
CA MET C 189 -37.74 -5.23 -0.47
C MET C 189 -38.16 -5.99 0.78
N SER C 190 -38.00 -5.36 1.93
CA SER C 190 -38.44 -5.89 3.24
C SER C 190 -39.93 -6.22 3.17
N LYS C 191 -40.75 -5.32 2.63
CA LYS C 191 -42.23 -5.50 2.58
C LYS C 191 -42.55 -6.71 1.70
N GLU C 192 -41.81 -6.95 0.63
CA GLU C 192 -42.16 -8.01 -0.35
C GLU C 192 -41.38 -9.29 -0.06
N PHE C 193 -40.58 -9.34 1.01
CA PHE C 193 -39.64 -10.46 1.18
C PHE C 193 -40.39 -11.78 1.47
N GLU C 194 -41.47 -11.77 2.26
CA GLU C 194 -42.24 -12.99 2.58
C GLU C 194 -42.53 -13.77 1.27
N GLN C 195 -42.93 -13.07 0.21
CA GLN C 195 -43.22 -13.68 -1.13
C GLN C 195 -41.91 -14.16 -1.77
N ILE C 196 -40.83 -13.39 -1.68
CA ILE C 196 -39.54 -13.78 -2.30
C ILE C 196 -39.02 -15.06 -1.61
N PHE C 197 -39.17 -15.17 -0.30
CA PHE C 197 -38.60 -16.28 0.51
C PHE C 197 -39.32 -17.59 0.16
N LYS C 198 -40.65 -17.59 0.23
CA LYS C 198 -41.55 -18.68 -0.21
C LYS C 198 -40.98 -19.29 -1.50
N LEU C 199 -40.67 -18.46 -2.48
CA LEU C 199 -40.14 -18.87 -3.81
C LEU C 199 -38.78 -19.55 -3.65
N CYS C 200 -37.89 -18.96 -2.85
N CYS C 200 -37.89 -18.94 -2.86
CA CYS C 200 -36.54 -19.52 -2.59
CA CYS C 200 -36.53 -19.41 -2.49
C CYS C 200 -36.66 -20.85 -1.84
C CYS C 200 -36.64 -20.80 -1.83
N PHE C 201 -37.51 -20.91 -0.82
CA PHE C 201 -37.74 -22.15 -0.02
C PHE C 201 -38.28 -23.27 -0.92
N GLN C 202 -39.25 -22.96 -1.77
CA GLN C 202 -39.89 -23.96 -2.67
C GLN C 202 -38.79 -24.59 -3.53
N VAL C 203 -38.00 -23.77 -4.21
CA VAL C 203 -36.91 -24.26 -5.10
C VAL C 203 -35.98 -25.17 -4.29
N LEU C 204 -35.57 -24.73 -3.10
CA LEU C 204 -34.63 -25.51 -2.26
C LEU C 204 -35.29 -26.83 -1.85
N GLU C 205 -36.57 -26.80 -1.40
CA GLU C 205 -37.33 -28.01 -0.99
C GLU C 205 -37.51 -28.96 -2.18
N GLN C 206 -37.96 -28.46 -3.34
CA GLN C 206 -38.42 -29.30 -4.48
C GLN C 206 -37.47 -29.18 -5.68
N GLY C 207 -36.43 -28.37 -5.57
CA GLY C 207 -35.52 -28.12 -6.71
C GLY C 207 -34.78 -29.38 -7.10
N SER C 208 -34.74 -29.65 -8.40
CA SER C 208 -34.04 -30.82 -9.00
C SER C 208 -32.77 -30.38 -9.76
N SER C 209 -32.69 -29.13 -10.24
CA SER C 209 -31.62 -28.63 -11.15
C SER C 209 -30.51 -27.96 -10.31
N SER C 210 -29.27 -28.42 -10.47
CA SER C 210 -28.14 -27.99 -9.64
C SER C 210 -27.84 -26.51 -9.95
N SER C 211 -27.85 -26.10 -11.22
CA SER C 211 -27.60 -24.69 -11.61
C SER C 211 -28.67 -23.79 -10.95
N LEU C 212 -29.92 -24.24 -10.92
CA LEU C 212 -31.05 -23.52 -10.29
C LEU C 212 -30.84 -23.45 -8.79
N ILE C 213 -30.48 -24.57 -8.19
CA ILE C 213 -30.26 -24.67 -6.72
C ILE C 213 -29.12 -23.73 -6.34
N VAL C 214 -28.01 -23.76 -7.08
CA VAL C 214 -26.83 -22.91 -6.79
C VAL C 214 -27.23 -21.44 -6.90
N ALA C 215 -27.90 -21.02 -7.97
CA ALA C 215 -28.35 -19.62 -8.15
C ALA C 215 -29.27 -19.19 -6.98
N THR C 216 -30.16 -20.06 -6.53
CA THR C 216 -31.04 -19.81 -5.35
C THR C 216 -30.17 -19.63 -4.10
N LEU C 217 -29.19 -20.50 -3.86
CA LEU C 217 -28.35 -20.36 -2.65
C LEU C 217 -27.48 -19.09 -2.76
N GLU C 218 -27.06 -18.74 -3.97
CA GLU C 218 -26.26 -17.49 -4.20
C GLU C 218 -27.13 -16.30 -3.77
N SER C 219 -28.43 -16.30 -4.11
CA SER C 219 -29.32 -15.17 -3.74
C SER C 219 -29.53 -15.22 -2.22
N LEU C 220 -29.73 -16.40 -1.65
CA LEU C 220 -29.89 -16.55 -0.18
C LEU C 220 -28.70 -15.95 0.57
N LEU C 221 -27.46 -16.23 0.13
CA LEU C 221 -26.24 -15.66 0.77
C LEU C 221 -26.40 -14.14 0.86
N ARG C 222 -26.93 -13.50 -0.18
CA ARG C 222 -27.16 -12.02 -0.20
C ARG C 222 -28.29 -11.69 0.79
N TYR C 223 -29.38 -12.47 0.82
CA TYR C 223 -30.50 -12.20 1.74
C TYR C 223 -30.04 -12.24 3.20
N LEU C 224 -29.05 -13.10 3.53
CA LEU C 224 -28.66 -13.33 4.95
C LEU C 224 -27.98 -12.09 5.53
N HIS C 225 -27.51 -11.17 4.67
CA HIS C 225 -26.88 -9.89 5.08
C HIS C 225 -27.91 -9.02 5.77
N TRP C 226 -29.21 -9.20 5.52
CA TRP C 226 -30.25 -8.27 6.06
C TRP C 226 -31.53 -8.94 6.58
N ILE C 227 -31.88 -10.17 6.19
CA ILE C 227 -33.22 -10.71 6.58
C ILE C 227 -33.22 -11.07 8.06
N PRO C 228 -34.41 -11.01 8.72
CA PRO C 228 -34.54 -11.39 10.12
C PRO C 228 -34.29 -12.90 10.31
N TYR C 229 -33.78 -13.28 11.49
CA TYR C 229 -33.37 -14.67 11.85
C TYR C 229 -34.53 -15.66 11.67
N ARG C 230 -35.78 -15.26 11.94
CA ARG C 230 -36.93 -16.21 11.97
C ARG C 230 -37.07 -16.93 10.63
N TYR C 231 -36.69 -16.32 9.50
CA TYR C 231 -36.75 -16.99 8.17
C TYR C 231 -35.77 -18.17 8.07
N ILE C 232 -34.78 -18.23 8.94
CA ILE C 232 -33.76 -19.33 8.92
C ILE C 232 -34.13 -20.35 10.00
N TYR C 233 -34.37 -19.87 11.21
CA TYR C 233 -34.55 -20.71 12.42
C TYR C 233 -35.98 -21.25 12.51
N GLU C 234 -36.99 -20.57 11.97
CA GLU C 234 -38.42 -20.98 12.11
C GLU C 234 -38.92 -21.59 10.80
N THR C 235 -38.03 -22.00 9.92
CA THR C 235 -38.37 -22.83 8.73
C THR C 235 -37.45 -24.05 8.71
N ASN C 236 -37.57 -24.87 7.69
CA ASN C 236 -36.77 -26.10 7.53
C ASN C 236 -35.39 -25.74 6.95
N ILE C 237 -35.12 -24.47 6.67
CA ILE C 237 -33.98 -24.11 5.79
C ILE C 237 -32.68 -24.48 6.48
N LEU C 238 -32.52 -24.24 7.79
CA LEU C 238 -31.24 -24.57 8.50
C LEU C 238 -30.86 -26.02 8.25
N GLU C 239 -31.84 -26.93 8.35
CA GLU C 239 -31.65 -28.39 8.18
C GLU C 239 -31.23 -28.69 6.74
N LEU C 240 -31.88 -28.08 5.75
CA LEU C 240 -31.55 -28.31 4.31
C LEU C 240 -30.12 -27.84 4.06
N LEU C 241 -29.74 -26.67 4.58
CA LEU C 241 -28.36 -26.13 4.38
C LEU C 241 -27.37 -27.12 4.98
N SER C 242 -27.60 -27.55 6.23
CA SER C 242 -26.59 -28.26 7.06
C SER C 242 -26.55 -29.76 6.74
N THR C 243 -27.49 -30.29 5.92
CA THR C 243 -27.51 -31.72 5.51
C THR C 243 -27.43 -31.82 3.97
N LYS C 244 -28.57 -31.79 3.31
CA LYS C 244 -28.76 -32.02 1.86
C LYS C 244 -27.72 -31.24 1.05
N PHE C 245 -27.58 -29.93 1.27
CA PHE C 245 -26.78 -29.06 0.38
C PHE C 245 -25.29 -29.19 0.68
N MET C 246 -24.92 -29.70 1.86
CA MET C 246 -23.49 -30.00 2.17
C MET C 246 -23.02 -31.30 1.50
N THR C 247 -23.95 -32.21 1.18
CA THR C 247 -23.61 -33.56 0.65
C THR C 247 -23.20 -33.47 -0.83
N SER C 248 -23.81 -32.58 -1.63
CA SER C 248 -23.46 -32.47 -3.07
C SER C 248 -22.42 -31.36 -3.28
N PRO C 249 -21.36 -31.62 -4.06
CA PRO C 249 -20.27 -30.64 -4.23
C PRO C 249 -20.56 -29.47 -5.17
N ASP C 250 -21.61 -29.56 -5.98
CA ASP C 250 -22.21 -28.40 -6.70
C ASP C 250 -22.59 -27.31 -5.70
N THR C 251 -23.30 -27.67 -4.61
CA THR C 251 -23.96 -26.70 -3.68
C THR C 251 -23.13 -26.43 -2.41
N ARG C 252 -22.01 -27.11 -2.22
CA ARG C 252 -21.33 -27.24 -0.91
C ARG C 252 -20.60 -25.95 -0.57
N ALA C 253 -19.91 -25.35 -1.53
CA ALA C 253 -19.16 -24.10 -1.32
C ALA C 253 -20.15 -22.97 -1.04
N ILE C 254 -21.21 -22.83 -1.82
CA ILE C 254 -22.19 -21.73 -1.57
C ILE C 254 -22.87 -21.97 -0.21
N THR C 255 -23.15 -23.23 0.13
CA THR C 255 -23.88 -23.57 1.36
C THR C 255 -23.03 -23.20 2.58
N LEU C 256 -21.76 -23.59 2.56
CA LEU C 256 -20.80 -23.24 3.64
C LEU C 256 -20.75 -21.72 3.83
N LYS C 257 -20.77 -20.93 2.75
CA LYS C 257 -20.78 -19.44 2.84
C LYS C 257 -22.10 -18.96 3.46
N CYS C 258 -23.23 -19.59 3.13
CA CYS C 258 -24.55 -19.26 3.76
C CYS C 258 -24.47 -19.53 5.27
N LEU C 259 -23.90 -20.68 5.65
CA LEU C 259 -23.86 -21.11 7.07
C LEU C 259 -22.92 -20.20 7.85
N THR C 260 -21.87 -19.71 7.20
CA THR C 260 -21.01 -18.67 7.81
C THR C 260 -21.87 -17.45 8.09
N GLU C 261 -22.65 -16.99 7.11
CA GLU C 261 -23.53 -15.81 7.31
C GLU C 261 -24.63 -16.14 8.34
N VAL C 262 -25.15 -17.37 8.37
CA VAL C 262 -26.18 -17.77 9.37
C VAL C 262 -25.59 -17.60 10.76
N SER C 263 -24.33 -18.00 10.92
CA SER C 263 -23.58 -17.92 12.18
C SER C 263 -23.48 -16.46 12.63
N ASN C 264 -23.59 -15.49 11.71
CA ASN C 264 -23.52 -14.04 12.04
C ASN C 264 -24.91 -13.39 12.21
N LEU C 265 -26.03 -14.13 12.05
CA LEU C 265 -27.39 -13.53 12.17
C LEU C 265 -27.54 -12.91 13.54
N LYS C 266 -28.31 -11.83 13.67
CA LYS C 266 -28.68 -11.28 15.00
C LYS C 266 -29.77 -12.20 15.55
N ILE C 267 -29.54 -12.76 16.74
CA ILE C 267 -30.28 -13.93 17.30
C ILE C 267 -30.60 -13.64 18.77
N PRO C 268 -31.78 -14.03 19.29
CA PRO C 268 -32.05 -13.98 20.74
C PRO C 268 -31.04 -14.80 21.57
N GLN C 269 -30.67 -14.31 22.76
CA GLN C 269 -29.61 -14.86 23.65
C GLN C 269 -30.17 -15.81 24.74
N ASP C 270 -31.48 -15.77 24.97
CA ASP C 270 -32.12 -16.27 26.21
C ASP C 270 -33.08 -17.42 25.85
N ASN C 271 -32.80 -18.16 24.79
CA ASN C 271 -33.77 -19.09 24.16
C ASN C 271 -33.09 -20.44 23.90
N ASP C 272 -33.35 -21.42 24.78
CA ASP C 272 -32.77 -22.79 24.73
C ASP C 272 -33.02 -23.46 23.38
N LEU C 273 -34.17 -23.20 22.74
CA LEU C 273 -34.55 -23.88 21.46
C LEU C 273 -33.64 -23.37 20.33
N ILE C 274 -33.31 -22.09 20.36
CA ILE C 274 -32.44 -21.47 19.33
C ILE C 274 -31.02 -21.99 19.56
N LYS C 275 -30.56 -22.00 20.81
CA LYS C 275 -29.25 -22.62 21.19
C LYS C 275 -29.18 -24.03 20.59
N ARG C 276 -30.18 -24.86 20.84
CA ARG C 276 -30.19 -26.25 20.32
C ARG C 276 -30.12 -26.23 18.79
N GLN C 277 -30.84 -25.34 18.13
CA GLN C 277 -30.81 -25.28 16.64
C GLN C 277 -29.43 -24.83 16.15
N THR C 278 -28.76 -23.96 16.90
CA THR C 278 -27.44 -23.38 16.55
C THR C 278 -26.41 -24.49 16.63
N VAL C 279 -26.49 -25.31 17.67
CA VAL C 279 -25.68 -26.53 17.89
C VAL C 279 -25.96 -27.51 16.76
N LEU C 280 -27.24 -27.79 16.50
CA LEU C 280 -27.66 -28.85 15.55
C LEU C 280 -27.11 -28.56 14.15
N PHE C 281 -27.18 -27.34 13.65
CA PHE C 281 -26.76 -27.08 12.25
C PHE C 281 -25.23 -27.24 12.15
N PHE C 282 -24.50 -26.98 13.24
CA PHE C 282 -23.03 -27.15 13.31
C PHE C 282 -22.73 -28.65 13.27
N GLN C 283 -23.41 -29.40 14.13
CA GLN C 283 -23.25 -30.87 14.21
C GLN C 283 -23.51 -31.49 12.83
N ASN C 284 -24.61 -31.10 12.19
CA ASN C 284 -24.99 -31.61 10.84
C ASN C 284 -23.91 -31.29 9.83
N THR C 285 -23.38 -30.07 9.81
CA THR C 285 -22.39 -29.63 8.80
C THR C 285 -21.09 -30.41 9.00
N LEU C 286 -20.55 -30.50 10.23
CA LEU C 286 -19.30 -31.27 10.51
C LEU C 286 -19.53 -32.76 10.20
N GLN C 287 -20.71 -33.33 10.49
CA GLN C 287 -20.96 -34.77 10.15
C GLN C 287 -20.91 -34.90 8.62
N GLN C 288 -21.51 -34.00 7.85
CA GLN C 288 -21.49 -34.09 6.37
C GLN C 288 -20.04 -33.93 5.88
N ILE C 289 -19.23 -33.05 6.51
CA ILE C 289 -17.81 -32.90 6.10
C ILE C 289 -17.10 -34.24 6.35
N ALA C 290 -17.26 -34.84 7.54
CA ALA C 290 -16.52 -36.05 7.97
C ALA C 290 -16.90 -37.26 7.11
N THR C 291 -18.14 -37.31 6.59
CA THR C 291 -18.66 -38.47 5.84
C THR C 291 -18.53 -38.24 4.32
N SER C 292 -18.67 -37.01 3.83
CA SER C 292 -18.80 -36.76 2.38
C SER C 292 -17.53 -36.15 1.80
N VAL C 293 -16.68 -35.54 2.62
CA VAL C 293 -15.54 -34.74 2.10
C VAL C 293 -14.23 -35.30 2.63
N MET C 294 -13.93 -35.16 3.92
CA MET C 294 -12.71 -35.76 4.49
C MET C 294 -12.87 -35.91 5.99
N PRO C 295 -12.25 -36.96 6.55
CA PRO C 295 -12.26 -37.14 8.00
C PRO C 295 -11.32 -36.15 8.70
N VAL C 296 -11.44 -36.09 10.01
CA VAL C 296 -10.72 -35.15 10.91
C VAL C 296 -9.21 -35.37 10.80
N THR C 297 -8.79 -36.57 10.43
CA THR C 297 -7.36 -36.97 10.35
C THR C 297 -6.76 -36.57 9.01
N ALA C 298 -7.55 -36.18 8.01
CA ALA C 298 -7.06 -35.93 6.63
C ALA C 298 -5.93 -34.89 6.67
N ASP C 299 -4.95 -35.06 5.78
CA ASP C 299 -3.76 -34.19 5.64
C ASP C 299 -4.17 -33.05 4.71
N LEU C 300 -4.75 -31.99 5.27
CA LEU C 300 -5.28 -30.85 4.50
C LEU C 300 -4.11 -30.07 3.86
N LYS C 301 -2.94 -30.05 4.50
CA LYS C 301 -1.75 -29.44 3.91
C LYS C 301 -1.49 -30.07 2.55
N ALA C 302 -1.49 -31.40 2.48
CA ALA C 302 -1.23 -32.15 1.25
C ALA C 302 -2.33 -31.84 0.22
N THR C 303 -3.59 -31.91 0.64
CA THR C 303 -4.74 -31.70 -0.26
C THR C 303 -4.64 -30.31 -0.88
N TYR C 304 -4.48 -29.29 -0.05
CA TYR C 304 -4.46 -27.88 -0.49
C TYR C 304 -3.35 -27.72 -1.54
N ALA C 305 -2.15 -28.25 -1.24
CA ALA C 305 -0.94 -28.19 -2.08
C ALA C 305 -1.28 -28.76 -3.47
N ASN C 306 -1.95 -29.93 -3.52
CA ASN C 306 -2.33 -30.65 -4.76
C ASN C 306 -3.27 -29.78 -5.59
N ALA C 307 -4.12 -28.98 -4.94
CA ALA C 307 -4.96 -27.93 -5.56
C ALA C 307 -5.86 -28.55 -6.65
N ASN C 308 -6.44 -29.73 -6.40
CA ASN C 308 -7.37 -30.39 -7.35
C ASN C 308 -8.67 -29.61 -7.35
N GLY C 309 -9.26 -29.35 -8.53
CA GLY C 309 -10.51 -28.58 -8.69
C GLY C 309 -10.62 -27.40 -7.72
N ASN C 310 -11.64 -27.43 -6.86
CA ASN C 310 -12.11 -26.29 -6.03
C ASN C 310 -11.71 -26.49 -4.57
N ASP C 311 -10.71 -27.33 -4.32
CA ASP C 311 -10.36 -27.82 -2.98
C ASP C 311 -9.87 -26.60 -2.18
N GLN C 312 -9.03 -25.75 -2.78
CA GLN C 312 -8.42 -24.60 -2.09
C GLN C 312 -9.53 -23.65 -1.62
N SER C 313 -10.47 -23.30 -2.48
CA SER C 313 -11.60 -22.43 -2.09
C SER C 313 -12.44 -23.08 -0.98
N PHE C 314 -12.72 -24.37 -1.10
CA PHE C 314 -13.55 -25.09 -0.11
C PHE C 314 -12.83 -25.08 1.26
N LEU C 315 -11.55 -25.36 1.28
CA LEU C 315 -10.78 -25.38 2.57
C LEU C 315 -10.73 -23.95 3.15
N GLN C 316 -10.55 -22.91 2.35
CA GLN C 316 -10.63 -21.51 2.83
C GLN C 316 -12.02 -21.25 3.44
N ASP C 317 -13.09 -21.67 2.74
CA ASP C 317 -14.49 -21.48 3.21
C ASP C 317 -14.71 -22.26 4.51
N LEU C 318 -14.09 -23.42 4.65
CA LEU C 318 -14.25 -24.26 5.86
C LEU C 318 -13.57 -23.54 7.03
N ALA C 319 -12.39 -22.98 6.80
CA ALA C 319 -11.65 -22.23 7.85
C ALA C 319 -12.53 -21.06 8.29
N MET C 320 -13.15 -20.34 7.35
CA MET C 320 -13.96 -19.14 7.65
C MET C 320 -15.20 -19.58 8.44
N PHE C 321 -15.86 -20.65 8.00
CA PHE C 321 -17.07 -21.15 8.70
C PHE C 321 -16.71 -21.59 10.14
N LEU C 322 -15.70 -22.41 10.32
CA LEU C 322 -15.35 -22.93 11.67
C LEU C 322 -14.95 -21.74 12.56
N THR C 323 -14.07 -20.86 12.10
CA THR C 323 -13.55 -19.75 12.96
C THR C 323 -14.73 -18.84 13.31
N THR C 324 -15.63 -18.53 12.36
CA THR C 324 -16.78 -17.61 12.59
C THR C 324 -17.76 -18.26 13.59
N TYR C 325 -18.19 -19.49 13.34
CA TYR C 325 -19.13 -20.17 14.27
C TYR C 325 -18.49 -20.29 15.66
N LEU C 326 -17.25 -20.77 15.76
CA LEU C 326 -16.66 -21.07 17.10
C LEU C 326 -16.41 -19.77 17.86
N ALA C 327 -15.96 -18.71 17.21
CA ALA C 327 -15.71 -17.41 17.89
C ALA C 327 -17.02 -16.93 18.52
N ARG C 328 -18.17 -17.22 17.92
CA ARG C 328 -19.47 -16.79 18.48
C ARG C 328 -20.02 -17.85 19.45
N ASN C 329 -19.86 -19.16 19.19
CA ASN C 329 -20.74 -20.22 19.77
C ASN C 329 -19.97 -21.30 20.55
N ARG C 330 -18.64 -21.26 20.65
CA ARG C 330 -17.99 -22.45 21.26
C ARG C 330 -18.50 -22.67 22.68
N ALA C 331 -18.93 -21.62 23.39
CA ALA C 331 -19.43 -21.76 24.78
C ALA C 331 -20.72 -22.59 24.79
N LEU C 332 -21.49 -22.63 23.70
CA LEU C 332 -22.65 -23.58 23.59
C LEU C 332 -22.16 -25.02 23.63
N LEU C 333 -20.97 -25.29 23.12
CA LEU C 333 -20.49 -26.69 22.98
C LEU C 333 -19.69 -27.10 24.21
N GLU C 334 -19.33 -26.18 25.10
CA GLU C 334 -18.27 -26.46 26.12
C GLU C 334 -18.86 -27.15 27.35
N SER C 335 -20.08 -26.81 27.77
CA SER C 335 -20.65 -27.21 29.09
C SER C 335 -21.28 -28.63 29.07
N ASP C 336 -21.57 -29.19 27.89
CA ASP C 336 -22.34 -30.46 27.73
C ASP C 336 -21.41 -31.57 27.24
N GLU C 337 -21.35 -32.68 27.97
CA GLU C 337 -20.39 -33.78 27.73
C GLU C 337 -20.60 -34.37 26.34
N SER C 338 -21.86 -34.40 25.88
CA SER C 338 -22.27 -35.02 24.60
C SER C 338 -21.82 -34.17 23.41
N LEU C 339 -21.48 -32.88 23.61
CA LEU C 339 -20.98 -31.98 22.53
C LEU C 339 -19.45 -31.85 22.57
N ARG C 340 -18.78 -32.57 23.47
CA ARG C 340 -17.31 -32.50 23.66
C ARG C 340 -16.61 -32.94 22.36
N GLU C 341 -17.02 -34.08 21.79
CA GLU C 341 -16.37 -34.66 20.60
C GLU C 341 -16.55 -33.71 19.40
N LEU C 342 -17.73 -33.11 19.27
CA LEU C 342 -18.03 -32.13 18.20
C LEU C 342 -17.11 -30.91 18.35
N LEU C 343 -17.00 -30.37 19.56
CA LEU C 343 -16.12 -29.22 19.89
C LEU C 343 -14.69 -29.55 19.48
N LEU C 344 -14.16 -30.68 19.91
CA LEU C 344 -12.73 -31.00 19.67
C LEU C 344 -12.52 -31.41 18.22
N ASN C 345 -13.50 -32.01 17.55
CA ASN C 345 -13.40 -32.34 16.10
C ASN C 345 -13.29 -31.04 15.31
N ALA C 346 -14.12 -30.06 15.64
CA ALA C 346 -14.16 -28.77 14.94
C ALA C 346 -12.77 -28.12 15.07
N HIS C 347 -12.22 -28.17 16.28
CA HIS C 347 -10.88 -27.60 16.56
C HIS C 347 -9.81 -28.43 15.86
N GLN C 348 -9.96 -29.74 15.83
CA GLN C 348 -8.96 -30.61 15.14
C GLN C 348 -8.94 -30.26 13.65
N TYR C 349 -10.10 -30.02 13.02
CA TYR C 349 -10.13 -29.53 11.61
C TYR C 349 -9.35 -28.21 11.51
N LEU C 350 -9.53 -27.32 12.47
CA LEU C 350 -8.80 -26.01 12.47
C LEU C 350 -7.30 -26.24 12.63
N ILE C 351 -6.87 -27.17 13.47
CA ILE C 351 -5.44 -27.57 13.55
C ILE C 351 -4.97 -28.04 12.16
N GLN C 352 -5.74 -28.89 11.49
CA GLN C 352 -5.31 -29.40 10.16
C GLN C 352 -5.30 -28.25 9.14
N LEU C 353 -6.21 -27.29 9.23
CA LEU C 353 -6.23 -26.15 8.28
C LEU C 353 -5.03 -25.24 8.51
N SER C 354 -4.57 -25.17 9.77
CA SER C 354 -3.48 -24.28 10.22
C SER C 354 -2.16 -24.83 9.74
N LYS C 355 -2.08 -26.07 9.26
CA LYS C 355 -0.82 -26.61 8.72
C LYS C 355 -0.68 -26.35 7.21
N ILE C 356 -1.73 -25.90 6.54
CA ILE C 356 -1.69 -25.57 5.09
C ILE C 356 -0.60 -24.49 4.87
N GLU C 357 0.17 -24.62 3.80
CA GLU C 357 1.23 -23.66 3.42
C GLU C 357 0.55 -22.61 2.53
N GLU C 358 -0.05 -21.61 3.16
CA GLU C 358 -0.82 -20.52 2.53
C GLU C 358 -0.94 -19.42 3.57
N ARG C 359 -0.10 -18.42 3.44
CA ARG C 359 0.05 -17.38 4.46
C ARG C 359 -1.31 -16.77 4.80
N GLU C 360 -2.11 -16.42 3.81
CA GLU C 360 -3.36 -15.66 4.09
C GLU C 360 -4.38 -16.55 4.82
N LEU C 361 -4.36 -17.86 4.57
CA LEU C 361 -5.26 -18.79 5.29
C LEU C 361 -4.73 -18.91 6.73
N PHE C 362 -3.42 -19.04 6.89
CA PHE C 362 -2.77 -19.19 8.21
C PHE C 362 -3.16 -18.01 9.08
N LYS C 363 -3.21 -16.81 8.50
CA LYS C 363 -3.56 -15.59 9.26
C LYS C 363 -5.01 -15.65 9.72
N THR C 364 -5.89 -16.24 8.90
CA THR C 364 -7.33 -16.30 9.25
C THR C 364 -7.45 -17.20 10.47
N THR C 365 -6.79 -18.36 10.44
CA THR C 365 -6.84 -19.34 11.55
C THR C 365 -6.12 -18.76 12.75
N LEU C 366 -4.99 -18.05 12.56
CA LEU C 366 -4.24 -17.42 13.69
C LEU C 366 -5.12 -16.41 14.45
N ASP C 367 -5.93 -15.62 13.76
CA ASP C 367 -6.89 -14.71 14.42
C ASP C 367 -7.85 -15.53 15.28
N TYR C 368 -8.28 -16.70 14.83
CA TYR C 368 -9.19 -17.50 15.68
C TYR C 368 -8.39 -18.01 16.90
N TRP C 369 -7.22 -18.58 16.68
CA TRP C 369 -6.41 -19.14 17.78
C TRP C 369 -6.11 -18.08 18.84
N HIS C 370 -5.82 -16.86 18.41
CA HIS C 370 -5.61 -15.69 19.31
C HIS C 370 -6.86 -15.47 20.17
N ASN C 371 -8.04 -15.44 19.55
CA ASN C 371 -9.33 -15.36 20.27
C ASN C 371 -9.42 -16.52 21.28
N LEU C 372 -9.09 -17.76 20.89
CA LEU C 372 -9.32 -18.91 21.79
C LEU C 372 -8.33 -18.86 22.97
N VAL C 373 -7.04 -18.68 22.72
CA VAL C 373 -6.03 -18.85 23.80
C VAL C 373 -6.13 -17.67 24.78
N ALA C 374 -6.51 -16.47 24.31
CA ALA C 374 -6.85 -15.30 25.17
C ALA C 374 -7.99 -15.68 26.12
N ASP C 375 -9.05 -16.30 25.62
CA ASP C 375 -10.16 -16.79 26.48
C ASP C 375 -9.67 -17.82 27.51
N LEU C 376 -8.83 -18.77 27.09
CA LEU C 376 -8.34 -19.84 28.01
C LEU C 376 -7.48 -19.21 29.11
N PHE C 377 -6.81 -18.09 28.80
CA PHE C 377 -5.92 -17.36 29.71
C PHE C 377 -6.76 -16.71 30.82
N TYR C 378 -7.97 -16.26 30.52
CA TYR C 378 -8.84 -15.51 31.45
C TYR C 378 -10.01 -16.36 31.95
N GLU C 379 -10.63 -17.17 31.09
CA GLU C 379 -11.93 -17.77 31.42
C GLU C 379 -11.67 -18.93 32.39
N PRO C 380 -12.43 -19.05 33.57
CA PRO C 380 -12.27 -20.14 34.53
C PRO C 380 -12.77 -21.48 33.97
N LEU C 381 -12.05 -22.56 34.28
CA LEU C 381 -12.39 -23.98 34.02
C LEU C 381 -12.52 -24.25 32.52
N LYS C 382 -11.70 -23.65 31.66
CA LYS C 382 -11.80 -23.87 30.21
C LYS C 382 -10.53 -24.54 29.65
N LYS C 383 -9.34 -24.16 30.15
CA LYS C 383 -8.06 -24.56 29.51
C LYS C 383 -8.01 -26.08 29.41
N HIS C 384 -8.50 -26.83 30.41
CA HIS C 384 -8.34 -28.33 30.48
C HIS C 384 -9.02 -29.01 29.29
N ILE C 385 -10.12 -28.45 28.76
CA ILE C 385 -10.84 -28.93 27.56
C ILE C 385 -9.88 -29.01 26.36
N TYR C 386 -9.02 -28.01 26.22
CA TYR C 386 -8.28 -27.77 24.97
C TYR C 386 -6.81 -28.21 25.07
N GLU C 387 -6.43 -29.01 26.09
CA GLU C 387 -5.02 -29.41 26.33
C GLU C 387 -4.41 -29.98 25.04
N GLU C 388 -5.09 -30.92 24.38
CA GLU C 388 -4.51 -31.61 23.20
C GLU C 388 -4.50 -30.65 22.00
N ILE C 389 -5.55 -29.83 21.84
CA ILE C 389 -5.57 -28.80 20.75
C ILE C 389 -4.40 -27.84 20.98
N CYS C 390 -4.19 -27.39 22.22
CA CYS C 390 -3.15 -26.41 22.57
C CYS C 390 -1.76 -26.97 22.30
N SER C 391 -1.55 -28.26 22.57
CA SER C 391 -0.24 -28.93 22.40
C SER C 391 0.14 -28.96 20.93
N GLN C 392 -0.81 -29.34 20.09
CA GLN C 392 -0.66 -29.35 18.62
C GLN C 392 -0.40 -27.91 18.15
N LEU C 393 -1.15 -26.94 18.69
CA LEU C 393 -1.05 -25.54 18.27
C LEU C 393 0.34 -25.00 18.61
N ARG C 394 0.91 -25.38 19.74
CA ARG C 394 2.28 -24.94 20.12
C ARG C 394 3.22 -25.31 18.96
N LEU C 395 3.13 -26.54 18.47
CA LEU C 395 4.03 -27.03 17.40
C LEU C 395 3.73 -26.25 16.11
N VAL C 396 2.46 -26.04 15.75
CA VAL C 396 2.14 -25.29 14.50
C VAL C 396 2.72 -23.87 14.60
N ILE C 397 2.62 -23.18 15.73
CA ILE C 397 3.09 -21.76 15.85
C ILE C 397 4.63 -21.73 15.79
N ILE C 398 5.29 -22.61 16.54
CA ILE C 398 6.79 -22.63 16.62
C ILE C 398 7.33 -22.90 15.22
N GLU C 399 6.74 -23.84 14.49
CA GLU C 399 7.22 -24.23 13.13
C GLU C 399 6.88 -23.13 12.12
N ASN C 400 5.99 -22.18 12.44
CA ASN C 400 5.54 -21.13 11.50
C ASN C 400 6.03 -19.74 11.92
N MET C 401 6.88 -19.62 12.95
CA MET C 401 7.28 -18.29 13.45
C MET C 401 8.06 -17.59 12.31
N VAL C 402 7.66 -16.35 12.04
CA VAL C 402 8.31 -15.48 11.03
C VAL C 402 9.25 -14.56 11.82
N ARG C 403 10.14 -13.86 11.11
CA ARG C 403 11.08 -12.92 11.75
C ARG C 403 10.32 -11.69 12.23
N PRO C 404 10.82 -10.96 13.24
CA PRO C 404 10.15 -9.78 13.77
C PRO C 404 9.93 -8.61 12.78
N GLU C 405 10.69 -8.56 11.69
CA GLU C 405 10.55 -7.54 10.60
C GLU C 405 9.15 -7.64 9.95
N GLU C 406 8.55 -8.83 9.89
CA GLU C 406 7.14 -8.99 9.46
C GLU C 406 6.26 -8.71 10.67
N ILE C 407 6.05 -7.34 10.99
CA ILE C 407 5.61 -6.78 12.30
C ILE C 407 4.24 -7.35 12.73
N GLN C 408 3.23 -7.32 11.86
CA GLN C 408 1.87 -7.71 12.28
C GLN C 408 1.84 -9.23 12.52
N LEU C 409 2.41 -10.04 11.61
CA LEU C 409 2.33 -11.52 11.69
C LEU C 409 3.14 -11.98 12.92
N TYR C 410 4.31 -11.39 13.16
CA TYR C 410 5.18 -11.77 14.30
C TYR C 410 4.46 -11.46 15.60
N LYS C 411 3.85 -10.29 15.64
CA LYS C 411 3.07 -9.85 16.81
C LYS C 411 1.96 -10.88 17.12
N SER C 412 1.11 -11.19 16.16
CA SER C 412 0.00 -12.17 16.32
C SER C 412 0.58 -13.50 16.79
N GLU C 413 1.65 -13.96 16.15
CA GLU C 413 2.19 -15.30 16.46
C GLU C 413 2.78 -15.28 17.88
N ARG C 414 3.54 -14.23 18.19
CA ARG C 414 4.16 -14.07 19.53
C ARG C 414 3.04 -14.14 20.55
N GLU C 415 1.98 -13.35 20.36
CA GLU C 415 0.94 -13.22 21.41
C GLU C 415 0.29 -14.59 21.60
N VAL C 416 0.09 -15.34 20.52
CA VAL C 416 -0.54 -16.68 20.63
C VAL C 416 0.41 -17.58 21.40
N LEU C 417 1.69 -17.51 21.09
CA LEU C 417 2.69 -18.41 21.69
C LEU C 417 2.89 -18.07 23.17
N VAL C 418 2.87 -16.78 23.50
CA VAL C 418 2.99 -16.30 24.92
C VAL C 418 1.81 -16.85 25.73
N TYR C 419 0.62 -16.75 25.20
CA TYR C 419 -0.58 -17.29 25.88
C TYR C 419 -0.44 -18.79 26.06
N LEU C 420 -0.04 -19.49 25.00
CA LEU C 420 0.12 -20.97 25.09
C LEU C 420 1.22 -21.31 26.09
N THR C 421 2.28 -20.51 26.22
CA THR C 421 3.43 -20.83 27.09
C THR C 421 2.96 -20.74 28.55
N HIS C 422 2.19 -19.69 28.87
CA HIS C 422 1.52 -19.53 30.18
C HIS C 422 0.67 -20.76 30.52
N LEU C 423 -0.15 -21.23 29.59
CA LEU C 423 -1.09 -22.35 29.81
C LEU C 423 -0.33 -23.66 30.08
N ASN C 424 0.86 -23.87 29.49
CA ASN C 424 1.68 -25.07 29.79
C ASN C 424 3.13 -24.79 29.37
N VAL C 425 3.91 -24.25 30.28
CA VAL C 425 5.33 -23.87 30.07
C VAL C 425 6.17 -25.11 29.74
N ILE C 426 5.91 -26.22 30.44
CA ILE C 426 6.66 -27.50 30.29
C ILE C 426 6.52 -27.99 28.84
N ASP C 427 5.29 -28.02 28.32
CA ASP C 427 5.04 -28.49 26.93
C ASP C 427 5.75 -27.55 25.94
N THR C 428 5.69 -26.24 26.14
CA THR C 428 6.40 -25.29 25.25
C THR C 428 7.91 -25.56 25.29
N GLU C 429 8.47 -25.66 26.49
CA GLU C 429 9.93 -25.88 26.67
C GLU C 429 10.33 -27.18 25.98
N GLU C 430 9.59 -28.26 26.18
CA GLU C 430 9.93 -29.60 25.64
C GLU C 430 9.95 -29.53 24.12
N ILE C 431 8.93 -28.92 23.54
CA ILE C 431 8.83 -28.79 22.07
C ILE C 431 10.02 -27.97 21.56
N MET C 432 10.43 -26.92 22.26
CA MET C 432 11.55 -26.09 21.77
C MET C 432 12.88 -26.85 21.88
N ILE C 433 13.11 -27.51 23.01
CA ILE C 433 14.34 -28.29 23.26
C ILE C 433 14.39 -29.44 22.25
N SER C 434 13.30 -30.17 22.04
CA SER C 434 13.33 -31.32 21.10
C SER C 434 13.51 -30.82 19.65
N LYS C 435 13.00 -29.65 19.29
CA LYS C 435 13.23 -29.07 17.93
C LYS C 435 14.71 -28.71 17.77
N LEU C 436 15.34 -28.23 18.84
CA LEU C 436 16.79 -27.90 18.90
C LEU C 436 17.62 -29.18 18.75
N ALA C 437 17.22 -30.28 19.38
CA ALA C 437 17.87 -31.61 19.27
C ALA C 437 17.85 -32.08 17.80
N ARG C 438 16.78 -31.82 17.05
CA ARG C 438 16.65 -32.21 15.62
C ARG C 438 17.46 -31.24 14.73
N GLN C 439 17.84 -30.07 15.24
CA GLN C 439 18.85 -29.21 14.56
C GLN C 439 20.22 -29.84 14.78
N ILE C 440 20.53 -30.22 16.02
CA ILE C 440 21.88 -30.73 16.42
C ILE C 440 22.12 -32.11 15.77
N ASP C 441 21.11 -32.97 15.69
CA ASP C 441 21.29 -34.32 15.09
C ASP C 441 21.20 -34.24 13.56
N GLY C 442 20.85 -33.08 12.98
CA GLY C 442 20.91 -32.84 11.52
C GLY C 442 19.64 -33.24 10.79
N SER C 443 18.72 -33.98 11.42
CA SER C 443 17.52 -34.51 10.73
C SER C 443 16.73 -33.36 10.11
N GLU C 444 16.58 -32.24 10.84
CA GLU C 444 15.78 -31.04 10.42
C GLU C 444 16.67 -29.81 10.23
N TRP C 445 17.99 -29.98 10.14
CA TRP C 445 18.95 -28.84 10.01
C TRP C 445 18.71 -28.10 8.68
N SER C 446 18.54 -26.79 8.77
CA SER C 446 18.61 -25.83 7.63
C SER C 446 18.74 -24.44 8.22
N TRP C 447 19.25 -23.47 7.47
CA TRP C 447 19.30 -22.06 7.91
C TRP C 447 17.88 -21.60 8.31
N HIS C 448 16.90 -21.82 7.44
CA HIS C 448 15.51 -21.39 7.69
C HIS C 448 15.01 -22.00 9.01
N ASN C 449 15.36 -23.25 9.27
CA ASN C 449 14.81 -24.00 10.43
C ASN C 449 15.46 -23.46 11.70
N ILE C 450 16.78 -23.24 11.71
CA ILE C 450 17.45 -22.79 12.96
C ILE C 450 17.01 -21.34 13.24
N ASN C 451 16.80 -20.56 12.18
CA ASN C 451 16.32 -19.15 12.28
C ASN C 451 14.92 -19.13 12.89
N THR C 452 14.01 -19.89 12.29
CA THR C 452 12.60 -20.03 12.73
C THR C 452 12.60 -20.37 14.23
N LEU C 453 13.31 -21.42 14.62
CA LEU C 453 13.35 -21.88 16.03
C LEU C 453 13.84 -20.74 16.94
N SER C 454 14.89 -20.04 16.54
CA SER C 454 15.48 -18.89 17.28
C SER C 454 14.45 -17.77 17.47
N TRP C 455 13.71 -17.43 16.42
CA TRP C 455 12.65 -16.41 16.52
C TRP C 455 11.59 -16.90 17.52
N ALA C 456 11.18 -18.17 17.45
CA ALA C 456 10.17 -18.74 18.37
C ALA C 456 10.70 -18.63 19.81
N ILE C 457 11.93 -19.08 20.06
CA ILE C 457 12.51 -19.10 21.42
C ILE C 457 12.56 -17.66 21.95
N GLY C 458 12.96 -16.71 21.09
CA GLY C 458 13.03 -15.29 21.45
C GLY C 458 11.67 -14.72 21.81
N SER C 459 10.62 -15.15 21.10
CA SER C 459 9.26 -14.55 21.20
C SER C 459 8.70 -14.74 22.60
N ILE C 460 9.13 -15.77 23.34
CA ILE C 460 8.45 -16.14 24.62
C ILE C 460 9.21 -15.55 25.80
N SER C 461 10.30 -14.83 25.59
CA SER C 461 11.02 -14.09 26.64
C SER C 461 10.02 -13.39 27.56
N GLY C 462 10.13 -13.62 28.88
CA GLY C 462 9.33 -12.92 29.91
C GLY C 462 8.11 -13.70 30.35
N THR C 463 7.83 -14.87 29.78
CA THR C 463 6.62 -15.66 30.08
C THR C 463 6.89 -16.68 31.19
N MET C 464 8.13 -17.16 31.28
CA MET C 464 8.58 -18.11 32.32
C MET C 464 8.95 -17.35 33.60
N SER C 465 8.94 -18.04 34.73
CA SER C 465 9.56 -17.57 35.98
C SER C 465 11.06 -17.36 35.72
N GLU C 466 11.68 -16.40 36.40
CA GLU C 466 13.13 -16.12 36.34
C GLU C 466 13.92 -17.43 36.48
N LYS C 467 13.58 -18.31 37.42
CA LYS C 467 14.27 -19.62 37.67
C LYS C 467 14.13 -20.53 36.44
N THR C 468 12.90 -20.71 35.93
CA THR C 468 12.65 -21.62 34.77
C THR C 468 13.35 -21.01 33.55
N GLU C 469 13.24 -19.69 33.41
CA GLU C 469 13.90 -18.96 32.31
C GLU C 469 15.40 -19.21 32.32
N LYS C 470 16.02 -19.09 33.48
CA LYS C 470 17.48 -19.26 33.64
C LYS C 470 17.87 -20.66 33.14
N ARG C 471 17.27 -21.71 33.68
CA ARG C 471 17.59 -23.11 33.27
C ARG C 471 17.36 -23.24 31.76
N PHE C 472 16.26 -22.68 31.24
CA PHE C 472 15.88 -22.73 29.80
C PHE C 472 16.95 -22.05 28.94
N VAL C 473 17.33 -20.84 29.31
CA VAL C 473 18.26 -20.01 28.48
C VAL C 473 19.61 -20.73 28.41
N VAL C 474 20.11 -21.18 29.56
CA VAL C 474 21.40 -21.92 29.68
C VAL C 474 21.32 -23.11 28.71
N THR C 475 20.24 -23.89 28.76
CA THR C 475 20.09 -25.10 27.91
C THR C 475 20.17 -24.69 26.44
N VAL C 476 19.43 -23.65 26.04
CA VAL C 476 19.39 -23.20 24.62
C VAL C 476 20.78 -22.71 24.20
N ILE C 477 21.48 -21.90 24.99
CA ILE C 477 22.82 -21.35 24.61
C ILE C 477 23.84 -22.50 24.52
N LYS C 478 23.93 -23.32 25.57
CA LYS C 478 24.69 -24.59 25.55
C LYS C 478 24.45 -25.28 24.21
N ASP C 479 23.19 -25.52 23.86
CA ASP C 479 22.82 -26.30 22.64
C ASP C 479 23.27 -25.57 21.37
N LEU C 480 23.01 -24.27 21.28
CA LEU C 480 23.37 -23.46 20.08
C LEU C 480 24.89 -23.40 19.91
N LEU C 481 25.63 -23.32 21.02
CA LEU C 481 27.12 -23.32 21.05
C LEU C 481 27.64 -24.66 20.54
N GLY C 482 27.13 -25.77 21.06
CA GLY C 482 27.47 -27.12 20.56
C GLY C 482 27.24 -27.18 19.06
N LEU C 483 26.09 -26.68 18.62
CA LEU C 483 25.68 -26.61 17.19
C LEU C 483 26.71 -25.79 16.40
N CYS C 484 27.09 -24.62 16.90
CA CYS C 484 28.15 -23.75 16.32
C CYS C 484 29.43 -24.56 16.09
N GLU C 485 30.08 -25.03 17.16
CA GLU C 485 31.34 -25.81 17.09
C GLU C 485 31.19 -26.91 16.02
N GLN C 486 30.07 -27.63 16.07
CA GLN C 486 29.80 -28.84 15.26
C GLN C 486 29.70 -28.51 13.76
N LYS C 487 29.33 -27.27 13.39
CA LYS C 487 29.13 -26.86 11.98
C LYS C 487 30.45 -26.42 11.32
N ARG C 488 30.57 -26.71 10.02
CA ARG C 488 31.80 -26.53 9.19
C ARG C 488 31.54 -25.41 8.19
N GLY C 489 32.56 -24.60 7.89
CA GLY C 489 32.45 -23.48 6.94
C GLY C 489 31.83 -22.30 7.63
N LYS C 490 32.13 -21.09 7.16
CA LYS C 490 31.85 -19.84 7.91
C LYS C 490 30.39 -19.44 7.68
N ASP C 491 29.75 -19.91 6.61
CA ASP C 491 28.31 -19.65 6.34
C ASP C 491 27.48 -20.26 7.47
N ASN C 492 27.67 -21.55 7.74
CA ASN C 492 26.95 -22.28 8.81
C ASN C 492 27.22 -21.62 10.16
N LYS C 493 28.49 -21.33 10.45
CA LYS C 493 28.91 -20.70 11.73
C LYS C 493 28.30 -19.29 11.87
N ALA C 494 28.20 -18.52 10.78
CA ALA C 494 27.64 -17.14 10.81
C ALA C 494 26.14 -17.21 11.14
N VAL C 495 25.44 -18.20 10.59
CA VAL C 495 24.00 -18.41 10.81
C VAL C 495 23.76 -18.69 12.30
N VAL C 496 24.54 -19.59 12.89
CA VAL C 496 24.33 -20.05 14.29
C VAL C 496 24.74 -18.89 15.22
N ALA C 497 25.86 -18.22 14.93
CA ALA C 497 26.31 -17.01 15.65
C ALA C 497 25.22 -15.93 15.66
N ARG C 498 24.66 -15.59 14.49
CA ARG C 498 23.52 -14.65 14.37
C ARG C 498 22.36 -15.09 15.28
N ASP C 499 22.08 -16.39 15.39
CA ASP C 499 20.91 -16.91 16.15
C ASP C 499 21.20 -16.87 17.65
N ILE C 500 22.43 -17.14 18.06
CA ILE C 500 22.90 -16.97 19.46
C ILE C 500 22.70 -15.50 19.85
N MET C 501 23.20 -14.57 19.03
CA MET C 501 23.16 -13.11 19.30
C MET C 501 21.69 -12.72 19.42
N TYR C 502 20.86 -13.25 18.52
CA TYR C 502 19.41 -12.97 18.49
C TYR C 502 18.77 -13.38 19.81
N VAL C 503 19.01 -14.62 20.23
CA VAL C 503 18.34 -15.18 21.44
C VAL C 503 18.81 -14.38 22.67
N VAL C 504 20.11 -14.21 22.82
CA VAL C 504 20.76 -13.48 23.95
C VAL C 504 20.11 -12.10 24.07
N GLY C 505 19.99 -11.40 22.95
CA GLY C 505 19.38 -10.07 22.90
C GLY C 505 17.93 -10.06 23.31
N GLU C 506 17.21 -11.19 23.27
CA GLU C 506 15.78 -11.25 23.63
C GLU C 506 15.63 -11.60 25.11
N TYR C 507 16.71 -11.94 25.83
CA TYR C 507 16.62 -12.36 27.25
C TYR C 507 17.38 -11.39 28.15
N PRO C 508 16.98 -10.10 28.18
CA PRO C 508 17.68 -9.10 29.00
C PRO C 508 17.59 -9.45 30.49
N ARG C 509 16.46 -9.95 30.96
CA ARG C 509 16.28 -10.28 32.40
C ARG C 509 17.38 -11.24 32.82
N PHE C 510 17.69 -12.25 32.02
CA PHE C 510 18.82 -13.19 32.25
C PHE C 510 20.13 -12.41 32.34
N LEU C 511 20.40 -11.57 31.34
CA LEU C 511 21.64 -10.74 31.24
C LEU C 511 21.80 -9.85 32.47
N LYS C 512 20.73 -9.21 32.96
CA LYS C 512 20.76 -8.22 34.08
C LYS C 512 21.12 -8.88 35.41
N ALA C 513 20.85 -10.19 35.56
CA ALA C 513 21.03 -11.00 36.79
C ALA C 513 22.34 -11.78 36.72
N HIS C 514 23.07 -11.68 35.60
CA HIS C 514 24.32 -12.45 35.32
C HIS C 514 25.33 -11.53 34.62
N TRP C 515 25.87 -10.56 35.36
CA TRP C 515 26.83 -9.53 34.88
C TRP C 515 28.01 -10.20 34.18
N ASN C 516 28.55 -11.24 34.80
CA ASN C 516 29.71 -11.96 34.24
C ASN C 516 29.38 -12.41 32.82
N PHE C 517 28.16 -12.94 32.61
CA PHE C 517 27.67 -13.40 31.29
C PHE C 517 27.48 -12.20 30.35
N LEU C 518 26.81 -11.14 30.81
CA LEU C 518 26.56 -9.89 30.03
C LEU C 518 27.89 -9.35 29.47
N ARG C 519 28.92 -9.23 30.32
CA ARG C 519 30.27 -8.74 29.94
C ARG C 519 30.84 -9.61 28.82
N THR C 520 30.84 -10.94 29.00
CA THR C 520 31.31 -11.93 27.99
C THR C 520 30.55 -11.71 26.68
N VAL C 521 29.25 -11.44 26.78
CA VAL C 521 28.38 -11.28 25.58
C VAL C 521 28.87 -10.01 24.86
N ILE C 522 28.96 -8.91 25.60
CA ILE C 522 29.44 -7.62 25.02
C ILE C 522 30.83 -7.84 24.41
N LEU C 523 31.77 -8.40 25.16
CA LEU C 523 33.15 -8.63 24.65
C LEU C 523 33.10 -9.52 23.40
N LYS C 524 32.21 -10.51 23.35
CA LYS C 524 32.07 -11.40 22.15
C LYS C 524 31.47 -10.61 20.98
N LEU C 525 30.49 -9.75 21.26
CA LEU C 525 29.90 -8.85 20.24
C LEU C 525 31.01 -7.97 19.67
N PHE C 526 31.92 -7.51 20.53
CA PHE C 526 33.08 -6.67 20.11
C PHE C 526 34.00 -7.51 19.20
N GLU C 527 34.27 -8.77 19.53
CA GLU C 527 35.08 -9.67 18.67
C GLU C 527 34.40 -9.82 17.30
N PHE C 528 33.08 -10.04 17.28
CA PHE C 528 32.29 -10.20 16.02
C PHE C 528 32.30 -8.92 15.16
N MET C 529 32.51 -7.74 15.75
CA MET C 529 32.60 -6.47 14.99
C MET C 529 33.87 -6.40 14.11
N HIS C 530 34.78 -7.39 14.24
CA HIS C 530 36.00 -7.54 13.39
C HIS C 530 35.80 -8.63 12.31
N GLU C 531 34.67 -9.34 12.33
CA GLU C 531 34.36 -10.41 11.34
C GLU C 531 33.71 -9.77 10.11
N THR C 532 34.40 -9.71 8.98
CA THR C 532 33.88 -9.08 7.73
C THR C 532 32.93 -10.04 6.99
N HIS C 533 32.79 -11.29 7.46
CA HIS C 533 31.80 -12.25 6.92
C HIS C 533 30.41 -11.59 6.94
N GLU C 534 29.75 -11.54 5.78
CA GLU C 534 28.51 -10.74 5.56
C GLU C 534 27.51 -11.01 6.69
N GLY C 535 26.88 -9.95 7.19
CA GLY C 535 25.76 -9.99 8.15
C GLY C 535 26.23 -10.00 9.60
N VAL C 536 27.49 -10.37 9.86
CA VAL C 536 27.99 -10.60 11.25
C VAL C 536 28.18 -9.23 11.94
N GLN C 537 28.86 -8.28 11.31
CA GLN C 537 29.09 -6.94 11.92
C GLN C 537 27.75 -6.29 12.21
N ASP C 538 26.83 -6.27 11.22
CA ASP C 538 25.47 -5.65 11.34
C ASP C 538 24.73 -6.31 12.50
N MET C 539 24.84 -7.63 12.67
CA MET C 539 24.11 -8.34 13.75
C MET C 539 24.76 -8.01 15.09
N ALA C 540 26.09 -7.96 15.16
CA ALA C 540 26.83 -7.61 16.40
C ALA C 540 26.40 -6.21 16.87
N CYS C 541 26.36 -5.23 15.97
CA CYS C 541 25.99 -3.82 16.28
C CYS C 541 24.51 -3.71 16.70
N ASP C 542 23.61 -4.38 15.96
CA ASP C 542 22.16 -4.40 16.28
C ASP C 542 21.95 -5.05 17.65
N THR C 543 22.68 -6.12 17.95
CA THR C 543 22.54 -6.85 19.25
C THR C 543 23.09 -5.95 20.34
N PHE C 544 24.20 -5.27 20.07
CA PHE C 544 24.82 -4.38 21.07
C PHE C 544 23.78 -3.32 21.47
N ILE C 545 23.23 -2.60 20.50
CA ILE C 545 22.32 -1.47 20.83
C ILE C 545 21.03 -2.05 21.45
N LYS C 546 20.59 -3.21 21.00
CA LYS C 546 19.39 -3.85 21.60
C LYS C 546 19.67 -4.24 23.05
N ILE C 547 20.80 -4.87 23.35
CA ILE C 547 21.15 -5.21 24.77
C ILE C 547 21.29 -3.90 25.55
N VAL C 548 21.93 -2.89 24.99
CA VAL C 548 22.12 -1.60 25.73
C VAL C 548 20.75 -0.98 26.09
N GLN C 549 19.82 -0.86 25.13
CA GLN C 549 18.48 -0.26 25.39
C GLN C 549 17.87 -0.90 26.64
N LYS C 550 18.05 -2.21 26.80
CA LYS C 550 17.38 -3.00 27.85
C LYS C 550 18.23 -3.06 29.14
N CYS C 551 19.56 -3.01 29.09
CA CYS C 551 20.44 -3.32 30.26
C CYS C 551 21.34 -2.14 30.64
N LYS C 552 21.08 -0.96 30.05
CA LYS C 552 21.92 0.26 30.11
C LYS C 552 22.39 0.58 31.53
N TYR C 553 21.55 0.44 32.56
CA TYR C 553 21.91 0.76 33.96
C TYR C 553 23.13 -0.06 34.43
N HIS C 554 23.32 -1.27 33.89
CA HIS C 554 24.39 -2.22 34.27
C HIS C 554 25.76 -1.78 33.72
N PHE C 555 25.77 -0.94 32.68
CA PHE C 555 26.99 -0.38 32.04
C PHE C 555 27.44 0.90 32.75
N VAL C 556 26.57 1.53 33.54
CA VAL C 556 26.79 2.89 34.11
C VAL C 556 27.21 2.80 35.59
N ILE C 557 26.86 1.72 36.31
CA ILE C 557 27.28 1.50 37.73
C ILE C 557 28.62 0.75 37.70
N GLN C 558 29.42 0.92 38.74
CA GLN C 558 30.56 0.02 39.00
C GLN C 558 29.98 -1.31 39.51
N GLN C 559 30.16 -2.38 38.75
CA GLN C 559 29.76 -3.76 39.15
C GLN C 559 30.76 -4.22 40.22
N PRO C 560 30.34 -5.01 41.24
CA PRO C 560 31.31 -5.60 42.16
C PRO C 560 32.35 -6.39 41.35
N ARG C 561 33.62 -6.28 41.73
CA ARG C 561 34.77 -7.00 41.14
C ARG C 561 35.22 -6.33 39.83
N GLU C 562 34.72 -5.13 39.50
CA GLU C 562 35.21 -4.31 38.36
C GLU C 562 35.85 -3.02 38.90
N SER C 563 36.86 -2.50 38.21
CA SER C 563 37.62 -1.28 38.63
C SER C 563 36.83 -0.02 38.27
N GLU C 564 35.96 -0.10 37.26
CA GLU C 564 35.22 1.08 36.76
C GLU C 564 33.91 0.61 36.15
N PRO C 565 32.95 1.56 35.97
CA PRO C 565 31.76 1.29 35.15
C PRO C 565 32.19 0.85 33.75
N PHE C 566 31.52 -0.16 33.21
CA PHE C 566 31.87 -0.79 31.92
C PHE C 566 31.80 0.24 30.78
N ILE C 567 30.93 1.26 30.86
CA ILE C 567 30.90 2.37 29.86
C ILE C 567 32.33 2.92 29.67
N GLN C 568 33.10 3.06 30.76
CA GLN C 568 34.47 3.65 30.69
C GLN C 568 35.35 2.68 29.89
N THR C 569 35.24 1.39 30.15
CA THR C 569 36.00 0.33 29.44
C THR C 569 35.66 0.35 27.94
N ILE C 570 34.38 0.45 27.60
CA ILE C 570 33.91 0.51 26.18
C ILE C 570 34.56 1.74 25.53
N ILE C 571 34.42 2.91 26.15
CA ILE C 571 34.89 4.19 25.56
C ILE C 571 36.40 4.12 25.35
N ARG C 572 37.18 3.67 26.36
CA ARG C 572 38.66 3.64 26.32
C ARG C 572 39.11 2.86 25.07
N ASP C 573 38.43 1.78 24.73
CA ASP C 573 38.89 0.88 23.65
C ASP C 573 38.08 1.09 22.36
N ILE C 574 37.33 2.20 22.26
CA ILE C 574 36.35 2.44 21.17
C ILE C 574 37.07 2.44 19.80
N GLN C 575 38.26 3.01 19.72
CA GLN C 575 38.99 3.09 18.42
C GLN C 575 39.22 1.68 17.86
N LYS C 576 39.67 0.78 18.72
CA LYS C 576 40.09 -0.60 18.37
C LYS C 576 38.85 -1.44 18.06
N THR C 577 37.82 -1.35 18.90
CA THR C 577 36.53 -2.07 18.74
C THR C 577 35.92 -1.78 17.36
N THR C 578 35.84 -0.50 16.98
CA THR C 578 35.08 0.01 15.81
C THR C 578 35.94 0.10 14.54
N ALA C 579 37.23 -0.25 14.59
CA ALA C 579 38.22 -0.02 13.50
C ALA C 579 37.79 -0.68 12.18
N ASP C 580 37.04 -1.79 12.20
CA ASP C 580 36.69 -2.60 10.99
C ASP C 580 35.23 -2.38 10.60
N LEU C 581 34.51 -1.48 11.26
CA LEU C 581 33.08 -1.23 10.94
C LEU C 581 32.95 -0.25 9.77
N GLN C 582 31.93 -0.43 8.94
CA GLN C 582 31.40 0.56 7.97
C GLN C 582 30.89 1.77 8.76
N PRO C 583 30.95 3.01 8.20
CA PRO C 583 30.48 4.20 8.89
C PRO C 583 29.12 4.07 9.60
N GLN C 584 28.07 3.54 8.95
CA GLN C 584 26.70 3.42 9.55
C GLN C 584 26.76 2.52 10.80
N GLN C 585 27.66 1.54 10.85
CA GLN C 585 27.82 0.64 12.03
C GLN C 585 28.54 1.38 13.15
N VAL C 586 29.55 2.21 12.83
CA VAL C 586 30.23 3.09 13.83
C VAL C 586 29.13 3.94 14.49
N HIS C 587 28.23 4.56 13.73
CA HIS C 587 27.22 5.51 14.25
C HIS C 587 26.29 4.77 15.21
N THR C 588 25.88 3.55 14.85
CA THR C 588 25.02 2.71 15.73
C THR C 588 25.76 2.46 17.05
N PHE C 589 27.05 2.18 16.95
CA PHE C 589 27.89 1.91 18.13
C PHE C 589 27.92 3.15 19.03
N TYR C 590 28.20 4.32 18.46
CA TYR C 590 28.20 5.61 19.21
C TYR C 590 26.78 5.93 19.71
N LYS C 591 25.74 5.62 18.93
CA LYS C 591 24.34 5.83 19.39
C LYS C 591 24.11 5.00 20.68
N ALA C 592 24.54 3.74 20.69
CA ALA C 592 24.41 2.82 21.85
C ALA C 592 25.16 3.39 23.06
N CYS C 593 26.35 3.94 22.87
CA CYS C 593 27.13 4.54 23.99
C CYS C 593 26.36 5.73 24.56
N GLY C 594 25.73 6.52 23.69
CA GLY C 594 24.91 7.67 24.09
C GLY C 594 23.74 7.27 24.98
N ILE C 595 23.08 6.16 24.65
CA ILE C 595 22.00 5.58 25.50
C ILE C 595 22.55 5.35 26.92
N ILE C 596 23.69 4.68 27.03
CA ILE C 596 24.33 4.36 28.34
C ILE C 596 24.63 5.66 29.09
N ILE C 597 25.24 6.64 28.43
CA ILE C 597 25.74 7.88 29.09
C ILE C 597 24.55 8.69 29.65
N SER C 598 23.43 8.67 28.94
CA SER C 598 22.18 9.34 29.37
C SER C 598 21.63 8.74 30.67
N GLU C 599 22.01 7.51 31.05
CA GLU C 599 21.66 6.89 32.36
C GLU C 599 22.38 7.59 33.52
N GLU C 600 23.57 8.16 33.29
CA GLU C 600 24.34 8.86 34.34
C GLU C 600 23.69 10.23 34.61
N ARG C 601 23.08 10.44 35.79
CA ARG C 601 22.34 11.70 36.09
C ARG C 601 23.23 12.67 36.89
N SER C 602 24.40 12.27 37.36
CA SER C 602 25.41 13.25 37.81
C SER C 602 25.90 14.06 36.59
N VAL C 603 25.55 15.35 36.54
CA VAL C 603 25.85 16.27 35.40
C VAL C 603 27.35 16.23 35.08
N ALA C 604 28.23 16.41 36.06
CA ALA C 604 29.69 16.48 35.84
C ALA C 604 30.19 15.16 35.23
N GLU C 605 29.73 14.01 35.74
CA GLU C 605 30.16 12.69 35.24
C GLU C 605 29.60 12.42 33.83
N ARG C 606 28.38 12.85 33.53
CA ARG C 606 27.76 12.65 32.19
C ARG C 606 28.54 13.43 31.14
N ASN C 607 28.85 14.69 31.41
CA ASN C 607 29.55 15.61 30.49
C ASN C 607 30.93 15.04 30.21
N ARG C 608 31.56 14.46 31.23
CA ARG C 608 32.91 13.85 31.12
C ARG C 608 32.82 12.61 30.23
N LEU C 609 31.85 11.72 30.45
CA LEU C 609 31.63 10.55 29.55
C LEU C 609 31.35 11.03 28.12
N LEU C 610 30.56 12.08 27.96
CA LEU C 610 30.12 12.55 26.62
C LEU C 610 31.39 13.07 25.91
N SER C 611 32.18 13.83 26.65
CA SER C 611 33.49 14.35 26.22
C SER C 611 34.40 13.21 25.75
N ASP C 612 34.50 12.13 26.53
CA ASP C 612 35.41 10.99 26.25
C ASP C 612 34.89 10.26 25.01
N LEU C 613 33.57 10.05 24.94
CA LEU C 613 32.93 9.33 23.81
C LEU C 613 33.19 10.11 22.50
N MET C 614 33.12 11.43 22.53
CA MET C 614 33.23 12.31 21.33
C MET C 614 34.70 12.65 21.04
N GLN C 615 35.65 12.08 21.77
CA GLN C 615 37.09 12.39 21.63
C GLN C 615 37.55 12.21 20.17
N LEU C 616 37.30 11.06 19.54
CA LEU C 616 37.83 10.77 18.18
C LEU C 616 37.23 11.70 17.13
N PRO C 617 35.88 11.83 17.01
CA PRO C 617 35.29 12.80 16.07
C PRO C 617 35.68 14.25 16.39
N ASN C 618 35.84 14.61 17.66
CA ASN C 618 36.24 15.99 18.08
C ASN C 618 37.70 16.27 17.66
N MET C 619 38.58 15.28 17.69
CA MET C 619 40.00 15.50 17.31
C MET C 619 40.11 15.59 15.78
N ALA C 620 39.43 14.71 15.05
CA ALA C 620 39.32 14.74 13.57
C ALA C 620 38.71 16.08 13.14
N TRP C 621 37.62 16.50 13.80
CA TRP C 621 36.95 17.82 13.60
C TRP C 621 37.95 18.96 13.81
N ASP C 622 38.63 18.98 14.95
CA ASP C 622 39.58 20.07 15.34
C ASP C 622 40.67 20.19 14.28
N THR C 623 41.24 19.08 13.83
CA THR C 623 42.34 19.09 12.83
C THR C 623 41.74 19.56 11.49
N ILE C 624 40.55 19.09 11.12
CA ILE C 624 39.90 19.58 9.88
C ILE C 624 39.71 21.09 9.98
N VAL C 625 39.14 21.59 11.08
CA VAL C 625 38.84 23.05 11.23
C VAL C 625 40.16 23.84 11.14
N GLU C 626 41.23 23.38 11.79
CA GLU C 626 42.57 24.02 11.72
C GLU C 626 42.97 24.20 10.26
N GLN C 627 42.90 23.10 9.50
CA GLN C 627 43.26 23.05 8.07
C GLN C 627 42.23 23.85 7.26
N SER C 628 40.93 23.59 7.47
CA SER C 628 39.79 24.24 6.76
C SER C 628 39.88 25.76 6.92
N THR C 629 40.10 26.27 8.15
CA THR C 629 40.26 27.73 8.43
C THR C 629 41.53 28.25 7.75
N ALA C 630 42.64 27.50 7.85
CA ALA C 630 43.94 27.86 7.20
C ALA C 630 43.76 27.93 5.69
N ASN C 631 43.12 26.92 5.08
CA ASN C 631 42.99 26.78 3.60
C ASN C 631 41.55 26.44 3.23
N PRO C 632 40.80 27.36 2.56
CA PRO C 632 39.42 27.09 2.12
C PRO C 632 39.28 25.95 1.09
N THR C 633 40.30 25.76 0.26
CA THR C 633 40.31 24.83 -0.90
C THR C 633 40.31 23.36 -0.45
N LEU C 634 40.65 23.06 0.81
CA LEU C 634 40.86 21.68 1.32
C LEU C 634 39.54 20.89 1.28
N LEU C 635 38.41 21.57 1.45
CA LEU C 635 37.04 20.99 1.38
C LEU C 635 36.81 20.35 -0.01
N LEU C 636 37.31 20.94 -1.09
CA LEU C 636 37.11 20.45 -2.49
C LEU C 636 37.40 18.93 -2.55
N ASP C 637 38.42 18.50 -1.80
CA ASP C 637 38.88 17.09 -1.70
C ASP C 637 37.74 16.16 -1.28
N SER C 638 37.38 15.25 -2.17
CA SER C 638 36.33 14.22 -1.98
C SER C 638 36.48 13.52 -0.62
N GLU C 639 37.70 13.18 -0.20
CA GLU C 639 37.95 12.31 0.98
C GLU C 639 37.73 13.10 2.28
N THR C 640 38.01 14.41 2.32
CA THR C 640 37.74 15.29 3.49
C THR C 640 36.23 15.41 3.71
N VAL C 641 35.49 15.68 2.63
CA VAL C 641 34.00 15.79 2.62
C VAL C 641 33.42 14.55 3.26
N LYS C 642 33.92 13.36 2.93
CA LYS C 642 33.38 12.09 3.49
C LYS C 642 33.71 12.01 4.98
N ILE C 643 34.91 12.39 5.39
CA ILE C 643 35.29 12.43 6.83
C ILE C 643 34.38 13.43 7.59
N ILE C 644 34.17 14.63 7.05
CA ILE C 644 33.36 15.70 7.70
C ILE C 644 31.94 15.18 7.90
N ALA C 645 31.36 14.59 6.85
CA ALA C 645 29.96 14.14 6.90
C ALA C 645 29.84 13.07 7.97
N ASN C 646 30.81 12.16 8.06
CA ASN C 646 30.79 11.04 9.03
C ASN C 646 30.97 11.58 10.46
N ILE C 647 31.73 12.67 10.65
CA ILE C 647 31.83 13.35 11.97
C ILE C 647 30.43 13.88 12.35
N ILE C 648 29.77 14.56 11.43
CA ILE C 648 28.46 15.19 11.74
C ILE C 648 27.49 14.06 12.03
N LYS C 649 27.49 13.00 11.20
CA LYS C 649 26.57 11.84 11.38
C LYS C 649 26.76 11.19 12.76
N THR C 650 28.01 11.14 13.27
CA THR C 650 28.31 10.59 14.63
C THR C 650 27.70 11.50 15.70
N ASN C 651 27.78 12.80 15.49
CA ASN C 651 27.14 13.80 16.38
C ASN C 651 25.60 13.59 16.36
N VAL C 652 25.02 13.41 15.17
CA VAL C 652 23.55 13.18 15.04
C VAL C 652 23.20 11.91 15.83
N ALA C 653 23.96 10.83 15.66
CA ALA C 653 23.69 9.52 16.28
C ALA C 653 23.71 9.65 17.81
N VAL C 654 24.68 10.34 18.37
CA VAL C 654 24.79 10.49 19.86
C VAL C 654 23.69 11.43 20.36
N CYS C 655 23.44 12.52 19.65
CA CYS C 655 22.35 13.47 19.99
C CYS C 655 20.98 12.75 19.96
N THR C 656 20.82 11.81 19.05
CA THR C 656 19.55 11.06 18.87
C THR C 656 19.25 10.33 20.19
N SER C 657 20.25 9.74 20.86
CA SER C 657 20.01 8.94 22.10
C SER C 657 20.11 9.82 23.35
N MET C 658 20.78 10.97 23.28
CA MET C 658 21.09 11.79 24.47
C MET C 658 20.17 13.02 24.60
N GLY C 659 19.58 13.51 23.49
CA GLY C 659 18.64 14.65 23.50
C GLY C 659 19.22 15.84 24.22
N ALA C 660 18.50 16.38 25.22
CA ALA C 660 18.87 17.57 26.02
C ALA C 660 20.28 17.44 26.61
N ASP C 661 20.73 16.22 26.93
CA ASP C 661 22.07 15.97 27.57
C ASP C 661 23.20 16.19 26.56
N PHE C 662 22.90 16.32 25.28
CA PHE C 662 23.93 16.44 24.21
C PHE C 662 24.46 17.86 24.15
N TYR C 663 23.82 18.81 24.84
CA TYR C 663 24.04 20.27 24.65
C TYR C 663 25.52 20.65 24.75
N PRO C 664 26.31 20.17 25.74
CA PRO C 664 27.71 20.58 25.85
C PRO C 664 28.49 20.19 24.59
N GLN C 665 28.21 19.05 23.98
CA GLN C 665 28.92 18.61 22.75
C GLN C 665 28.49 19.53 21.59
N LEU C 666 27.20 19.85 21.47
CA LEU C 666 26.70 20.79 20.43
C LEU C 666 27.37 22.16 20.60
N GLY C 667 27.50 22.60 21.85
CA GLY C 667 28.17 23.86 22.21
C GLY C 667 29.62 23.89 21.75
N HIS C 668 30.34 22.78 21.91
CA HIS C 668 31.78 22.66 21.53
C HIS C 668 31.95 22.86 20.01
N ILE C 669 31.02 22.38 19.18
CA ILE C 669 31.23 22.38 17.70
C ILE C 669 30.36 23.47 17.02
N TYR C 670 29.39 24.07 17.72
CA TYR C 670 28.30 24.86 17.10
C TYR C 670 28.85 25.95 16.18
N TYR C 671 29.75 26.81 16.66
CA TYR C 671 30.16 28.01 15.89
C TYR C 671 30.89 27.57 14.62
N ASN C 672 31.86 26.67 14.71
CA ASN C 672 32.62 26.22 13.50
C ASN C 672 31.70 25.38 12.58
N MET C 673 30.74 24.65 13.13
CA MET C 673 29.76 23.90 12.31
C MET C 673 28.99 24.87 11.42
N LEU C 674 28.55 26.02 11.95
CA LEU C 674 27.75 26.97 11.12
C LEU C 674 28.69 27.68 10.12
N GLN C 675 29.96 27.89 10.46
CA GLN C 675 30.95 28.46 9.50
C GLN C 675 31.17 27.43 8.38
N LEU C 676 31.31 26.14 8.73
CA LEU C 676 31.40 25.02 7.75
C LEU C 676 30.18 25.01 6.82
N TYR C 677 28.99 25.25 7.37
CA TYR C 677 27.71 25.31 6.63
C TYR C 677 27.81 26.39 5.55
N ARG C 678 28.24 27.60 5.93
CA ARG C 678 28.46 28.75 5.01
C ARG C 678 29.55 28.40 3.98
N ALA C 679 30.66 27.80 4.39
CA ALA C 679 31.80 27.50 3.49
C ALA C 679 31.30 26.53 2.41
N VAL C 680 30.75 25.41 2.86
CA VAL C 680 30.12 24.37 2.00
C VAL C 680 29.10 25.02 1.05
N SER C 681 28.26 25.93 1.53
CA SER C 681 27.23 26.61 0.70
C SER C 681 27.90 27.38 -0.45
N SER C 682 28.96 28.14 -0.17
CA SER C 682 29.72 28.91 -1.20
C SER C 682 30.24 27.94 -2.27
N MET C 683 30.85 26.84 -1.85
CA MET C 683 31.40 25.82 -2.77
C MET C 683 30.29 25.28 -3.68
N ILE C 684 29.11 24.98 -3.12
CA ILE C 684 27.96 24.48 -3.93
C ILE C 684 27.55 25.57 -4.93
N SER C 685 27.41 26.81 -4.48
CA SER C 685 27.07 27.98 -5.34
C SER C 685 28.13 28.14 -6.43
N THR C 686 29.39 28.05 -6.05
CA THR C 686 30.55 28.20 -6.96
C THR C 686 30.48 27.11 -8.03
N GLN C 687 30.22 25.88 -7.62
CA GLN C 687 30.18 24.71 -8.53
C GLN C 687 28.98 24.84 -9.50
N VAL C 688 27.82 25.29 -9.03
CA VAL C 688 26.61 25.40 -9.89
C VAL C 688 26.86 26.47 -10.98
N ALA C 689 27.41 27.62 -10.60
CA ALA C 689 27.81 28.71 -11.52
C ALA C 689 28.78 28.17 -12.60
N ALA C 690 29.81 27.42 -12.19
CA ALA C 690 30.91 26.97 -13.06
C ALA C 690 30.47 25.75 -13.90
N GLU C 691 29.60 24.88 -13.39
CA GLU C 691 29.32 23.59 -14.06
C GLU C 691 27.86 23.50 -14.52
N GLY C 692 26.97 24.34 -14.02
CA GLY C 692 25.54 24.31 -14.34
C GLY C 692 24.75 23.56 -13.28
N LEU C 693 23.43 23.52 -13.44
CA LEU C 693 22.51 22.77 -12.56
C LEU C 693 22.92 21.30 -12.43
N ILE C 694 23.59 20.74 -13.46
CA ILE C 694 24.08 19.33 -13.48
C ILE C 694 25.00 19.10 -12.26
N ALA C 695 25.73 20.13 -11.82
CA ALA C 695 26.64 20.08 -10.65
C ALA C 695 25.95 19.43 -9.45
N THR C 696 24.66 19.67 -9.25
CA THR C 696 23.91 19.21 -8.07
C THR C 696 23.79 17.69 -8.11
N LYS C 697 23.97 17.06 -9.28
CA LYS C 697 23.92 15.58 -9.42
C LYS C 697 25.31 14.95 -9.17
N THR C 698 26.38 15.74 -9.18
CA THR C 698 27.77 15.19 -9.09
C THR C 698 28.02 14.61 -7.70
N PRO C 699 28.85 13.56 -7.56
CA PRO C 699 29.21 13.04 -6.24
C PRO C 699 29.83 14.11 -5.30
N LYS C 700 30.58 15.05 -5.85
CA LYS C 700 31.28 16.08 -5.05
C LYS C 700 30.22 16.97 -4.38
N VAL C 701 29.29 17.51 -5.17
CA VAL C 701 28.24 18.43 -4.67
C VAL C 701 27.25 17.65 -3.81
N ARG C 702 26.92 16.40 -4.13
CA ARG C 702 26.01 15.58 -3.28
C ARG C 702 26.69 15.36 -1.93
N GLY C 703 28.01 15.17 -1.91
CA GLY C 703 28.83 15.09 -0.69
C GLY C 703 28.77 16.35 0.14
N LEU C 704 28.90 17.52 -0.48
CA LEU C 704 28.81 18.83 0.22
C LEU C 704 27.39 19.03 0.76
N ARG C 705 26.38 18.72 -0.03
CA ARG C 705 24.96 18.87 0.36
C ARG C 705 24.70 17.99 1.57
N THR C 706 25.29 16.78 1.59
CA THR C 706 25.20 15.82 2.72
C THR C 706 25.67 16.53 3.99
N ILE C 707 26.77 17.28 3.93
CA ILE C 707 27.28 18.01 5.11
C ILE C 707 26.18 18.96 5.59
N LYS C 708 25.61 19.77 4.70
CA LYS C 708 24.56 20.77 5.05
C LYS C 708 23.36 20.04 5.68
N LYS C 709 22.91 18.93 5.10
CA LYS C 709 21.70 18.20 5.57
C LYS C 709 21.96 17.60 6.95
N GLU C 710 23.15 17.04 7.20
CA GLU C 710 23.50 16.44 8.50
C GLU C 710 23.66 17.55 9.56
N ILE C 711 24.21 18.72 9.22
CA ILE C 711 24.23 19.88 10.15
C ILE C 711 22.80 20.27 10.54
N LEU C 712 21.90 20.48 9.58
CA LEU C 712 20.47 20.79 9.85
C LEU C 712 19.84 19.69 10.68
N LYS C 713 20.13 18.43 10.37
CA LYS C 713 19.54 17.27 11.08
C LYS C 713 20.04 17.27 12.51
N LEU C 714 21.30 17.61 12.74
CA LEU C 714 21.87 17.66 14.11
C LEU C 714 21.09 18.71 14.91
N VAL C 715 20.93 19.90 14.34
CA VAL C 715 20.30 21.04 15.08
C VAL C 715 18.81 20.73 15.32
N GLU C 716 18.10 20.19 14.34
CA GLU C 716 16.67 19.87 14.52
C GLU C 716 16.59 18.76 15.58
N THR C 717 17.51 17.80 15.56
CA THR C 717 17.52 16.67 16.52
C THR C 717 17.66 17.23 17.95
N TYR C 718 18.63 18.13 18.18
CA TYR C 718 18.85 18.71 19.53
C TYR C 718 17.62 19.55 19.92
N ILE C 719 17.18 20.48 19.05
CA ILE C 719 16.13 21.48 19.43
C ILE C 719 14.81 20.74 19.70
N SER C 720 14.52 19.66 18.99
CA SER C 720 13.27 18.87 19.20
C SER C 720 13.27 18.17 20.56
N LYS C 721 14.43 17.95 21.19
CA LYS C 721 14.51 17.27 22.52
C LYS C 721 14.99 18.25 23.59
N ALA C 722 15.30 19.50 23.23
CA ALA C 722 15.93 20.47 24.15
C ALA C 722 14.98 20.70 25.33
N ARG C 723 15.55 20.90 26.51
CA ARG C 723 14.84 21.22 27.77
C ARG C 723 15.10 22.68 28.10
N ASN C 724 16.32 23.16 27.89
CA ASN C 724 16.67 24.57 28.18
C ASN C 724 16.40 25.40 26.92
N LEU C 725 15.17 25.88 26.77
CA LEU C 725 14.71 26.67 25.60
C LEU C 725 15.34 28.06 25.64
N ASP C 726 15.64 28.59 26.84
CA ASP C 726 16.33 29.89 27.03
C ASP C 726 17.66 29.87 26.27
N ASP C 727 18.44 28.82 26.49
CA ASP C 727 19.72 28.60 25.76
C ASP C 727 19.47 28.45 24.26
N VAL C 728 18.42 27.72 23.85
CA VAL C 728 18.08 27.56 22.42
C VAL C 728 17.93 28.97 21.83
N VAL C 729 17.08 29.79 22.44
CA VAL C 729 16.73 31.15 21.94
C VAL C 729 17.97 32.05 22.03
N LYS C 730 18.71 31.97 23.13
CA LYS C 730 19.81 32.92 23.41
C LYS C 730 21.09 32.56 22.65
N VAL C 731 21.38 31.27 22.42
CA VAL C 731 22.69 30.80 21.88
C VAL C 731 22.52 30.27 20.45
N LEU C 732 21.53 29.41 20.18
CA LEU C 732 21.49 28.60 18.93
C LEU C 732 20.78 29.36 17.79
N VAL C 733 19.65 30.04 18.05
CA VAL C 733 18.64 30.40 17.01
C VAL C 733 19.18 31.51 16.11
N GLU C 734 19.83 32.54 16.66
CA GLU C 734 20.26 33.70 15.86
C GLU C 734 21.34 33.26 14.86
N PRO C 735 22.43 32.60 15.31
CA PRO C 735 23.45 32.10 14.39
C PRO C 735 22.89 31.12 13.36
N LEU C 736 21.93 30.28 13.74
CA LEU C 736 21.29 29.30 12.82
C LEU C 736 20.58 30.08 11.72
N LEU C 737 19.72 31.03 12.08
CA LEU C 737 18.94 31.83 11.10
C LEU C 737 19.90 32.57 10.19
N ASN C 738 20.94 33.22 10.76
CA ASN C 738 21.93 33.98 9.96
C ASN C 738 22.58 33.02 8.94
N ALA C 739 22.97 31.81 9.38
CA ALA C 739 23.68 30.83 8.54
C ALA C 739 22.78 30.24 7.46
N VAL C 740 21.48 30.09 7.68
CA VAL C 740 20.68 29.22 6.77
C VAL C 740 19.71 30.04 5.93
N LEU C 741 19.13 31.12 6.44
CA LEU C 741 17.93 31.71 5.79
C LEU C 741 18.34 32.37 4.47
N GLU C 742 19.33 33.24 4.52
CA GLU C 742 19.82 33.95 3.31
C GLU C 742 20.41 32.93 2.33
N ASP C 743 21.13 31.94 2.81
CA ASP C 743 21.69 30.89 1.92
C ASP C 743 20.53 30.22 1.16
N TYR C 744 19.44 29.90 1.83
CA TYR C 744 18.26 29.22 1.22
C TYR C 744 17.67 30.16 0.18
N MET C 745 17.41 31.41 0.57
CA MET C 745 16.71 32.40 -0.27
C MET C 745 17.54 32.70 -1.53
N ASN C 746 18.86 32.80 -1.42
CA ASN C 746 19.75 33.32 -2.51
C ASN C 746 20.44 32.19 -3.30
N ASN C 747 20.03 30.94 -3.11
CA ASN C 747 20.39 29.83 -4.01
C ASN C 747 19.30 29.65 -5.07
N VAL C 748 19.67 29.18 -6.25
CA VAL C 748 18.71 28.76 -7.31
C VAL C 748 17.84 27.65 -6.73
N PRO C 749 16.55 27.54 -7.11
CA PRO C 749 15.69 26.50 -6.56
C PRO C 749 16.34 25.11 -6.44
N ASP C 750 17.09 24.64 -7.43
CA ASP C 750 17.65 23.26 -7.48
C ASP C 750 18.75 23.06 -6.43
N ALA C 751 19.25 24.13 -5.80
CA ALA C 751 20.34 24.03 -4.82
C ALA C 751 19.78 24.20 -3.41
N ARG C 752 18.49 24.53 -3.28
CA ARG C 752 17.81 24.78 -1.98
C ARG C 752 17.48 23.44 -1.31
N ASP C 753 17.87 23.29 -0.05
CA ASP C 753 17.64 22.06 0.76
C ASP C 753 16.29 22.20 1.44
N ALA C 754 15.34 21.29 1.12
CA ALA C 754 14.03 21.18 1.80
C ALA C 754 14.24 20.94 3.31
N GLU C 755 15.35 20.32 3.72
CA GLU C 755 15.71 20.14 5.15
C GLU C 755 15.77 21.50 5.89
N VAL C 756 16.00 22.62 5.21
CA VAL C 756 15.97 23.95 5.89
C VAL C 756 14.56 24.18 6.40
N LEU C 757 13.56 23.88 5.58
CA LEU C 757 12.14 24.12 5.96
C LEU C 757 11.83 23.27 7.19
N ASN C 758 12.32 22.03 7.19
CA ASN C 758 12.07 21.00 8.22
C ASN C 758 12.68 21.46 9.54
N CYS C 759 13.93 21.94 9.50
CA CYS C 759 14.64 22.49 10.66
C CYS C 759 13.86 23.70 11.17
N MET C 760 13.43 24.59 10.27
CA MET C 760 12.72 25.84 10.66
C MET C 760 11.40 25.46 11.35
N THR C 761 10.73 24.40 10.91
CA THR C 761 9.46 23.89 11.49
C THR C 761 9.69 23.49 12.94
N THR C 762 10.78 22.76 13.21
CA THR C 762 11.18 22.33 14.57
C THR C 762 11.46 23.57 15.41
N VAL C 763 12.19 24.55 14.88
CA VAL C 763 12.49 25.79 15.63
C VAL C 763 11.17 26.45 16.02
N VAL C 764 10.25 26.69 15.07
CA VAL C 764 8.98 27.42 15.36
C VAL C 764 8.16 26.57 16.35
N GLU C 765 8.12 25.27 16.14
CA GLU C 765 7.39 24.31 17.01
C GLU C 765 7.82 24.54 18.45
N LYS C 766 9.13 24.49 18.72
CA LYS C 766 9.68 24.42 20.10
C LYS C 766 9.80 25.81 20.72
N VAL C 767 10.22 26.83 19.98
CA VAL C 767 10.51 28.14 20.63
C VAL C 767 9.85 29.29 19.88
N GLY C 768 8.87 29.02 19.01
CA GLY C 768 8.20 30.02 18.17
C GLY C 768 7.62 31.17 18.97
N HIS C 769 7.01 30.87 20.11
CA HIS C 769 6.39 31.83 21.06
C HIS C 769 7.46 32.77 21.67
N MET C 770 8.73 32.35 21.73
CA MET C 770 9.81 33.16 22.36
C MET C 770 10.58 34.00 21.32
N ILE C 771 10.35 33.82 20.00
CA ILE C 771 11.15 34.54 18.94
C ILE C 771 10.23 35.11 17.86
N PRO C 772 9.25 35.97 18.19
CA PRO C 772 8.32 36.48 17.18
C PRO C 772 9.01 37.15 15.98
N GLN C 773 10.12 37.86 16.20
CA GLN C 773 10.89 38.52 15.11
C GLN C 773 11.63 37.45 14.30
N GLY C 774 12.05 36.37 14.93
CA GLY C 774 12.70 35.24 14.22
C GLY C 774 11.73 34.52 13.29
N VAL C 775 10.47 34.39 13.70
CA VAL C 775 9.43 33.73 12.85
C VAL C 775 9.17 34.62 11.62
N ILE C 776 9.03 35.93 11.81
CA ILE C 776 8.87 36.92 10.71
C ILE C 776 10.02 36.73 9.71
N LEU C 777 11.27 36.69 10.19
CA LEU C 777 12.49 36.52 9.37
C LEU C 777 12.41 35.19 8.59
N ILE C 778 11.98 34.09 9.24
CA ILE C 778 11.82 32.76 8.58
C ILE C 778 10.84 32.93 7.43
N LEU C 779 9.67 33.52 7.67
CA LEU C 779 8.60 33.66 6.65
C LEU C 779 9.17 34.47 5.47
N GLN C 780 9.75 35.64 5.77
CA GLN C 780 10.27 36.57 4.75
C GLN C 780 11.35 35.86 3.93
N SER C 781 12.14 34.96 4.51
CA SER C 781 13.25 34.30 3.78
C SER C 781 12.74 33.17 2.88
N VAL C 782 11.73 32.40 3.33
CA VAL C 782 11.40 31.10 2.67
C VAL C 782 10.04 31.16 1.98
N PHE C 783 9.15 32.07 2.36
CA PHE C 783 7.72 32.03 1.96
C PHE C 783 7.61 32.18 0.43
N GLU C 784 7.97 33.33 -0.11
CA GLU C 784 7.68 33.68 -1.52
C GLU C 784 8.53 32.83 -2.45
N CYS C 785 9.79 32.54 -2.08
CA CYS C 785 10.69 31.78 -2.97
C CYS C 785 10.30 30.30 -3.01
N THR C 786 9.86 29.70 -1.89
CA THR C 786 9.42 28.28 -1.88
C THR C 786 8.10 28.16 -2.66
N LEU C 787 7.16 29.08 -2.44
CA LEU C 787 5.86 29.10 -3.15
C LEU C 787 6.12 29.10 -4.67
N ASP C 788 7.08 29.91 -5.13
CA ASP C 788 7.38 30.00 -6.58
C ASP C 788 7.94 28.68 -7.12
N MET C 789 8.52 27.82 -6.29
CA MET C 789 9.03 26.49 -6.74
C MET C 789 7.85 25.54 -6.93
N ILE C 790 6.74 25.72 -6.20
CA ILE C 790 5.69 24.67 -6.06
C ILE C 790 4.36 25.13 -6.64
N ASN C 791 4.23 26.34 -7.18
CA ASN C 791 2.92 26.94 -7.60
C ASN C 791 2.74 26.86 -9.13
N LYS C 792 3.48 25.99 -9.83
CA LYS C 792 3.41 25.82 -11.31
C LYS C 792 2.77 24.47 -11.70
N ASP C 793 2.77 23.50 -10.81
CA ASP C 793 2.24 22.12 -11.03
C ASP C 793 2.19 21.44 -9.67
N PHE C 794 1.73 20.20 -9.60
CA PHE C 794 1.52 19.47 -8.33
C PHE C 794 2.69 18.51 -8.08
N THR C 795 3.71 18.48 -8.96
CA THR C 795 4.75 17.43 -8.98
C THR C 795 6.15 17.99 -8.68
N GLU C 796 6.52 19.19 -9.14
CA GLU C 796 7.90 19.71 -8.92
C GLU C 796 8.18 19.82 -7.41
N TYR C 797 9.39 19.48 -7.01
CA TYR C 797 9.95 19.75 -5.65
C TYR C 797 9.01 19.20 -4.58
N PRO C 798 8.74 17.86 -4.59
CA PRO C 798 7.76 17.25 -3.70
C PRO C 798 8.17 17.40 -2.22
N GLU C 799 9.46 17.25 -1.89
CA GLU C 799 9.95 17.42 -0.50
C GLU C 799 9.69 18.87 -0.04
N HIS C 800 9.96 19.86 -0.89
CA HIS C 800 9.77 21.31 -0.56
C HIS C 800 8.28 21.57 -0.32
N ARG C 801 7.45 21.03 -1.21
CA ARG C 801 5.97 21.12 -1.17
C ARG C 801 5.51 20.65 0.20
N VAL C 802 5.91 19.45 0.59
CA VAL C 802 5.50 18.87 1.89
C VAL C 802 6.04 19.75 3.03
N GLU C 803 7.34 20.02 3.08
CA GLU C 803 7.98 20.74 4.22
C GLU C 803 7.41 22.16 4.30
N PHE C 804 7.05 22.76 3.18
CA PHE C 804 6.53 24.16 3.08
C PHE C 804 5.20 24.30 3.85
N TYR C 805 4.28 23.37 3.62
CA TYR C 805 2.94 23.39 4.26
C TYR C 805 3.04 22.98 5.73
N LYS C 806 3.99 22.11 6.10
CA LYS C 806 4.25 21.80 7.53
C LYS C 806 4.71 23.10 8.21
N LEU C 807 5.56 23.90 7.55
CA LEU C 807 6.09 25.16 8.14
C LEU C 807 4.95 26.18 8.30
N LEU C 808 4.16 26.43 7.26
CA LEU C 808 3.02 27.37 7.34
C LEU C 808 2.06 26.89 8.42
N LYS C 809 1.84 25.59 8.53
CA LYS C 809 0.90 25.03 9.51
C LYS C 809 1.34 25.42 10.92
N VAL C 810 2.61 25.20 11.24
CA VAL C 810 3.12 25.41 12.62
C VAL C 810 3.22 26.93 12.87
N ILE C 811 3.58 27.73 11.87
CA ILE C 811 3.65 29.22 12.08
C ILE C 811 2.23 29.72 12.39
N ASN C 812 1.22 29.16 11.73
CA ASN C 812 -0.19 29.59 11.87
C ASN C 812 -0.72 29.16 13.24
N GLU C 813 -0.16 28.12 13.86
CA GLU C 813 -0.53 27.57 15.19
C GLU C 813 0.11 28.34 16.33
N LYS C 814 1.40 28.71 16.20
CA LYS C 814 2.28 29.13 17.32
C LYS C 814 2.58 30.62 17.24
N SER C 815 2.56 31.19 16.03
CA SER C 815 3.04 32.57 15.80
C SER C 815 2.23 33.22 14.68
N PHE C 816 0.91 33.21 14.83
CA PHE C 816 -0.05 33.79 13.85
C PHE C 816 0.22 35.29 13.65
N ALA C 817 0.89 35.94 14.60
CA ALA C 817 1.29 37.37 14.48
C ALA C 817 2.14 37.58 13.21
N ALA C 818 2.99 36.61 12.82
CA ALA C 818 3.89 36.77 11.65
C ALA C 818 3.07 37.04 10.37
N PHE C 819 1.87 36.44 10.25
CA PHE C 819 0.95 36.65 9.11
C PHE C 819 0.36 38.07 9.16
N LEU C 820 0.08 38.62 10.33
CA LEU C 820 -0.37 40.04 10.48
C LEU C 820 0.73 41.00 9.99
N GLU C 821 2.00 40.63 10.17
CA GLU C 821 3.15 41.48 9.76
C GLU C 821 3.34 41.40 8.24
N LEU C 822 2.79 40.39 7.55
CA LEU C 822 2.88 40.28 6.07
C LEU C 822 2.16 41.46 5.41
N PRO C 823 2.69 42.01 4.29
CA PRO C 823 1.95 43.01 3.51
C PRO C 823 0.78 42.37 2.78
N PRO C 824 -0.30 43.12 2.48
CA PRO C 824 -1.54 42.55 1.95
C PRO C 824 -1.36 41.60 0.75
N ALA C 825 -0.48 41.95 -0.20
CA ALA C 825 -0.15 41.15 -1.40
C ALA C 825 0.42 39.79 -0.98
N ALA C 826 1.29 39.77 0.04
CA ALA C 826 1.92 38.55 0.59
C ALA C 826 0.85 37.75 1.33
N PHE C 827 -0.07 38.43 2.02
CA PHE C 827 -1.17 37.76 2.75
C PHE C 827 -2.10 37.07 1.74
N LYS C 828 -2.40 37.74 0.61
CA LYS C 828 -3.16 37.15 -0.51
C LYS C 828 -2.45 35.88 -1.00
N LEU C 829 -1.12 35.91 -1.18
CA LEU C 829 -0.34 34.72 -1.65
C LEU C 829 -0.52 33.57 -0.66
N PHE C 830 -0.60 33.89 0.64
CA PHE C 830 -0.77 32.90 1.73
C PHE C 830 -2.15 32.24 1.57
N VAL C 831 -3.20 33.03 1.42
CA VAL C 831 -4.57 32.50 1.22
C VAL C 831 -4.60 31.65 -0.07
N ASP C 832 -3.99 32.15 -1.14
CA ASP C 832 -3.87 31.41 -2.42
C ASP C 832 -3.17 30.08 -2.16
N ALA C 833 -2.07 30.08 -1.38
CA ALA C 833 -1.24 28.88 -1.11
C ALA C 833 -2.09 27.81 -0.40
N ILE C 834 -2.94 28.23 0.53
CA ILE C 834 -3.82 27.32 1.32
C ILE C 834 -4.76 26.63 0.35
N CYS C 835 -5.47 27.40 -0.48
CA CYS C 835 -6.44 26.85 -1.46
C CYS C 835 -5.69 25.96 -2.45
N TRP C 836 -4.43 26.28 -2.73
CA TRP C 836 -3.58 25.46 -3.63
C TRP C 836 -3.41 24.07 -3.01
N ALA C 837 -3.14 24.03 -1.70
CA ALA C 837 -2.95 22.76 -0.97
C ALA C 837 -4.23 21.91 -1.06
N PHE C 838 -5.39 22.57 -1.09
CA PHE C 838 -6.71 21.87 -1.17
C PHE C 838 -6.80 21.06 -2.47
N LYS C 839 -6.34 21.65 -3.57
CA LYS C 839 -6.43 21.01 -4.92
C LYS C 839 -5.37 19.92 -5.10
N HIS C 840 -4.52 19.69 -4.10
CA HIS C 840 -3.47 18.65 -4.23
C HIS C 840 -4.01 17.22 -4.05
N ASN C 841 -3.57 16.32 -4.95
CA ASN C 841 -3.79 14.84 -4.90
C ASN C 841 -2.84 14.24 -3.85
N ASN C 842 -1.71 14.92 -3.58
CA ASN C 842 -0.77 14.55 -2.49
C ASN C 842 -1.49 14.74 -1.15
N ARG C 843 -1.59 13.67 -0.36
CA ARG C 843 -2.46 13.67 0.85
C ARG C 843 -1.74 14.32 2.04
N ASP C 844 -0.40 14.38 2.05
CA ASP C 844 0.33 15.11 3.11
C ASP C 844 -0.01 16.61 2.98
N VAL C 845 0.16 17.18 1.78
CA VAL C 845 -0.15 18.60 1.47
C VAL C 845 -1.62 18.91 1.78
N GLU C 846 -2.55 18.14 1.20
CA GLU C 846 -4.03 18.40 1.24
C GLU C 846 -4.47 18.49 2.70
N VAL C 847 -3.99 17.59 3.55
CA VAL C 847 -4.38 17.50 4.98
C VAL C 847 -3.86 18.74 5.71
N ASN C 848 -2.60 19.12 5.47
CA ASN C 848 -1.99 20.35 6.06
C ASN C 848 -2.77 21.58 5.57
N GLY C 849 -3.10 21.61 4.27
CA GLY C 849 -3.91 22.68 3.64
C GLY C 849 -5.21 22.88 4.38
N LEU C 850 -5.96 21.80 4.61
CA LEU C 850 -7.27 21.88 5.26
C LEU C 850 -7.07 22.26 6.73
N GLN C 851 -6.04 21.74 7.37
CA GLN C 851 -5.76 22.08 8.79
C GLN C 851 -5.40 23.57 8.88
N ILE C 852 -4.56 24.10 7.98
CA ILE C 852 -4.17 25.53 7.98
C ILE C 852 -5.44 26.38 7.84
N ALA C 853 -6.32 26.04 6.89
CA ALA C 853 -7.63 26.72 6.66
C ALA C 853 -8.46 26.74 7.95
N LEU C 854 -8.61 25.59 8.63
CA LEU C 854 -9.38 25.45 9.90
C LEU C 854 -8.78 26.40 10.95
N ASP C 855 -7.48 26.26 11.20
CA ASP C 855 -6.71 27.03 12.21
C ASP C 855 -6.77 28.54 11.89
N LEU C 856 -6.65 28.91 10.61
CA LEU C 856 -6.71 30.33 10.18
C LEU C 856 -8.08 30.93 10.52
N VAL C 857 -9.16 30.21 10.21
CA VAL C 857 -10.54 30.61 10.62
C VAL C 857 -10.54 30.89 12.12
N LYS C 858 -10.15 29.93 12.95
CA LYS C 858 -10.12 30.05 14.44
C LYS C 858 -9.28 31.28 14.83
N ASN C 859 -8.10 31.46 14.22
CA ASN C 859 -7.18 32.60 14.49
C ASN C 859 -7.88 33.92 14.20
N ILE C 860 -8.54 34.02 13.05
CA ILE C 860 -9.26 35.27 12.62
C ILE C 860 -10.42 35.50 13.58
N GLU C 861 -11.21 34.45 13.87
CA GLU C 861 -12.36 34.48 14.81
C GLU C 861 -11.90 35.04 16.17
N ARG C 862 -10.76 34.55 16.69
CA ARG C 862 -10.15 34.95 17.99
C ARG C 862 -9.96 36.47 18.07
N MET C 863 -9.57 37.10 16.96
CA MET C 863 -9.21 38.55 16.92
C MET C 863 -10.41 39.39 17.36
N GLY C 864 -11.63 38.89 17.17
CA GLY C 864 -12.87 39.63 17.47
C GLY C 864 -13.16 40.65 16.39
N ASN C 865 -13.93 41.68 16.74
CA ASN C 865 -14.52 42.65 15.79
C ASN C 865 -13.51 43.78 15.57
N VAL C 866 -12.45 43.54 14.78
CA VAL C 866 -11.43 44.58 14.43
C VAL C 866 -11.25 44.62 12.91
N PRO C 867 -10.64 45.69 12.35
CA PRO C 867 -10.51 45.86 10.90
C PRO C 867 -9.86 44.69 10.15
N PHE C 868 -8.83 44.07 10.72
CA PHE C 868 -8.07 42.99 10.03
C PHE C 868 -9.02 41.80 9.75
N ALA C 869 -9.73 41.36 10.79
CA ALA C 869 -10.77 40.30 10.76
C ALA C 869 -11.87 40.66 9.76
N ASN C 870 -12.40 41.88 9.85
CA ASN C 870 -13.50 42.37 8.96
C ASN C 870 -13.01 42.36 7.52
N GLU C 871 -11.80 42.85 7.26
CA GLU C 871 -11.22 42.91 5.88
C GLU C 871 -10.98 41.50 5.38
N PHE C 872 -10.53 40.60 6.27
CA PHE C 872 -10.27 39.18 5.94
C PHE C 872 -11.56 38.52 5.44
N HIS C 873 -12.66 38.65 6.16
CA HIS C 873 -13.97 38.06 5.81
C HIS C 873 -14.46 38.62 4.46
N LYS C 874 -14.39 39.95 4.30
CA LYS C 874 -14.85 40.64 3.07
C LYS C 874 -14.04 40.15 1.88
N ASN C 875 -12.74 39.91 2.08
CA ASN C 875 -11.81 39.52 1.00
C ASN C 875 -11.86 38.02 0.70
N TYR C 876 -12.00 37.17 1.72
CA TYR C 876 -11.62 35.74 1.60
C TYR C 876 -12.73 34.79 2.03
N PHE C 877 -13.82 35.24 2.66
CA PHE C 877 -14.83 34.29 3.22
C PHE C 877 -15.41 33.44 2.08
N PHE C 878 -15.85 34.10 1.01
CA PHE C 878 -16.54 33.43 -0.12
C PHE C 878 -15.53 32.63 -0.94
N ILE C 879 -14.27 33.05 -0.97
CA ILE C 879 -13.21 32.24 -1.65
C ILE C 879 -13.07 30.91 -0.93
N PHE C 880 -13.00 30.88 0.41
CA PHE C 880 -12.85 29.65 1.23
C PHE C 880 -14.09 28.76 1.07
N VAL C 881 -15.28 29.35 1.08
CA VAL C 881 -16.57 28.60 1.02
C VAL C 881 -16.64 27.90 -0.35
N SER C 882 -16.27 28.60 -1.43
CA SER C 882 -16.41 28.08 -2.81
C SER C 882 -15.28 27.10 -3.13
N GLU C 883 -14.05 27.37 -2.67
CA GLU C 883 -12.91 26.43 -2.84
C GLU C 883 -13.23 25.14 -2.10
N THR C 884 -13.90 25.21 -0.94
CA THR C 884 -14.25 24.01 -0.14
C THR C 884 -15.36 23.25 -0.87
N PHE C 885 -16.39 23.92 -1.34
CA PHE C 885 -17.46 23.30 -2.16
C PHE C 885 -16.86 22.66 -3.41
N PHE C 886 -15.92 23.31 -4.08
CA PHE C 886 -15.26 22.79 -5.31
C PHE C 886 -14.63 21.42 -5.02
N VAL C 887 -13.83 21.32 -3.95
CA VAL C 887 -13.08 20.06 -3.65
C VAL C 887 -14.04 19.02 -3.10
N LEU C 888 -15.16 19.42 -2.47
CA LEU C 888 -16.20 18.45 -1.99
C LEU C 888 -16.93 17.81 -3.18
N THR C 889 -17.13 18.51 -4.29
CA THR C 889 -18.04 18.07 -5.38
C THR C 889 -17.28 17.54 -6.63
N ASP C 890 -15.99 17.78 -6.81
CA ASP C 890 -15.36 17.54 -8.15
C ASP C 890 -14.93 16.06 -8.32
N SER C 891 -14.92 15.27 -7.25
CA SER C 891 -14.67 13.79 -7.29
C SER C 891 -13.18 13.45 -7.32
N ASP C 892 -12.28 14.45 -7.27
CA ASP C 892 -10.82 14.20 -7.39
C ASP C 892 -10.17 14.27 -6.00
N HIS C 893 -10.94 14.45 -4.91
CA HIS C 893 -10.40 14.74 -3.56
C HIS C 893 -11.22 14.04 -2.46
N LYS C 894 -11.54 12.76 -2.61
CA LYS C 894 -12.50 12.06 -1.71
C LYS C 894 -11.85 11.71 -0.36
N SER C 895 -10.52 11.54 -0.28
CA SER C 895 -9.82 11.25 1.00
C SER C 895 -9.92 12.45 1.97
N GLY C 896 -10.05 13.68 1.45
CA GLY C 896 -10.24 14.90 2.26
C GLY C 896 -11.67 15.11 2.77
N PHE C 897 -12.62 14.25 2.40
CA PHE C 897 -14.07 14.55 2.52
C PHE C 897 -14.40 15.05 3.93
N SER C 898 -14.05 14.26 4.95
CA SER C 898 -14.31 14.59 6.38
C SER C 898 -13.83 15.98 6.75
N LYS C 899 -12.55 16.28 6.47
CA LYS C 899 -11.94 17.56 6.85
C LYS C 899 -12.54 18.68 5.99
N GLN C 900 -12.88 18.39 4.73
CA GLN C 900 -13.51 19.42 3.86
C GLN C 900 -14.88 19.80 4.45
N ALA C 901 -15.64 18.79 4.91
CA ALA C 901 -16.97 18.97 5.53
C ALA C 901 -16.81 19.78 6.81
N LEU C 902 -15.84 19.40 7.66
CA LEU C 902 -15.57 20.13 8.93
C LEU C 902 -15.32 21.60 8.60
N LEU C 903 -14.47 21.86 7.59
CA LEU C 903 -14.10 23.26 7.26
C LEU C 903 -15.37 23.96 6.78
N LEU C 904 -16.16 23.32 5.93
CA LEU C 904 -17.37 23.99 5.39
C LEU C 904 -18.34 24.29 6.54
N MET C 905 -18.48 23.35 7.48
CA MET C 905 -19.38 23.53 8.65
C MET C 905 -18.95 24.75 9.45
N LYS C 906 -17.66 24.85 9.73
CA LYS C 906 -17.07 25.95 10.53
C LYS C 906 -17.34 27.28 9.83
N LEU C 907 -17.10 27.37 8.52
CA LEU C 907 -17.33 28.60 7.73
C LEU C 907 -18.81 29.00 7.78
N ILE C 908 -19.70 28.04 7.59
CA ILE C 908 -21.17 28.32 7.54
C ILE C 908 -21.59 28.81 8.92
N SER C 909 -21.12 28.14 9.98
CA SER C 909 -21.47 28.40 11.40
C SER C 909 -20.96 29.77 11.85
N LEU C 910 -19.87 30.31 11.28
CA LEU C 910 -19.41 31.69 11.61
C LEU C 910 -20.55 32.67 11.42
N VAL C 911 -21.24 32.54 10.28
CA VAL C 911 -22.30 33.50 9.88
C VAL C 911 -23.50 33.31 10.81
N TYR C 912 -23.89 32.07 11.12
CA TYR C 912 -25.00 31.76 12.06
C TYR C 912 -24.72 32.34 13.46
N ASP C 913 -23.48 32.23 13.96
CA ASP C 913 -23.06 32.74 15.30
C ASP C 913 -22.68 34.23 15.24
N ASN C 914 -22.94 34.93 14.14
CA ASN C 914 -22.74 36.40 14.02
C ASN C 914 -21.30 36.78 14.36
N LYS C 915 -20.32 35.99 13.92
CA LYS C 915 -18.88 36.25 14.17
C LYS C 915 -18.31 37.10 13.04
N ILE C 916 -19.14 37.48 12.06
CA ILE C 916 -18.72 38.37 10.94
C ILE C 916 -19.55 39.64 11.05
N SER C 917 -18.92 40.75 11.40
CA SER C 917 -19.58 42.01 11.85
C SER C 917 -20.08 42.79 10.63
N VAL C 918 -19.23 42.91 9.61
CA VAL C 918 -19.55 43.70 8.38
C VAL C 918 -20.44 42.84 7.48
N PRO C 919 -21.25 43.47 6.60
CA PRO C 919 -22.01 42.73 5.60
C PRO C 919 -21.01 42.10 4.60
N LEU C 920 -21.27 40.87 4.14
CA LEU C 920 -20.41 40.17 3.15
C LEU C 920 -20.80 40.55 1.71
N TYR C 921 -21.95 41.20 1.52
CA TYR C 921 -22.47 41.63 0.20
C TYR C 921 -22.13 43.11 0.02
N GLN C 922 -21.72 43.54 -1.16
CA GLN C 922 -21.46 44.98 -1.42
C GLN C 922 -22.80 45.70 -1.60
N GLU C 923 -22.85 47.00 -1.28
CA GLU C 923 -24.13 47.74 -1.13
C GLU C 923 -24.82 47.85 -2.49
N ALA C 924 -26.16 47.71 -2.48
CA ALA C 924 -27.07 47.73 -3.65
C ALA C 924 -27.10 46.36 -4.33
N GLU C 925 -26.48 45.34 -3.75
CA GLU C 925 -26.57 43.93 -4.27
C GLU C 925 -27.83 43.24 -3.73
N VAL C 926 -28.40 43.77 -2.65
CA VAL C 926 -29.49 43.13 -1.87
C VAL C 926 -30.07 44.23 -0.97
N PRO C 927 -31.20 44.05 -0.24
CA PRO C 927 -31.65 45.06 0.72
C PRO C 927 -30.57 45.32 1.77
N GLN C 928 -30.36 46.59 2.15
CA GLN C 928 -29.18 47.01 2.98
C GLN C 928 -29.27 46.41 4.39
N GLY C 929 -30.49 46.19 4.92
CA GLY C 929 -30.69 45.54 6.24
C GLY C 929 -30.22 44.08 6.29
N THR C 930 -30.18 43.38 5.16
CA THR C 930 -30.11 41.89 5.04
C THR C 930 -28.97 41.31 5.89
N SER C 931 -29.27 40.26 6.68
CA SER C 931 -28.29 39.55 7.52
C SER C 931 -27.37 38.72 6.62
N ASN C 932 -26.12 38.52 7.03
CA ASN C 932 -25.13 37.68 6.32
C ASN C 932 -25.69 36.26 6.16
N GLN C 933 -26.46 35.78 7.14
CA GLN C 933 -27.10 34.44 7.19
C GLN C 933 -27.98 34.24 5.94
N VAL C 934 -28.90 35.17 5.69
CA VAL C 934 -29.81 35.12 4.52
C VAL C 934 -28.97 35.17 3.24
N TYR C 935 -28.04 36.12 3.15
CA TYR C 935 -27.21 36.32 1.92
C TYR C 935 -26.35 35.08 1.64
N LEU C 936 -25.76 34.45 2.64
CA LEU C 936 -24.94 33.22 2.45
C LEU C 936 -25.74 32.23 1.60
N SER C 937 -27.00 32.03 1.94
CA SER C 937 -27.91 31.07 1.27
C SER C 937 -28.15 31.48 -0.18
N GLN C 938 -28.33 32.77 -0.40
CA GLN C 938 -28.53 33.36 -1.74
C GLN C 938 -27.26 33.17 -2.58
N TYR C 939 -26.08 33.41 -2.01
CA TYR C 939 -24.78 33.26 -2.70
C TYR C 939 -24.57 31.79 -3.06
N LEU C 940 -24.87 30.89 -2.12
CA LEU C 940 -24.66 29.44 -2.31
C LEU C 940 -25.64 28.94 -3.37
N ALA C 941 -26.90 29.38 -3.35
CA ALA C 941 -27.90 28.92 -4.33
C ALA C 941 -27.39 29.28 -5.72
N ASN C 942 -26.98 30.54 -5.88
N ASN C 942 -26.98 30.54 -5.90
CA ASN C 942 -26.47 31.10 -7.16
CA ASN C 942 -26.49 31.09 -7.20
C ASN C 942 -25.25 30.29 -7.61
C ASN C 942 -25.25 30.29 -7.61
N MET C 943 -24.30 30.08 -6.69
CA MET C 943 -23.05 29.35 -7.00
C MET C 943 -23.37 27.90 -7.42
N LEU C 944 -24.29 27.21 -6.74
CA LEU C 944 -24.60 25.79 -7.04
C LEU C 944 -25.35 25.73 -8.37
N SER C 945 -26.21 26.70 -8.61
CA SER C 945 -27.04 26.81 -9.83
C SER C 945 -26.15 26.91 -11.06
N ASN C 946 -25.08 27.72 -10.99
CA ASN C 946 -24.13 27.90 -12.10
C ASN C 946 -23.25 26.65 -12.25
N ALA C 947 -22.81 26.07 -11.15
CA ALA C 947 -21.84 24.97 -11.22
C ALA C 947 -22.57 23.68 -11.63
N PHE C 948 -23.88 23.60 -11.37
CA PHE C 948 -24.70 22.37 -11.53
C PHE C 948 -26.03 22.74 -12.16
N PRO C 949 -26.04 23.20 -13.42
CA PRO C 949 -27.25 23.78 -14.01
C PRO C 949 -28.37 22.77 -14.24
N HIS C 950 -28.07 21.48 -14.16
CA HIS C 950 -29.08 20.41 -14.35
C HIS C 950 -29.92 20.22 -13.08
N LEU C 951 -29.47 20.78 -11.95
CA LEU C 951 -30.27 20.74 -10.69
C LEU C 951 -31.41 21.73 -10.84
N THR C 952 -32.57 21.40 -10.27
CA THR C 952 -33.70 22.35 -10.14
C THR C 952 -33.40 23.30 -8.98
N SER C 953 -34.08 24.43 -8.97
CA SER C 953 -34.07 25.44 -7.88
C SER C 953 -34.53 24.83 -6.56
N GLU C 954 -35.48 23.90 -6.66
CA GLU C 954 -36.11 23.21 -5.52
C GLU C 954 -35.05 22.31 -4.88
N GLN C 955 -34.30 21.54 -5.67
CA GLN C 955 -33.22 20.65 -5.16
C GLN C 955 -32.19 21.48 -4.40
N ILE C 956 -31.75 22.62 -4.96
CA ILE C 956 -30.65 23.41 -4.36
C ILE C 956 -31.16 24.04 -3.06
N ALA C 957 -32.34 24.61 -3.09
CA ALA C 957 -32.95 25.29 -1.93
C ALA C 957 -33.17 24.25 -0.81
N SER C 958 -33.66 23.03 -1.11
CA SER C 958 -33.91 21.97 -0.11
C SER C 958 -32.58 21.51 0.49
N PHE C 959 -31.58 21.27 -0.36
CA PHE C 959 -30.22 20.92 0.03
C PHE C 959 -29.69 21.98 1.00
N LEU C 960 -29.78 23.25 0.64
CA LEU C 960 -29.18 24.36 1.43
C LEU C 960 -29.93 24.52 2.76
N SER C 961 -31.24 24.36 2.75
CA SER C 961 -32.09 24.42 3.96
C SER C 961 -31.66 23.30 4.92
N ALA C 962 -31.48 22.07 4.44
CA ALA C 962 -31.03 20.93 5.28
C ALA C 962 -29.62 21.20 5.80
N LEU C 963 -28.69 21.50 4.89
CA LEU C 963 -27.23 21.61 5.17
C LEU C 963 -26.97 22.67 6.24
N THR C 964 -27.51 23.87 6.04
CA THR C 964 -27.31 25.00 6.97
C THR C 964 -27.81 24.60 8.37
N LYS C 965 -28.96 23.92 8.50
CA LYS C 965 -29.60 23.62 9.81
C LYS C 965 -28.74 22.59 10.58
N GLN C 966 -27.86 21.89 9.87
CA GLN C 966 -27.03 20.79 10.43
C GLN C 966 -25.60 21.31 10.61
N CYS C 967 -25.44 22.62 10.72
CA CYS C 967 -24.11 23.29 10.84
C CYS C 967 -23.48 22.98 12.21
N LYS C 968 -24.22 22.45 13.18
CA LYS C 968 -23.61 21.97 14.45
C LYS C 968 -23.35 20.46 14.40
N ASP C 969 -24.09 19.68 13.61
CA ASP C 969 -24.04 18.19 13.66
C ASP C 969 -23.28 17.61 12.46
N LEU C 970 -22.02 17.24 12.66
CA LEU C 970 -21.05 16.93 11.60
C LEU C 970 -21.49 15.67 10.85
N VAL C 971 -21.90 14.63 11.55
CA VAL C 971 -22.27 13.33 10.89
C VAL C 971 -23.52 13.57 10.03
N VAL C 972 -24.49 14.34 10.48
CA VAL C 972 -25.73 14.59 9.70
C VAL C 972 -25.35 15.48 8.50
N PHE C 973 -24.49 16.49 8.73
CA PHE C 973 -23.95 17.44 7.73
C PHE C 973 -23.28 16.66 6.60
N LYS C 974 -22.44 15.71 6.97
CA LYS C 974 -21.75 14.82 6.03
C LYS C 974 -22.78 14.01 5.23
N GLY C 975 -23.85 13.54 5.88
CA GLY C 975 -24.91 12.78 5.19
C GLY C 975 -25.56 13.63 4.11
N THR C 976 -25.92 14.88 4.42
CA THR C 976 -26.51 15.85 3.49
C THR C 976 -25.55 16.09 2.31
N LEU C 977 -24.27 16.33 2.58
CA LEU C 977 -23.27 16.51 1.52
C LEU C 977 -23.24 15.27 0.62
N ARG C 978 -23.20 14.06 1.19
CA ARG C 978 -23.14 12.79 0.42
C ARG C 978 -24.39 12.64 -0.45
N ASP C 979 -25.56 13.00 0.08
CA ASP C 979 -26.83 12.98 -0.71
C ASP C 979 -26.70 13.93 -1.90
N PHE C 980 -26.09 15.09 -1.69
CA PHE C 980 -25.88 16.10 -2.76
C PHE C 980 -24.90 15.55 -3.83
N LEU C 981 -23.86 14.84 -3.41
CA LEU C 981 -22.87 14.22 -4.32
C LEU C 981 -23.55 13.13 -5.15
N VAL C 982 -24.55 12.44 -4.60
CA VAL C 982 -25.36 11.47 -5.39
C VAL C 982 -26.21 12.27 -6.38
N GLN C 983 -26.92 13.29 -5.92
CA GLN C 983 -27.94 13.93 -6.79
C GLN C 983 -27.28 14.65 -7.97
N ILE C 984 -26.05 15.18 -7.81
CA ILE C 984 -25.38 15.96 -8.89
C ILE C 984 -24.97 15.03 -10.04
N LYS C 985 -24.96 13.70 -9.82
CA LYS C 985 -24.51 12.70 -10.83
C LYS C 985 -25.69 12.28 -11.71
N GLU C 986 -26.88 12.79 -11.41
CA GLU C 986 -28.11 12.36 -12.12
C GLU C 986 -29.00 13.59 -12.34
N VAL C 987 -30.03 13.40 -13.14
CA VAL C 987 -31.09 14.42 -13.38
C VAL C 987 -32.35 14.00 -12.63
N GLY C 988 -33.07 14.96 -12.05
CA GLY C 988 -34.39 14.75 -11.44
C GLY C 988 -34.33 14.11 -10.07
N GLY C 989 -33.23 14.28 -9.32
CA GLY C 989 -33.16 13.89 -7.90
C GLY C 989 -34.27 14.53 -7.07
N ASP C 990 -34.89 13.77 -6.18
CA ASP C 990 -36.05 14.24 -5.37
C ASP C 990 -35.57 15.24 -4.32
N PRO C 991 -36.11 16.47 -4.28
CA PRO C 991 -35.71 17.43 -3.25
C PRO C 991 -36.12 17.02 -1.82
N THR C 992 -37.16 16.21 -1.62
CA THR C 992 -37.58 15.74 -0.27
C THR C 992 -36.52 14.80 0.34
N ASP C 993 -35.55 14.32 -0.44
CA ASP C 993 -34.43 13.50 0.07
C ASP C 993 -33.67 14.27 1.15
N TYR C 994 -33.61 15.58 1.08
CA TYR C 994 -32.85 16.38 2.07
C TYR C 994 -33.61 16.51 3.40
N LEU C 995 -34.85 15.98 3.49
CA LEU C 995 -35.64 15.95 4.73
C LEU C 995 -35.32 14.67 5.52
N PHE C 996 -34.43 13.81 5.05
CA PHE C 996 -34.17 12.49 5.69
C PHE C 996 -33.76 12.67 7.16
N ALA C 997 -34.28 11.82 8.04
CA ALA C 997 -34.09 11.86 9.51
C ALA C 997 -34.46 10.49 10.09
MG MG D . -2.70 3.36 -15.65
C1 GOL E . 12.01 -1.99 0.94
O1 GOL E . 11.93 -0.64 0.47
C2 GOL E . 10.64 -2.63 1.05
O2 GOL E . 9.98 -2.65 -0.20
C3 GOL E . 10.70 -4.05 1.63
O3 GOL E . 9.51 -4.39 2.33
N NO3 F . -13.08 -11.49 7.78
O1 NO3 F . -12.30 -12.35 8.08
O2 NO3 F . -13.80 -11.53 6.60
O3 NO3 F . -13.24 -10.39 8.61
N NO3 G . 7.17 -9.92 -23.33
O1 NO3 G . 6.99 -10.67 -22.39
O2 NO3 G . 7.73 -8.64 -23.09
O3 NO3 G . 6.82 -10.36 -24.62
PG GTP H . -4.64 4.90 -13.72
O1G GTP H . -5.13 6.30 -13.62
O2G GTP H . -4.04 4.58 -15.05
O3G GTP H . -5.68 3.90 -13.29
O3B GTP H . -3.45 4.74 -12.66
PB GTP H . -2.36 3.60 -12.48
O1B GTP H . -2.83 2.72 -11.40
O2B GTP H . -2.03 3.05 -13.82
O3A GTP H . -1.11 4.46 -11.95
PA GTP H . 0.37 4.56 -12.54
O1A GTP H . 1.08 3.27 -12.39
O2A GTP H . 0.30 5.18 -13.89
O5' GTP H . 0.99 5.64 -11.55
C5' GTP H . 1.23 5.33 -10.19
C4' GTP H . 2.05 6.43 -9.58
O4' GTP H . 2.60 5.89 -8.37
C3' GTP H . 3.27 6.88 -10.39
O3' GTP H . 3.80 8.13 -9.97
C2' GTP H . 4.26 5.77 -10.05
O2' GTP H . 5.62 6.08 -10.28
C1' GTP H . 3.97 5.60 -8.57
N9 GTP H . 4.21 4.26 -8.06
C8 GTP H . 3.85 3.08 -8.67
N7 GTP H . 4.23 2.02 -8.00
C5 GTP H . 4.86 2.53 -6.87
C6 GTP H . 5.46 1.87 -5.78
O6 GTP H . 5.55 0.65 -5.60
N1 GTP H . 6.00 2.76 -4.87
C2 GTP H . 5.95 4.12 -4.99
N2 GTP H . 6.52 4.82 -3.98
N3 GTP H . 5.38 4.77 -6.01
C4 GTP H . 4.86 3.92 -6.91
N NO3 I . -7.17 -16.64 1.50
O1 NO3 I . -6.72 -17.42 2.33
O2 NO3 I . -6.35 -16.08 0.50
O3 NO3 I . -8.54 -16.35 1.52
N NO3 J . -2.49 -9.22 5.08
O1 NO3 J . -1.62 -8.31 5.10
O2 NO3 J . -3.69 -9.08 4.42
O3 NO3 J . -2.37 -10.50 5.68
CL CL K . 18.00 -2.72 35.55
CL CL L . -17.83 -18.09 22.59
CL CL M . -35.12 -2.96 5.98
S DMS N . -32.42 12.62 -22.66
O DMS N . -33.16 12.17 -23.89
C1 DMS N . -33.00 11.54 -21.36
C2 DMS N . -30.77 11.98 -22.81
N NO3 O . -18.08 24.79 -6.93
O1 NO3 O . -17.96 25.86 -6.34
O2 NO3 O . -18.91 23.76 -6.44
O3 NO3 O . -17.37 24.56 -8.12
C1 GOL P . 1.71 -19.92 6.98
O1 GOL P . 1.58 -20.97 6.04
C2 GOL P . 3.00 -19.15 6.84
O2 GOL P . 2.74 -17.88 6.22
C3 GOL P . 3.71 -18.88 8.15
O3 GOL P . 5.10 -18.63 7.94
C1 GOL Q . -11.51 -15.54 13.80
O1 GOL Q . -12.57 -15.35 14.72
C2 GOL Q . -12.02 -15.43 12.39
O2 GOL Q . -10.91 -15.53 11.50
C3 GOL Q . -12.83 -14.15 12.14
O3 GOL Q . -13.36 -14.09 10.82
N NO3 R . 20.79 -24.52 4.27
O1 NO3 R . 19.60 -24.50 4.55
O2 NO3 R . 21.75 -24.80 5.25
O3 NO3 R . 21.24 -24.25 2.96
N NO3 S . 33.71 9.53 13.53
O1 NO3 S . 33.42 10.22 12.57
O2 NO3 S . 32.80 8.55 13.98
O3 NO3 S . 34.95 9.77 14.18
N NO3 T . -25.65 14.43 -15.61
O1 NO3 T . -25.35 13.70 -16.56
O2 NO3 T . -26.69 14.03 -14.80
O3 NO3 T . -24.99 15.62 -15.30
S DMS U . -0.79 28.90 -6.74
O DMS U . -2.18 28.63 -6.28
C1 DMS U . -0.97 29.90 -8.20
C2 DMS U . -0.16 30.16 -5.65
N NO3 V . -17.59 10.64 0.36
O1 NO3 V . -17.30 10.04 1.40
O2 NO3 V . -18.93 10.93 0.14
O3 NO3 V . -16.60 11.04 -0.60
S DMS W . 28.71 -16.04 24.19
O DMS W . 28.17 -17.25 24.90
C1 DMS W . 27.31 -15.24 23.44
C2 DMS W . 29.10 -14.83 25.44
O2 F2X X . -29.77 26.74 11.89
C4 F2X X . -28.66 26.88 11.45
C3 F2X X . -27.50 26.08 11.98
C11 F2X X . -27.70 25.74 13.45
C7 F2X X . -26.14 26.76 11.80
C5 F2X X . -26.10 27.57 10.52
O3 F2X X . -25.02 27.80 9.99
C1 F2X X . -28.51 27.80 10.31
C2 F2X X . -27.28 28.13 9.88
C8 F2X X . -29.63 28.30 9.70
C10 F2X X . -29.45 29.17 8.64
C9 F2X X . -28.16 29.50 8.18
C6 F2X X . -27.08 28.97 8.83
O1 F2X X . -25.81 29.23 8.45
O2 F2X Y . -41.76 -23.16 -9.41
C4 F2X Y . -40.57 -23.38 -9.24
C3 F2X Y . -39.54 -22.32 -9.06
C11 F2X Y . -40.19 -21.01 -8.75
C7 F2X Y . -38.67 -22.24 -10.32
C5 F2X Y . -38.48 -23.67 -10.87
O3 F2X Y . -37.94 -23.81 -11.94
C1 F2X Y . -39.99 -24.73 -9.30
C2 F2X Y . -38.92 -24.89 -10.13
C8 F2X Y . -40.47 -25.76 -8.55
C10 F2X Y . -39.88 -27.01 -8.67
C9 F2X Y . -38.81 -27.19 -9.51
C6 F2X Y . -38.33 -26.14 -10.24
O1 F2X Y . -37.29 -26.39 -11.06
O2 F2X Z . 32.80 -21.39 20.26
C4 F2X Z . 31.77 -20.89 19.82
C3 F2X Z . 31.01 -21.56 18.70
C11 F2X Z . 31.88 -22.61 18.05
C7 F2X Z . 30.53 -20.58 17.61
C5 F2X Z . 29.95 -19.36 18.24
O3 F2X Z . 29.11 -18.72 17.64
C1 F2X Z . 31.22 -19.63 20.37
C2 F2X Z . 30.34 -18.91 19.59
C8 F2X Z . 31.54 -19.18 21.65
C10 F2X Z . 30.96 -18.01 22.13
C9 F2X Z . 30.08 -17.28 21.31
C6 F2X Z . 29.77 -17.76 20.05
O1 F2X Z . 28.92 -17.12 19.22
#